data_2D7P
#
_entry.id   2D7P
#
_entity_poly.entity_id   1
_entity_poly.type   'polypeptide(L)'
_entity_poly.pdbx_seq_one_letter_code
;GSSGSSGSDDARRLTVTSLQETGLKVNQPASFAVQLNGARGVIDARVHTPSGAVEECYVSELDSDKHTIRFIPHENGVHS
IDVKFNGAHIPGSPFKIRVGEQSQAGSGPSSG
;
_entity_poly.pdbx_strand_id   A
#
# COMPACT_ATOMS: atom_id res chain seq x y z
N GLY A 1 -10.29 32.62 11.07
CA GLY A 1 -9.46 32.18 9.97
C GLY A 1 -10.12 32.36 8.62
N SER A 2 -10.45 33.60 8.30
CA SER A 2 -11.10 33.91 7.02
C SER A 2 -10.10 33.82 5.87
N SER A 3 -8.98 34.52 6.00
CA SER A 3 -7.96 34.53 4.97
C SER A 3 -7.15 33.23 5.00
N GLY A 4 -6.60 32.87 3.84
CA GLY A 4 -5.81 31.66 3.75
C GLY A 4 -6.61 30.48 3.22
N SER A 5 -5.96 29.34 3.04
CA SER A 5 -6.62 28.15 2.54
C SER A 5 -7.08 27.25 3.68
N SER A 6 -7.79 26.19 3.34
CA SER A 6 -8.30 25.25 4.33
C SER A 6 -7.22 24.25 4.73
N GLY A 7 -6.87 24.25 6.01
CA GLY A 7 -5.86 23.33 6.50
C GLY A 7 -6.44 22.19 7.31
N SER A 8 -6.47 21.00 6.72
CA SER A 8 -7.02 19.83 7.39
C SER A 8 -5.94 18.75 7.56
N ASP A 9 -5.42 18.28 6.43
CA ASP A 9 -4.39 17.24 6.44
C ASP A 9 -3.79 17.05 5.06
N ASP A 10 -2.46 17.00 5.00
CA ASP A 10 -1.76 16.83 3.73
C ASP A 10 -1.79 15.38 3.28
N ALA A 11 -2.10 14.48 4.22
CA ALA A 11 -2.15 13.06 3.92
C ALA A 11 -3.21 12.76 2.87
N ARG A 12 -4.25 13.57 2.83
CA ARG A 12 -5.34 13.39 1.87
C ARG A 12 -4.82 13.53 0.44
N ARG A 13 -3.64 14.13 0.29
CA ARG A 13 -3.04 14.32 -1.02
C ARG A 13 -2.32 13.05 -1.47
N LEU A 14 -1.96 12.21 -0.50
CA LEU A 14 -1.25 10.97 -0.80
C LEU A 14 -2.15 10.02 -1.59
N THR A 15 -1.59 9.41 -2.64
CA THR A 15 -2.34 8.48 -3.47
C THR A 15 -1.47 7.30 -3.89
N VAL A 16 -2.11 6.25 -4.39
CA VAL A 16 -1.40 5.06 -4.82
C VAL A 16 -2.02 4.48 -6.09
N THR A 17 -1.19 4.28 -7.11
CA THR A 17 -1.66 3.73 -8.38
C THR A 17 -0.94 2.43 -8.71
N SER A 18 0.38 2.51 -8.81
CA SER A 18 1.19 1.34 -9.13
C SER A 18 0.64 0.09 -8.46
N LEU A 19 0.25 0.22 -7.20
CA LEU A 19 -0.30 -0.90 -6.45
C LEU A 19 -1.39 -1.61 -7.24
N GLN A 20 -1.38 -2.94 -7.20
CA GLN A 20 -2.36 -3.74 -7.93
C GLN A 20 -3.39 -4.32 -6.97
N GLU A 21 -4.58 -3.74 -6.97
CA GLU A 21 -5.66 -4.21 -6.10
C GLU A 21 -5.82 -5.73 -6.20
N THR A 22 -6.03 -6.21 -7.42
CA THR A 22 -6.20 -7.64 -7.66
C THR A 22 -5.18 -8.16 -8.66
N GLY A 23 -4.45 -9.21 -8.27
CA GLY A 23 -3.45 -9.79 -9.15
C GLY A 23 -2.23 -10.27 -8.39
N LEU A 24 -2.01 -9.71 -7.21
CA LEU A 24 -0.87 -10.09 -6.38
C LEU A 24 -1.03 -11.51 -5.86
N LYS A 25 0.04 -12.30 -6.00
CA LYS A 25 0.03 -13.69 -5.54
C LYS A 25 0.83 -13.85 -4.26
N VAL A 26 0.94 -15.08 -3.79
CA VAL A 26 1.69 -15.37 -2.57
C VAL A 26 3.18 -15.54 -2.86
N ASN A 27 4.01 -15.30 -1.85
CA ASN A 27 5.45 -15.42 -2.00
C ASN A 27 5.95 -14.59 -3.18
N GLN A 28 5.20 -13.56 -3.53
CA GLN A 28 5.57 -12.69 -4.64
C GLN A 28 5.91 -11.29 -4.15
N PRO A 29 7.00 -10.72 -4.68
CA PRO A 29 7.46 -9.38 -4.31
C PRO A 29 6.53 -8.29 -4.82
N ALA A 30 5.76 -7.69 -3.90
CA ALA A 30 4.84 -6.63 -4.26
C ALA A 30 5.36 -5.27 -3.81
N SER A 31 5.60 -4.39 -4.78
CA SER A 31 6.12 -3.06 -4.48
C SER A 31 5.41 -2.00 -5.34
N PHE A 32 5.19 -0.82 -4.76
CA PHE A 32 4.53 0.26 -5.46
C PHE A 32 5.05 1.61 -5.00
N ALA A 33 4.60 2.68 -5.66
CA ALA A 33 5.04 4.03 -5.31
C ALA A 33 3.88 4.82 -4.72
N VAL A 34 4.19 5.61 -3.68
CA VAL A 34 3.19 6.42 -3.01
C VAL A 34 3.38 7.90 -3.31
N GLN A 35 2.54 8.44 -4.20
CA GLN A 35 2.62 9.84 -4.58
C GLN A 35 2.13 10.74 -3.45
N LEU A 36 2.79 11.88 -3.27
CA LEU A 36 2.43 12.82 -2.22
C LEU A 36 1.55 13.94 -2.79
N ASN A 37 1.82 14.31 -4.04
CA ASN A 37 1.06 15.37 -4.69
C ASN A 37 1.21 16.69 -3.96
N GLY A 38 2.43 16.95 -3.48
CA GLY A 38 2.69 18.19 -2.76
C GLY A 38 3.06 17.94 -1.31
N ALA A 39 2.48 16.90 -0.72
CA ALA A 39 2.74 16.56 0.66
C ALA A 39 4.23 16.30 0.89
N ARG A 40 4.67 16.47 2.14
CA ARG A 40 6.07 16.26 2.50
C ARG A 40 6.20 15.74 3.92
N GLY A 41 6.60 14.48 4.04
CA GLY A 41 6.76 13.88 5.36
C GLY A 41 7.34 12.48 5.30
N VAL A 42 6.93 11.63 6.23
CA VAL A 42 7.42 10.26 6.27
C VAL A 42 6.28 9.27 6.05
N ILE A 43 6.53 8.26 5.23
CA ILE A 43 5.53 7.24 4.94
C ILE A 43 5.87 5.91 5.61
N ASP A 44 5.00 5.48 6.52
CA ASP A 44 5.21 4.22 7.23
C ASP A 44 4.29 3.12 6.69
N ALA A 45 4.90 2.02 6.26
CA ALA A 45 4.14 0.91 5.71
C ALA A 45 4.23 -0.31 6.63
N ARG A 46 3.07 -0.94 6.89
CA ARG A 46 3.02 -2.11 7.75
C ARG A 46 1.85 -3.01 7.37
N VAL A 47 2.15 -4.26 7.04
CA VAL A 47 1.12 -5.22 6.65
C VAL A 47 0.68 -6.06 7.85
N HIS A 48 -0.59 -6.45 7.85
CA HIS A 48 -1.14 -7.25 8.93
C HIS A 48 -1.56 -8.63 8.43
N THR A 49 -0.94 -9.68 8.98
CA THR A 49 -1.24 -11.04 8.58
C THR A 49 -2.59 -11.49 9.14
N PRO A 50 -3.27 -12.38 8.39
CA PRO A 50 -4.58 -12.90 8.79
C PRO A 50 -4.48 -13.82 10.00
N SER A 51 -3.26 -14.12 10.42
CA SER A 51 -3.04 -14.99 11.57
C SER A 51 -3.09 -14.21 12.88
N GLY A 52 -2.26 -13.17 12.97
CA GLY A 52 -2.23 -12.36 14.17
C GLY A 52 -0.84 -11.84 14.48
N ALA A 53 -0.07 -11.55 13.44
CA ALA A 53 1.29 -11.05 13.60
C ALA A 53 1.50 -9.77 12.80
N VAL A 54 2.02 -8.74 13.46
CA VAL A 54 2.27 -7.46 12.80
C VAL A 54 3.58 -7.50 12.02
N GLU A 55 3.46 -7.58 10.69
CA GLU A 55 4.64 -7.63 9.83
C GLU A 55 5.11 -6.21 9.49
N GLU A 56 6.32 -6.12 8.95
CA GLU A 56 6.90 -4.83 8.58
C GLU A 56 7.17 -4.77 7.08
N CYS A 57 7.29 -3.56 6.55
CA CYS A 57 7.56 -3.36 5.13
C CYS A 57 8.91 -2.67 4.92
N TYR A 58 9.25 -2.42 3.67
CA TYR A 58 10.50 -1.78 3.33
C TYR A 58 10.27 -0.47 2.59
N VAL A 59 10.62 0.64 3.25
CA VAL A 59 10.45 1.96 2.66
C VAL A 59 11.71 2.80 2.82
N SER A 60 12.50 2.87 1.76
CA SER A 60 13.75 3.64 1.77
C SER A 60 13.47 5.11 2.03
N GLU A 61 14.53 5.89 2.23
CA GLU A 61 14.40 7.31 2.49
C GLU A 61 13.70 8.01 1.34
N LEU A 62 13.23 9.24 1.59
CA LEU A 62 12.52 10.01 0.58
C LEU A 62 13.42 10.26 -0.64
N ASP A 63 12.90 9.94 -1.82
CA ASP A 63 13.66 10.12 -3.06
C ASP A 63 12.76 10.67 -4.16
N SER A 64 13.23 11.71 -4.84
CA SER A 64 12.46 12.32 -5.92
C SER A 64 11.05 12.66 -5.46
N ASP A 65 10.94 13.17 -4.23
CA ASP A 65 9.64 13.53 -3.66
C ASP A 65 8.66 12.38 -3.76
N LYS A 66 9.13 11.18 -3.44
CA LYS A 66 8.29 9.99 -3.49
C LYS A 66 8.86 8.88 -2.61
N HIS A 67 8.05 7.87 -2.33
CA HIS A 67 8.47 6.75 -1.50
C HIS A 67 8.10 5.42 -2.15
N THR A 68 8.95 4.41 -1.96
CA THR A 68 8.71 3.09 -2.53
C THR A 68 8.55 2.04 -1.44
N ILE A 69 7.50 1.22 -1.57
CA ILE A 69 7.24 0.19 -0.59
C ILE A 69 7.50 -1.20 -1.17
N ARG A 70 8.01 -2.10 -0.35
CA ARG A 70 8.31 -3.46 -0.78
C ARG A 70 8.00 -4.47 0.32
N PHE A 71 7.13 -5.42 0.02
CA PHE A 71 6.74 -6.44 0.98
C PHE A 71 6.15 -7.66 0.27
N ILE A 72 6.39 -8.84 0.83
CA ILE A 72 5.89 -10.08 0.26
C ILE A 72 4.88 -10.74 1.20
N PRO A 73 3.72 -11.13 0.64
CA PRO A 73 2.65 -11.79 1.40
C PRO A 73 3.03 -13.20 1.83
N HIS A 74 3.40 -13.34 3.09
CA HIS A 74 3.79 -14.64 3.63
C HIS A 74 2.63 -15.64 3.52
N GLU A 75 1.41 -15.13 3.52
CA GLU A 75 0.22 -15.97 3.42
C GLU A 75 -0.78 -15.38 2.44
N ASN A 76 -1.88 -16.10 2.21
CA ASN A 76 -2.92 -15.65 1.30
C ASN A 76 -3.96 -14.82 2.02
N GLY A 77 -4.95 -14.32 1.28
CA GLY A 77 -6.00 -13.53 1.89
C GLY A 77 -5.79 -12.04 1.67
N VAL A 78 -6.71 -11.23 2.19
CA VAL A 78 -6.62 -9.79 2.05
C VAL A 78 -5.88 -9.16 3.23
N HIS A 79 -4.65 -8.70 2.98
CA HIS A 79 -3.84 -8.08 4.01
C HIS A 79 -4.24 -6.63 4.22
N SER A 80 -3.82 -6.05 5.35
CA SER A 80 -4.13 -4.67 5.66
C SER A 80 -2.87 -3.81 5.65
N ILE A 81 -2.78 -2.92 4.67
CA ILE A 81 -1.63 -2.03 4.54
C ILE A 81 -1.82 -0.77 5.36
N ASP A 82 -1.02 -0.62 6.42
CA ASP A 82 -1.11 0.55 7.28
C ASP A 82 -0.23 1.68 6.74
N VAL A 83 -0.86 2.65 6.07
CA VAL A 83 -0.13 3.79 5.52
C VAL A 83 -0.45 5.07 6.27
N LYS A 84 0.55 5.60 6.97
CA LYS A 84 0.37 6.83 7.73
C LYS A 84 1.30 7.93 7.23
N PHE A 85 0.94 9.17 7.48
CA PHE A 85 1.74 10.31 7.06
C PHE A 85 1.83 11.37 8.15
N ASN A 86 3.05 11.61 8.63
CA ASN A 86 3.28 12.59 9.68
C ASN A 86 2.15 12.56 10.71
N GLY A 87 1.84 11.36 11.19
CA GLY A 87 0.77 11.22 12.18
C GLY A 87 -0.59 11.56 11.61
N ALA A 88 -0.93 10.94 10.49
CA ALA A 88 -2.22 11.17 9.84
C ALA A 88 -2.56 10.05 8.88
N HIS A 89 -3.62 9.31 9.19
CA HIS A 89 -4.06 8.20 8.35
C HIS A 89 -4.62 8.71 7.02
N ILE A 90 -4.08 8.20 5.92
CA ILE A 90 -4.53 8.62 4.59
C ILE A 90 -5.93 8.09 4.29
N PRO A 91 -6.67 8.82 3.46
CA PRO A 91 -8.04 8.45 3.07
C PRO A 91 -8.07 7.22 2.18
N GLY A 92 -8.46 6.09 2.75
CA GLY A 92 -8.52 4.85 1.99
C GLY A 92 -7.80 3.71 2.68
N SER A 93 -6.89 4.04 3.58
CA SER A 93 -6.13 3.03 4.31
C SER A 93 -6.90 2.54 5.53
N PRO A 94 -6.62 1.31 5.95
CA PRO A 94 -5.64 0.45 5.28
C PRO A 94 -6.11 -0.01 3.90
N PHE A 95 -5.19 -0.08 2.96
CA PHE A 95 -5.51 -0.50 1.60
C PHE A 95 -5.66 -2.02 1.53
N LYS A 96 -6.88 -2.48 1.25
CA LYS A 96 -7.16 -3.90 1.16
C LYS A 96 -6.65 -4.47 -0.16
N ILE A 97 -5.69 -5.38 -0.09
CA ILE A 97 -5.12 -6.00 -1.28
C ILE A 97 -5.39 -7.50 -1.30
N ARG A 98 -6.02 -7.97 -2.38
CA ARG A 98 -6.34 -9.38 -2.52
C ARG A 98 -5.12 -10.17 -2.97
N VAL A 99 -4.64 -11.08 -2.13
CA VAL A 99 -3.49 -11.89 -2.44
C VAL A 99 -3.89 -13.32 -2.77
N GLY A 100 -3.78 -13.67 -4.05
CA GLY A 100 -4.15 -15.02 -4.49
C GLY A 100 -5.36 -15.02 -5.39
N GLU A 101 -5.12 -14.98 -6.70
CA GLU A 101 -6.20 -14.98 -7.67
C GLU A 101 -6.61 -16.41 -8.04
N GLN A 102 -7.89 -16.62 -8.27
CA GLN A 102 -8.41 -17.93 -8.63
C GLN A 102 -8.53 -18.08 -10.14
N SER A 103 -7.75 -19.01 -10.70
CA SER A 103 -7.77 -19.24 -12.15
C SER A 103 -9.19 -19.47 -12.64
N GLN A 104 -9.74 -18.47 -13.33
CA GLN A 104 -11.09 -18.56 -13.87
C GLN A 104 -11.07 -18.70 -15.38
N ALA A 105 -12.03 -19.45 -15.92
CA ALA A 105 -12.12 -19.67 -17.36
C ALA A 105 -13.03 -18.64 -18.01
N GLY A 106 -12.51 -17.92 -19.00
CA GLY A 106 -13.29 -16.91 -19.69
C GLY A 106 -12.59 -16.37 -20.92
N SER A 107 -13.35 -16.14 -21.98
CA SER A 107 -12.80 -15.62 -23.22
C SER A 107 -11.79 -14.50 -22.94
N GLY A 108 -10.76 -14.43 -23.78
CA GLY A 108 -9.73 -13.41 -23.61
C GLY A 108 -9.89 -12.26 -24.58
N PRO A 109 -8.84 -11.45 -24.72
CA PRO A 109 -8.84 -10.29 -25.62
C PRO A 109 -8.83 -10.70 -27.09
N SER A 110 -8.25 -11.86 -27.38
CA SER A 110 -8.18 -12.36 -28.74
C SER A 110 -9.50 -12.15 -29.47
N SER A 111 -9.49 -11.25 -30.44
CA SER A 111 -10.69 -10.94 -31.22
C SER A 111 -11.15 -12.17 -32.01
N GLY A 112 -12.46 -12.43 -31.96
CA GLY A 112 -13.00 -13.58 -32.67
C GLY A 112 -13.84 -13.16 -33.87
N GLY A 1 -0.52 32.27 8.28
CA GLY A 1 0.12 32.23 9.58
C GLY A 1 0.71 30.88 9.92
N SER A 2 0.64 30.50 11.18
CA SER A 2 1.19 29.22 11.63
C SER A 2 0.07 28.32 12.17
N SER A 3 -1.06 28.31 11.47
CA SER A 3 -2.19 27.50 11.88
C SER A 3 -1.76 26.07 12.21
N GLY A 4 -0.98 25.48 11.31
CA GLY A 4 -0.51 24.13 11.53
C GLY A 4 0.65 23.76 10.62
N SER A 5 1.88 23.87 11.14
CA SER A 5 3.07 23.56 10.37
C SER A 5 3.09 22.08 9.97
N SER A 6 2.65 21.23 10.88
CA SER A 6 2.62 19.79 10.62
C SER A 6 1.29 19.38 9.98
N GLY A 7 0.91 20.09 8.93
CA GLY A 7 -0.33 19.79 8.24
C GLY A 7 -0.55 18.30 8.05
N SER A 8 -1.58 17.77 8.70
CA SER A 8 -1.88 16.35 8.61
C SER A 8 -2.95 16.09 7.55
N ASP A 9 -3.68 17.13 7.19
CA ASP A 9 -4.72 17.02 6.18
C ASP A 9 -4.12 16.83 4.79
N ASP A 10 -2.87 17.25 4.62
CA ASP A 10 -2.19 17.13 3.35
C ASP A 10 -2.14 15.67 2.89
N ALA A 11 -2.18 14.75 3.86
CA ALA A 11 -2.14 13.33 3.55
C ALA A 11 -3.21 12.96 2.54
N ARG A 12 -4.27 13.76 2.47
CA ARG A 12 -5.36 13.52 1.54
C ARG A 12 -4.84 13.47 0.10
N ARG A 13 -3.66 14.02 -0.11
CA ARG A 13 -3.06 14.05 -1.44
C ARG A 13 -2.35 12.74 -1.74
N LEU A 14 -1.78 12.12 -0.72
CA LEU A 14 -1.07 10.86 -0.87
C LEU A 14 -1.93 9.84 -1.59
N THR A 15 -1.46 9.37 -2.75
CA THR A 15 -2.19 8.39 -3.54
C THR A 15 -1.28 7.24 -3.96
N VAL A 16 -1.88 6.18 -4.48
CA VAL A 16 -1.13 5.01 -4.92
C VAL A 16 -1.75 4.40 -6.18
N THR A 17 -0.91 4.12 -7.16
CA THR A 17 -1.37 3.54 -8.42
C THR A 17 -0.70 2.19 -8.67
N SER A 18 0.61 2.21 -8.84
CA SER A 18 1.37 0.98 -9.09
C SER A 18 0.76 -0.20 -8.33
N LEU A 19 0.46 0.02 -7.06
CA LEU A 19 -0.13 -1.02 -6.22
C LEU A 19 -1.14 -1.85 -7.02
N GLN A 20 -1.35 -3.09 -6.59
CA GLN A 20 -2.29 -3.98 -7.26
C GLN A 20 -3.43 -4.36 -6.33
N GLU A 21 -4.45 -3.51 -6.27
CA GLU A 21 -5.60 -3.75 -5.41
C GLU A 21 -6.04 -5.22 -5.49
N THR A 22 -5.83 -5.83 -6.66
CA THR A 22 -6.19 -7.23 -6.86
C THR A 22 -5.39 -7.84 -8.01
N GLY A 23 -4.78 -8.98 -7.74
CA GLY A 23 -3.99 -9.65 -8.76
C GLY A 23 -2.54 -9.83 -8.35
N LEU A 24 -2.32 -10.22 -7.10
CA LEU A 24 -0.97 -10.42 -6.59
C LEU A 24 -0.80 -11.85 -6.07
N LYS A 25 0.06 -12.61 -6.74
CA LYS A 25 0.32 -13.99 -6.35
C LYS A 25 0.95 -14.05 -4.95
N VAL A 26 0.67 -15.12 -4.22
CA VAL A 26 1.21 -15.30 -2.88
C VAL A 26 2.73 -15.49 -2.92
N ASN A 27 3.41 -14.97 -1.91
CA ASN A 27 4.86 -15.09 -1.83
C ASN A 27 5.54 -14.33 -2.98
N GLN A 28 4.84 -13.33 -3.50
CA GLN A 28 5.37 -12.54 -4.61
C GLN A 28 5.82 -11.17 -4.12
N PRO A 29 6.95 -10.69 -4.66
CA PRO A 29 7.52 -9.38 -4.30
C PRO A 29 6.66 -8.23 -4.80
N ALA A 30 5.75 -7.75 -3.96
CA ALA A 30 4.88 -6.65 -4.33
C ALA A 30 5.49 -5.31 -3.94
N SER A 31 5.64 -4.41 -4.90
CA SER A 31 6.21 -3.10 -4.66
C SER A 31 5.55 -2.04 -5.53
N PHE A 32 5.31 -0.87 -4.94
CA PHE A 32 4.66 0.22 -5.66
C PHE A 32 5.18 1.57 -5.16
N ALA A 33 4.72 2.65 -5.79
CA ALA A 33 5.13 3.99 -5.42
C ALA A 33 3.95 4.79 -4.88
N VAL A 34 4.24 5.74 -3.98
CA VAL A 34 3.20 6.58 -3.39
C VAL A 34 3.49 8.05 -3.64
N GLN A 35 2.78 8.63 -4.62
CA GLN A 35 2.97 10.03 -4.95
C GLN A 35 2.35 10.94 -3.88
N LEU A 36 3.14 11.87 -3.37
CA LEU A 36 2.68 12.79 -2.34
C LEU A 36 1.57 13.69 -2.88
N ASN A 37 1.66 14.05 -4.15
CA ASN A 37 0.65 14.91 -4.78
C ASN A 37 0.63 16.28 -4.13
N GLY A 38 1.77 16.70 -3.60
CA GLY A 38 1.86 18.00 -2.95
C GLY A 38 1.87 17.90 -1.45
N ALA A 39 2.49 16.84 -0.94
CA ALA A 39 2.58 16.63 0.51
C ALA A 39 4.03 16.53 0.96
N ARG A 40 4.24 16.55 2.28
CA ARG A 40 5.58 16.47 2.84
C ARG A 40 5.56 15.77 4.19
N GLY A 41 6.29 14.67 4.31
CA GLY A 41 6.35 13.94 5.55
C GLY A 41 6.97 12.56 5.39
N VAL A 42 6.68 11.66 6.34
CA VAL A 42 7.21 10.31 6.29
C VAL A 42 6.11 9.29 6.09
N ILE A 43 6.33 8.34 5.18
CA ILE A 43 5.35 7.30 4.89
C ILE A 43 5.68 6.02 5.65
N ASP A 44 4.72 5.53 6.42
CA ASP A 44 4.89 4.30 7.20
C ASP A 44 4.04 3.18 6.63
N ALA A 45 4.71 2.13 6.14
CA ALA A 45 4.01 0.98 5.57
C ALA A 45 4.16 -0.24 6.46
N ARG A 46 3.04 -0.89 6.76
CA ARG A 46 3.04 -2.08 7.60
C ARG A 46 1.85 -2.97 7.29
N VAL A 47 2.13 -4.22 6.93
CA VAL A 47 1.08 -5.17 6.60
C VAL A 47 0.71 -6.02 7.82
N HIS A 48 -0.58 -6.35 7.93
CA HIS A 48 -1.05 -7.16 9.04
C HIS A 48 -1.50 -8.53 8.56
N THR A 49 -0.77 -9.57 8.97
CA THR A 49 -1.09 -10.94 8.57
C THR A 49 -2.43 -11.37 9.16
N PRO A 50 -3.15 -12.22 8.41
CA PRO A 50 -4.46 -12.73 8.83
C PRO A 50 -4.35 -13.70 10.00
N SER A 51 -3.11 -14.02 10.38
CA SER A 51 -2.88 -14.95 11.48
C SER A 51 -2.85 -14.20 12.82
N GLY A 52 -2.29 -13.00 12.81
CA GLY A 52 -2.21 -12.21 14.02
C GLY A 52 -0.81 -11.74 14.33
N ALA A 53 -0.01 -11.55 13.28
CA ALA A 53 1.37 -11.11 13.43
C ALA A 53 1.64 -9.85 12.62
N VAL A 54 2.16 -8.83 13.28
CA VAL A 54 2.47 -7.56 12.61
C VAL A 54 3.74 -7.67 11.79
N GLU A 55 3.60 -7.58 10.47
CA GLU A 55 4.74 -7.66 9.57
C GLU A 55 5.28 -6.28 9.24
N GLU A 56 6.54 -6.22 8.86
CA GLU A 56 7.19 -4.95 8.51
C GLU A 56 7.51 -4.89 7.02
N CYS A 57 7.31 -3.72 6.43
CA CYS A 57 7.59 -3.54 5.01
C CYS A 57 8.93 -2.84 4.80
N TYR A 58 9.28 -2.58 3.54
CA TYR A 58 10.53 -1.92 3.20
C TYR A 58 10.27 -0.60 2.50
N VAL A 59 10.61 0.50 3.17
CA VAL A 59 10.42 1.83 2.60
C VAL A 59 11.67 2.68 2.77
N SER A 60 12.16 3.24 1.67
CA SER A 60 13.35 4.08 1.69
C SER A 60 12.99 5.52 2.06
N GLU A 61 13.92 6.19 2.75
CA GLU A 61 13.70 7.58 3.16
C GLU A 61 13.33 8.45 1.96
N LEU A 62 12.87 9.66 2.24
CA LEU A 62 12.49 10.59 1.18
C LEU A 62 13.70 11.04 0.37
N ASP A 63 13.76 10.60 -0.88
CA ASP A 63 14.86 10.96 -1.76
C ASP A 63 14.36 11.69 -3.00
N SER A 64 13.46 11.04 -3.74
CA SER A 64 12.90 11.62 -4.95
C SER A 64 11.44 11.99 -4.76
N ASP A 65 11.17 12.84 -3.78
CA ASP A 65 9.81 13.27 -3.48
C ASP A 65 8.83 12.11 -3.63
N LYS A 66 9.24 10.94 -3.18
CA LYS A 66 8.39 9.75 -3.26
C LYS A 66 8.81 8.70 -2.23
N HIS A 67 8.05 7.61 -2.16
CA HIS A 67 8.35 6.54 -1.22
C HIS A 67 8.03 5.18 -1.83
N THR A 68 9.06 4.37 -2.03
CA THR A 68 8.88 3.04 -2.61
C THR A 68 8.70 1.98 -1.52
N ILE A 69 7.66 1.17 -1.67
CA ILE A 69 7.37 0.12 -0.70
C ILE A 69 7.63 -1.26 -1.29
N ARG A 70 8.05 -2.19 -0.44
CA ARG A 70 8.33 -3.55 -0.89
C ARG A 70 8.00 -4.56 0.22
N PHE A 71 7.13 -5.51 -0.10
CA PHE A 71 6.73 -6.53 0.86
C PHE A 71 6.15 -7.75 0.15
N ILE A 72 6.21 -8.90 0.82
CA ILE A 72 5.69 -10.14 0.24
C ILE A 72 4.68 -10.79 1.19
N PRO A 73 3.51 -11.15 0.64
CA PRO A 73 2.44 -11.79 1.41
C PRO A 73 2.80 -13.21 1.83
N HIS A 74 3.25 -13.37 3.06
CA HIS A 74 3.63 -14.68 3.58
C HIS A 74 2.47 -15.65 3.48
N GLU A 75 1.25 -15.13 3.60
CA GLU A 75 0.05 -15.96 3.52
C GLU A 75 -0.94 -15.40 2.51
N ASN A 76 -2.09 -16.05 2.38
CA ASN A 76 -3.12 -15.62 1.45
C ASN A 76 -4.17 -14.77 2.16
N GLY A 77 -5.08 -14.18 1.39
CA GLY A 77 -6.12 -13.36 1.96
C GLY A 77 -5.92 -11.88 1.67
N VAL A 78 -6.69 -11.04 2.35
CA VAL A 78 -6.59 -9.59 2.16
C VAL A 78 -5.81 -8.95 3.30
N HIS A 79 -4.53 -8.65 3.03
CA HIS A 79 -3.67 -8.03 4.04
C HIS A 79 -4.05 -6.57 4.24
N SER A 80 -3.80 -6.07 5.45
CA SER A 80 -4.11 -4.68 5.78
C SER A 80 -2.86 -3.81 5.72
N ILE A 81 -2.75 -3.00 4.68
CA ILE A 81 -1.60 -2.12 4.51
C ILE A 81 -1.80 -0.80 5.25
N ASP A 82 -1.06 -0.61 6.33
CA ASP A 82 -1.15 0.61 7.12
C ASP A 82 -0.27 1.71 6.54
N VAL A 83 -0.89 2.74 5.99
CA VAL A 83 -0.16 3.85 5.40
C VAL A 83 -0.41 5.15 6.17
N LYS A 84 0.58 5.57 6.97
CA LYS A 84 0.47 6.78 7.75
C LYS A 84 1.40 7.86 7.22
N PHE A 85 1.01 9.12 7.41
CA PHE A 85 1.82 10.25 6.96
C PHE A 85 2.02 11.26 8.07
N ASN A 86 3.24 11.35 8.59
CA ASN A 86 3.56 12.29 9.65
C ASN A 86 2.45 12.31 10.70
N GLY A 87 2.10 11.14 11.21
CA GLY A 87 1.05 11.04 12.21
C GLY A 87 -0.32 11.39 11.66
N ALA A 88 -0.70 10.71 10.59
CA ALA A 88 -2.00 10.94 9.96
C ALA A 88 -2.37 9.80 9.02
N HIS A 89 -3.53 9.20 9.27
CA HIS A 89 -3.99 8.09 8.45
C HIS A 89 -4.58 8.60 7.13
N ILE A 90 -4.02 8.13 6.02
CA ILE A 90 -4.49 8.54 4.70
C ILE A 90 -5.89 8.03 4.42
N PRO A 91 -6.65 8.77 3.59
CA PRO A 91 -8.02 8.39 3.23
C PRO A 91 -8.07 7.16 2.34
N GLY A 92 -8.45 6.03 2.93
CA GLY A 92 -8.54 4.80 2.17
C GLY A 92 -7.78 3.66 2.81
N SER A 93 -6.90 4.00 3.75
CA SER A 93 -6.10 3.00 4.45
C SER A 93 -6.84 2.48 5.68
N PRO A 94 -6.52 1.24 6.07
CA PRO A 94 -5.53 0.42 5.38
C PRO A 94 -6.02 -0.04 4.00
N PHE A 95 -5.10 -0.14 3.05
CA PHE A 95 -5.43 -0.55 1.70
C PHE A 95 -5.62 -2.06 1.64
N LYS A 96 -6.87 -2.49 1.41
CA LYS A 96 -7.18 -3.91 1.32
C LYS A 96 -6.75 -4.48 -0.03
N ILE A 97 -5.66 -5.24 -0.02
CA ILE A 97 -5.14 -5.84 -1.24
C ILE A 97 -5.36 -7.35 -1.24
N ARG A 98 -5.86 -7.87 -2.36
CA ARG A 98 -6.11 -9.31 -2.48
C ARG A 98 -4.86 -10.04 -2.95
N VAL A 99 -4.58 -11.18 -2.32
CA VAL A 99 -3.41 -11.98 -2.67
C VAL A 99 -3.82 -13.39 -3.10
N GLY A 100 -3.62 -13.70 -4.38
CA GLY A 100 -3.96 -15.01 -4.88
C GLY A 100 -2.88 -16.04 -4.62
N GLU A 101 -2.87 -17.09 -5.43
CA GLU A 101 -1.87 -18.15 -5.28
C GLU A 101 -0.99 -18.25 -6.52
N GLN A 102 0.14 -18.95 -6.38
CA GLN A 102 1.07 -19.11 -7.49
C GLN A 102 0.38 -19.76 -8.68
N SER A 103 0.23 -19.00 -9.75
CA SER A 103 -0.42 -19.50 -10.96
C SER A 103 0.61 -20.02 -11.95
N GLN A 104 1.01 -21.27 -11.77
CA GLN A 104 2.01 -21.89 -12.65
C GLN A 104 1.51 -23.25 -13.14
N ALA A 105 1.70 -23.52 -14.42
CA ALA A 105 1.29 -24.78 -15.01
C ALA A 105 2.41 -25.40 -15.83
N GLY A 106 2.59 -26.72 -15.70
CA GLY A 106 3.63 -27.40 -16.45
C GLY A 106 3.09 -28.15 -17.64
N SER A 107 3.13 -27.51 -18.80
CA SER A 107 2.63 -28.12 -20.04
C SER A 107 3.38 -27.58 -21.25
N GLY A 108 3.09 -28.14 -22.41
CA GLY A 108 3.75 -27.70 -23.64
C GLY A 108 3.55 -26.23 -23.89
N PRO A 109 3.68 -25.84 -25.17
CA PRO A 109 3.53 -24.43 -25.59
C PRO A 109 2.08 -23.95 -25.48
N SER A 110 1.81 -22.77 -26.03
CA SER A 110 0.47 -22.20 -26.00
C SER A 110 -0.05 -21.95 -27.41
N SER A 111 0.10 -22.94 -28.28
CA SER A 111 -0.34 -22.82 -29.66
C SER A 111 -1.63 -23.60 -29.89
N GLY A 112 -1.64 -24.86 -29.43
CA GLY A 112 -2.81 -25.69 -29.60
C GLY A 112 -2.46 -27.10 -30.02
N GLY A 1 4.60 25.47 17.15
CA GLY A 1 5.24 24.33 16.55
C GLY A 1 5.37 24.45 15.04
N SER A 2 6.48 23.96 14.50
CA SER A 2 6.72 24.03 13.06
C SER A 2 5.55 23.42 12.29
N SER A 3 5.29 22.13 12.56
CA SER A 3 4.20 21.43 11.89
C SER A 3 2.92 21.53 12.70
N GLY A 4 1.82 21.86 12.02
CA GLY A 4 0.54 21.98 12.68
C GLY A 4 -0.62 21.62 11.78
N SER A 5 -0.98 20.34 11.75
CA SER A 5 -2.08 19.88 10.91
C SER A 5 -3.41 20.39 11.44
N SER A 6 -3.76 21.62 11.06
CA SER A 6 -5.01 22.23 11.50
C SER A 6 -6.12 21.98 10.49
N GLY A 7 -6.86 20.89 10.67
CA GLY A 7 -7.94 20.57 9.76
C GLY A 7 -7.45 19.88 8.49
N SER A 8 -7.14 20.67 7.48
CA SER A 8 -6.66 20.14 6.21
C SER A 8 -5.45 19.24 6.43
N ASP A 9 -5.52 18.02 5.89
CA ASP A 9 -4.43 17.07 6.03
C ASP A 9 -3.79 16.77 4.67
N ASP A 10 -2.55 17.23 4.49
CA ASP A 10 -1.84 17.01 3.24
C ASP A 10 -1.83 15.53 2.86
N ALA A 11 -1.97 14.67 3.87
CA ALA A 11 -1.98 13.23 3.65
C ALA A 11 -3.08 12.83 2.67
N ARG A 12 -4.06 13.71 2.50
CA ARG A 12 -5.17 13.44 1.59
C ARG A 12 -4.70 13.46 0.14
N ARG A 13 -3.65 14.22 -0.13
CA ARG A 13 -3.11 14.32 -1.48
C ARG A 13 -2.36 13.05 -1.86
N LEU A 14 -2.05 12.23 -0.86
CA LEU A 14 -1.33 10.98 -1.10
C LEU A 14 -2.19 10.00 -1.89
N THR A 15 -1.57 9.34 -2.87
CA THR A 15 -2.27 8.37 -3.70
C THR A 15 -1.36 7.22 -4.09
N VAL A 16 -1.96 6.11 -4.53
CA VAL A 16 -1.19 4.94 -4.94
C VAL A 16 -1.79 4.31 -6.20
N THR A 17 -0.99 4.21 -7.25
CA THR A 17 -1.44 3.63 -8.50
C THR A 17 -0.79 2.27 -8.74
N SER A 18 0.54 2.26 -8.83
CA SER A 18 1.28 1.02 -9.06
C SER A 18 0.60 -0.15 -8.36
N LEU A 19 0.21 0.05 -7.10
CA LEU A 19 -0.44 -0.99 -6.32
C LEU A 19 -1.46 -1.75 -7.16
N GLN A 20 -1.47 -3.07 -7.03
CA GLN A 20 -2.39 -3.91 -7.78
C GLN A 20 -3.49 -4.46 -6.88
N GLU A 21 -4.54 -3.67 -6.69
CA GLU A 21 -5.66 -4.07 -5.84
C GLU A 21 -5.93 -5.57 -5.98
N THR A 22 -6.04 -6.02 -7.23
CA THR A 22 -6.30 -7.43 -7.51
C THR A 22 -5.32 -7.98 -8.54
N GLY A 23 -4.55 -8.99 -8.13
CA GLY A 23 -3.57 -9.59 -9.02
C GLY A 23 -2.39 -10.19 -8.30
N LEU A 24 -2.03 -9.58 -7.17
CA LEU A 24 -0.91 -10.06 -6.37
C LEU A 24 -1.14 -11.50 -5.90
N LYS A 25 -0.08 -12.30 -5.93
CA LYS A 25 -0.16 -13.69 -5.52
C LYS A 25 0.58 -13.91 -4.21
N VAL A 26 0.52 -15.14 -3.70
CA VAL A 26 1.19 -15.47 -2.45
C VAL A 26 2.69 -15.59 -2.65
N ASN A 27 3.44 -15.24 -1.61
CA ASN A 27 4.90 -15.30 -1.66
C ASN A 27 5.42 -14.59 -2.91
N GLN A 28 4.92 -13.39 -3.15
CA GLN A 28 5.34 -12.60 -4.31
C GLN A 28 5.74 -11.19 -3.90
N PRO A 29 6.83 -10.69 -4.49
CA PRO A 29 7.36 -9.36 -4.20
C PRO A 29 6.44 -8.26 -4.73
N ALA A 30 5.62 -7.70 -3.86
CA ALA A 30 4.70 -6.63 -4.25
C ALA A 30 5.22 -5.27 -3.80
N SER A 31 5.46 -4.39 -4.76
CA SER A 31 5.97 -3.05 -4.46
C SER A 31 5.27 -2.01 -5.32
N PHE A 32 5.11 -0.80 -4.76
CA PHE A 32 4.46 0.28 -5.48
C PHE A 32 5.01 1.64 -5.03
N ALA A 33 4.51 2.71 -5.64
CA ALA A 33 4.95 4.06 -5.31
C ALA A 33 3.81 4.87 -4.73
N VAL A 34 4.14 5.76 -3.80
CA VAL A 34 3.14 6.62 -3.16
C VAL A 34 3.46 8.09 -3.38
N GLN A 35 2.74 8.72 -4.30
CA GLN A 35 2.94 10.12 -4.61
C GLN A 35 2.43 11.00 -3.48
N LEU A 36 3.06 12.16 -3.31
CA LEU A 36 2.68 13.10 -2.26
C LEU A 36 1.68 14.13 -2.78
N ASN A 37 1.85 14.54 -4.04
CA ASN A 37 0.97 15.52 -4.66
C ASN A 37 0.97 16.82 -3.87
N GLY A 38 2.11 17.15 -3.29
CA GLY A 38 2.22 18.37 -2.52
C GLY A 38 2.11 18.13 -1.02
N ALA A 39 2.74 17.06 -0.55
CA ALA A 39 2.70 16.72 0.87
C ALA A 39 4.11 16.46 1.41
N ARG A 40 4.35 16.92 2.63
CA ARG A 40 5.66 16.74 3.27
C ARG A 40 5.52 16.03 4.60
N GLY A 41 6.17 14.87 4.72
CA GLY A 41 6.11 14.11 5.95
C GLY A 41 6.85 12.79 5.85
N VAL A 42 6.43 11.81 6.64
CA VAL A 42 7.06 10.49 6.64
C VAL A 42 6.05 9.40 6.30
N ILE A 43 6.35 8.63 5.26
CA ILE A 43 5.47 7.55 4.84
C ILE A 43 5.85 6.23 5.51
N ASP A 44 4.89 5.62 6.20
CA ASP A 44 5.12 4.35 6.88
C ASP A 44 4.35 3.22 6.21
N ALA A 45 5.03 2.09 6.02
CA ALA A 45 4.40 0.94 5.39
C ALA A 45 4.41 -0.27 6.33
N ARG A 46 3.22 -0.77 6.67
CA ARG A 46 3.09 -1.92 7.55
C ARG A 46 1.97 -2.83 7.10
N VAL A 47 2.30 -4.10 6.86
CA VAL A 47 1.30 -5.07 6.42
C VAL A 47 0.81 -5.91 7.59
N HIS A 48 -0.44 -6.36 7.49
CA HIS A 48 -1.04 -7.18 8.54
C HIS A 48 -1.30 -8.60 8.05
N THR A 49 -0.83 -9.59 8.81
CA THR A 49 -1.01 -10.98 8.45
C THR A 49 -2.29 -11.55 9.05
N PRO A 50 -2.93 -12.47 8.31
CA PRO A 50 -4.17 -13.11 8.76
C PRO A 50 -3.95 -14.05 9.94
N SER A 51 -2.69 -14.21 10.33
CA SER A 51 -2.35 -15.09 11.45
C SER A 51 -2.16 -14.29 12.73
N GLY A 52 -2.48 -13.01 12.68
CA GLY A 52 -2.34 -12.17 13.84
C GLY A 52 -0.91 -11.73 14.08
N ALA A 53 -0.14 -11.63 13.00
CA ALA A 53 1.26 -11.21 13.09
C ALA A 53 1.50 -9.92 12.34
N VAL A 54 2.02 -8.92 13.04
CA VAL A 54 2.30 -7.62 12.43
C VAL A 54 3.65 -7.63 11.71
N GLU A 55 3.61 -7.67 10.39
CA GLU A 55 4.82 -7.69 9.58
C GLU A 55 5.24 -6.27 9.19
N GLU A 56 6.49 -6.12 8.77
CA GLU A 56 7.01 -4.82 8.37
C GLU A 56 7.35 -4.80 6.89
N CYS A 57 7.39 -3.60 6.30
CA CYS A 57 7.70 -3.46 4.88
C CYS A 57 9.09 -2.84 4.70
N TYR A 58 9.44 -2.58 3.45
CA TYR A 58 10.74 -2.00 3.13
C TYR A 58 10.59 -0.67 2.39
N VAL A 59 10.80 0.43 3.10
CA VAL A 59 10.68 1.76 2.50
C VAL A 59 11.93 2.59 2.77
N SER A 60 12.62 2.97 1.70
CA SER A 60 13.83 3.77 1.83
C SER A 60 13.50 5.20 2.24
N GLU A 61 14.54 6.00 2.44
CA GLU A 61 14.37 7.40 2.84
C GLU A 61 13.85 8.23 1.67
N LEU A 62 13.14 9.31 1.98
CA LEU A 62 12.60 10.19 0.96
C LEU A 62 13.66 10.56 -0.07
N ASP A 63 13.44 10.17 -1.31
CA ASP A 63 14.38 10.47 -2.39
C ASP A 63 13.86 11.59 -3.27
N SER A 64 12.84 11.29 -4.07
CA SER A 64 12.24 12.29 -4.96
C SER A 64 10.75 12.42 -4.72
N ASP A 65 10.39 13.12 -3.64
CA ASP A 65 8.99 13.32 -3.29
C ASP A 65 8.18 12.06 -3.54
N LYS A 66 8.77 10.91 -3.22
CA LYS A 66 8.09 9.64 -3.40
C LYS A 66 8.61 8.60 -2.40
N HIS A 67 7.78 7.60 -2.13
CA HIS A 67 8.16 6.54 -1.19
C HIS A 67 7.86 5.16 -1.77
N THR A 68 8.90 4.33 -1.89
CA THR A 68 8.74 2.99 -2.43
C THR A 68 8.52 1.97 -1.32
N ILE A 69 7.61 1.03 -1.56
CA ILE A 69 7.31 -0.01 -0.58
C ILE A 69 7.55 -1.40 -1.17
N ARG A 70 7.94 -2.33 -0.29
CA ARG A 70 8.21 -3.69 -0.72
C ARG A 70 7.91 -4.69 0.40
N PHE A 71 7.02 -5.63 0.13
CA PHE A 71 6.65 -6.63 1.13
C PHE A 71 6.06 -7.87 0.45
N ILE A 72 6.39 -9.04 1.00
CA ILE A 72 5.90 -10.31 0.45
C ILE A 72 5.00 -11.01 1.44
N PRO A 73 3.78 -11.35 1.00
CA PRO A 73 2.79 -12.04 1.84
C PRO A 73 3.19 -13.49 2.12
N HIS A 74 2.95 -13.93 3.35
CA HIS A 74 3.29 -15.30 3.74
C HIS A 74 2.10 -16.24 3.53
N GLU A 75 0.95 -15.86 4.09
CA GLU A 75 -0.25 -16.68 3.97
C GLU A 75 -1.32 -15.94 3.15
N ASN A 76 -1.82 -16.60 2.12
CA ASN A 76 -2.84 -16.02 1.25
C ASN A 76 -3.88 -15.26 2.07
N GLY A 77 -4.54 -14.29 1.43
CA GLY A 77 -5.55 -13.52 2.12
C GLY A 77 -5.35 -12.02 1.94
N VAL A 78 -6.40 -11.26 2.19
CA VAL A 78 -6.35 -9.81 2.05
C VAL A 78 -5.62 -9.17 3.23
N HIS A 79 -4.48 -8.55 2.95
CA HIS A 79 -3.68 -7.90 3.99
C HIS A 79 -4.07 -6.43 4.13
N SER A 80 -3.82 -5.87 5.30
CA SER A 80 -4.14 -4.48 5.57
C SER A 80 -2.89 -3.61 5.54
N ILE A 81 -2.77 -2.78 4.52
CA ILE A 81 -1.61 -1.90 4.38
C ILE A 81 -1.84 -0.57 5.10
N ASP A 82 -1.16 -0.41 6.23
CA ASP A 82 -1.29 0.82 7.02
C ASP A 82 -0.36 1.91 6.48
N VAL A 83 -0.94 2.93 5.87
CA VAL A 83 -0.17 4.03 5.31
C VAL A 83 -0.39 5.31 6.11
N LYS A 84 0.59 5.67 6.94
CA LYS A 84 0.50 6.87 7.75
C LYS A 84 1.42 7.96 7.21
N PHE A 85 1.09 9.22 7.50
CA PHE A 85 1.88 10.34 7.05
C PHE A 85 1.96 11.43 8.12
N ASN A 86 3.16 11.60 8.69
CA ASN A 86 3.36 12.59 9.74
C ASN A 86 2.31 12.46 10.83
N GLY A 87 2.06 11.23 11.27
CA GLY A 87 1.08 11.00 12.30
C GLY A 87 -0.34 11.24 11.83
N ALA A 88 -0.67 10.72 10.65
CA ALA A 88 -1.99 10.89 10.08
C ALA A 88 -2.35 9.74 9.14
N HIS A 89 -3.59 9.27 9.22
CA HIS A 89 -4.04 8.18 8.37
C HIS A 89 -4.62 8.71 7.06
N ILE A 90 -4.08 8.22 5.94
CA ILE A 90 -4.55 8.65 4.63
C ILE A 90 -5.95 8.11 4.34
N PRO A 91 -6.71 8.86 3.52
CA PRO A 91 -8.07 8.48 3.14
C PRO A 91 -8.10 7.26 2.23
N GLY A 92 -8.49 6.12 2.79
CA GLY A 92 -8.56 4.89 2.02
C GLY A 92 -7.82 3.75 2.67
N SER A 93 -6.91 4.08 3.58
CA SER A 93 -6.12 3.06 4.28
C SER A 93 -6.88 2.54 5.50
N PRO A 94 -6.57 1.31 5.90
CA PRO A 94 -5.59 0.46 5.21
C PRO A 94 -6.08 0.02 3.83
N PHE A 95 -5.16 -0.04 2.88
CA PHE A 95 -5.49 -0.44 1.51
C PHE A 95 -5.67 -1.96 1.44
N LYS A 96 -6.92 -2.39 1.38
CA LYS A 96 -7.23 -3.82 1.30
C LYS A 96 -6.79 -4.40 -0.05
N ILE A 97 -5.68 -5.12 -0.04
CA ILE A 97 -5.15 -5.73 -1.25
C ILE A 97 -5.42 -7.24 -1.27
N ARG A 98 -5.89 -7.72 -2.42
CA ARG A 98 -6.18 -9.15 -2.57
C ARG A 98 -4.94 -9.92 -3.02
N VAL A 99 -4.54 -10.89 -2.21
CA VAL A 99 -3.37 -11.71 -2.52
C VAL A 99 -3.75 -13.16 -2.75
N GLY A 100 -3.74 -13.59 -4.01
CA GLY A 100 -4.09 -14.95 -4.34
C GLY A 100 -4.38 -15.14 -5.82
N GLU A 101 -3.97 -16.29 -6.35
CA GLU A 101 -4.18 -16.58 -7.77
C GLU A 101 -5.65 -16.93 -8.04
N GLN A 102 -6.17 -16.46 -9.16
CA GLN A 102 -7.55 -16.72 -9.53
C GLN A 102 -7.64 -17.76 -10.63
N SER A 103 -8.18 -18.93 -10.31
CA SER A 103 -8.30 -20.01 -11.27
C SER A 103 -9.64 -20.73 -11.11
N GLN A 104 -10.47 -20.67 -12.14
CA GLN A 104 -11.79 -21.31 -12.11
C GLN A 104 -11.74 -22.62 -11.32
N ALA A 105 -12.85 -22.97 -10.70
CA ALA A 105 -12.94 -24.20 -9.92
C ALA A 105 -14.33 -24.81 -10.02
N GLY A 106 -14.37 -26.10 -10.36
CA GLY A 106 -15.64 -26.79 -10.48
C GLY A 106 -15.85 -27.38 -11.87
N SER A 107 -16.22 -26.55 -12.82
CA SER A 107 -16.46 -27.01 -14.18
C SER A 107 -15.65 -26.17 -15.18
N GLY A 108 -15.87 -24.87 -15.17
CA GLY A 108 -15.16 -23.98 -16.08
C GLY A 108 -15.31 -22.52 -15.71
N PRO A 109 -15.03 -21.64 -16.68
CA PRO A 109 -15.13 -20.18 -16.47
C PRO A 109 -16.57 -19.72 -16.33
N SER A 110 -16.95 -19.33 -15.12
CA SER A 110 -18.32 -18.87 -14.86
C SER A 110 -18.54 -17.48 -15.45
N SER A 111 -19.70 -17.28 -16.05
CA SER A 111 -20.04 -16.01 -16.66
C SER A 111 -21.24 -15.37 -15.96
N GLY A 112 -20.99 -14.31 -15.20
CA GLY A 112 -22.05 -13.63 -14.49
C GLY A 112 -22.19 -14.11 -13.06
N GLY A 1 9.19 29.51 -3.02
CA GLY A 1 9.72 30.04 -1.78
C GLY A 1 9.47 29.11 -0.60
N SER A 2 8.30 29.22 0.01
CA SER A 2 7.94 28.39 1.16
C SER A 2 6.86 27.39 0.78
N SER A 3 6.94 26.20 1.36
CA SER A 3 5.97 25.15 1.09
C SER A 3 4.55 25.66 1.24
N GLY A 4 4.24 26.23 2.40
CA GLY A 4 2.92 26.76 2.65
C GLY A 4 2.49 26.59 4.10
N SER A 5 1.49 27.38 4.51
CA SER A 5 0.99 27.32 5.88
C SER A 5 -0.42 26.77 5.92
N SER A 6 -1.25 27.19 4.97
CA SER A 6 -2.63 26.75 4.88
C SER A 6 -2.70 25.25 4.67
N GLY A 7 -2.76 24.50 5.77
CA GLY A 7 -2.83 23.05 5.68
C GLY A 7 -2.11 22.37 6.84
N SER A 8 -2.85 21.59 7.61
CA SER A 8 -2.28 20.88 8.75
C SER A 8 -1.55 19.61 8.29
N ASP A 9 -2.23 18.82 7.46
CA ASP A 9 -1.65 17.59 6.94
C ASP A 9 -2.06 17.36 5.50
N ASP A 10 -1.08 17.35 4.60
CA ASP A 10 -1.33 17.15 3.18
C ASP A 10 -1.46 15.66 2.87
N ALA A 11 -2.06 14.90 3.77
CA ALA A 11 -2.24 13.47 3.59
C ALA A 11 -3.41 13.18 2.65
N ARG A 12 -4.28 14.17 2.46
CA ARG A 12 -5.43 14.01 1.60
C ARG A 12 -5.02 14.05 0.12
N ARG A 13 -3.75 14.37 -0.11
CA ARG A 13 -3.23 14.45 -1.48
C ARG A 13 -2.47 13.17 -1.84
N LEU A 14 -2.20 12.35 -0.83
CA LEU A 14 -1.49 11.09 -1.04
C LEU A 14 -2.35 10.08 -1.78
N THR A 15 -1.73 9.31 -2.68
CA THR A 15 -2.46 8.31 -3.46
C THR A 15 -1.51 7.23 -3.97
N VAL A 16 -2.07 6.08 -4.34
CA VAL A 16 -1.27 4.98 -4.85
C VAL A 16 -1.89 4.40 -6.12
N THR A 17 -1.04 4.09 -7.09
CA THR A 17 -1.49 3.53 -8.35
C THR A 17 -0.78 2.22 -8.67
N SER A 18 0.55 2.27 -8.68
CA SER A 18 1.35 1.08 -8.97
C SER A 18 0.77 -0.15 -8.29
N LEU A 19 0.28 0.03 -7.07
CA LEU A 19 -0.30 -1.07 -6.31
C LEU A 19 -1.30 -1.85 -7.17
N GLN A 20 -1.26 -3.18 -7.05
CA GLN A 20 -2.15 -4.04 -7.80
C GLN A 20 -3.30 -4.53 -6.93
N GLU A 21 -4.28 -3.67 -6.72
CA GLU A 21 -5.44 -4.02 -5.90
C GLU A 21 -5.84 -5.48 -6.10
N THR A 22 -5.85 -5.91 -7.36
CA THR A 22 -6.21 -7.28 -7.70
C THR A 22 -5.25 -7.87 -8.72
N GLY A 23 -4.35 -8.72 -8.26
CA GLY A 23 -3.38 -9.33 -9.15
C GLY A 23 -2.08 -9.68 -8.45
N LEU A 24 -2.17 -10.07 -7.19
CA LEU A 24 -1.01 -10.42 -6.40
C LEU A 24 -1.15 -11.83 -5.81
N LYS A 25 -0.16 -12.66 -6.04
CA LYS A 25 -0.17 -14.03 -5.53
C LYS A 25 0.59 -14.13 -4.20
N VAL A 26 0.65 -15.34 -3.65
CA VAL A 26 1.35 -15.55 -2.39
C VAL A 26 2.84 -15.72 -2.61
N ASN A 27 3.63 -15.04 -1.77
CA ASN A 27 5.09 -15.10 -1.88
C ASN A 27 5.58 -14.31 -3.08
N GLN A 28 4.83 -13.29 -3.46
CA GLN A 28 5.19 -12.45 -4.60
C GLN A 28 5.65 -11.06 -4.13
N PRO A 29 6.74 -10.57 -4.72
CA PRO A 29 7.30 -9.26 -4.39
C PRO A 29 6.40 -8.11 -4.86
N ALA A 30 5.48 -7.71 -3.99
CA ALA A 30 4.56 -6.61 -4.31
C ALA A 30 5.11 -5.28 -3.82
N SER A 31 5.38 -4.38 -4.76
CA SER A 31 5.91 -3.06 -4.42
C SER A 31 5.27 -1.98 -5.29
N PHE A 32 5.11 -0.79 -4.72
CA PHE A 32 4.50 0.32 -5.44
C PHE A 32 5.06 1.65 -4.95
N ALA A 33 4.66 2.74 -5.58
CA ALA A 33 5.12 4.07 -5.21
C ALA A 33 3.95 4.95 -4.77
N VAL A 34 4.10 5.60 -3.62
CA VAL A 34 3.05 6.47 -3.10
C VAL A 34 3.35 7.94 -3.41
N GLN A 35 2.50 8.54 -4.23
CA GLN A 35 2.67 9.93 -4.62
C GLN A 35 2.22 10.87 -3.51
N LEU A 36 2.91 11.99 -3.36
CA LEU A 36 2.58 12.97 -2.33
C LEU A 36 1.71 14.09 -2.89
N ASN A 37 2.06 14.55 -4.10
CA ASN A 37 1.31 15.61 -4.74
C ASN A 37 1.32 16.88 -3.90
N GLY A 38 2.50 17.27 -3.42
CA GLY A 38 2.63 18.46 -2.60
C GLY A 38 3.02 18.14 -1.17
N ALA A 39 2.43 17.09 -0.62
CA ALA A 39 2.71 16.68 0.75
C ALA A 39 4.21 16.44 0.94
N ARG A 40 4.66 16.52 2.19
CA ARG A 40 6.07 16.31 2.50
C ARG A 40 6.24 15.85 3.95
N GLY A 41 6.79 14.64 4.11
CA GLY A 41 7.00 14.10 5.43
C GLY A 41 7.55 12.68 5.41
N VAL A 42 7.02 11.83 6.28
CA VAL A 42 7.47 10.44 6.35
C VAL A 42 6.31 9.47 6.16
N ILE A 43 6.46 8.55 5.22
CA ILE A 43 5.43 7.57 4.94
C ILE A 43 5.77 6.21 5.57
N ASP A 44 4.84 5.66 6.33
CA ASP A 44 5.04 4.37 6.98
C ASP A 44 4.19 3.29 6.31
N ALA A 45 4.79 2.12 6.12
CA ALA A 45 4.09 1.01 5.49
C ALA A 45 4.25 -0.26 6.31
N ARG A 46 3.12 -0.90 6.64
CA ARG A 46 3.13 -2.12 7.42
C ARG A 46 2.00 -3.05 7.01
N VAL A 47 2.33 -4.29 6.69
CA VAL A 47 1.34 -5.28 6.28
C VAL A 47 0.88 -6.13 7.45
N HIS A 48 -0.39 -6.54 7.42
CA HIS A 48 -0.95 -7.35 8.48
C HIS A 48 -1.37 -8.71 7.95
N THR A 49 -0.93 -9.78 8.63
CA THR A 49 -1.26 -11.14 8.23
C THR A 49 -2.50 -11.64 8.96
N PRO A 50 -3.31 -12.45 8.26
CA PRO A 50 -4.54 -13.01 8.83
C PRO A 50 -4.26 -14.07 9.89
N SER A 51 -3.00 -14.48 9.99
CA SER A 51 -2.60 -15.48 10.96
C SER A 51 -2.46 -14.87 12.35
N GLY A 52 -2.22 -13.56 12.39
CA GLY A 52 -2.09 -12.87 13.67
C GLY A 52 -0.67 -12.39 13.90
N ALA A 53 0.03 -12.06 12.82
CA ALA A 53 1.40 -11.58 12.91
C ALA A 53 1.58 -10.27 12.16
N VAL A 54 2.03 -9.24 12.87
CA VAL A 54 2.24 -7.93 12.25
C VAL A 54 3.62 -7.84 11.60
N GLU A 55 3.64 -7.89 10.28
CA GLU A 55 4.89 -7.82 9.53
C GLU A 55 5.24 -6.37 9.19
N GLU A 56 6.42 -6.18 8.62
CA GLU A 56 6.86 -4.84 8.24
C GLU A 56 7.10 -4.75 6.74
N CYS A 57 7.33 -3.54 6.25
CA CYS A 57 7.58 -3.31 4.83
C CYS A 57 8.92 -2.64 4.61
N TYR A 58 9.22 -2.32 3.35
CA TYR A 58 10.48 -1.67 3.00
C TYR A 58 10.23 -0.30 2.37
N VAL A 59 10.46 0.75 3.14
CA VAL A 59 10.27 2.11 2.66
C VAL A 59 11.45 3.00 3.02
N SER A 60 12.35 3.21 2.06
CA SER A 60 13.52 4.04 2.28
C SER A 60 13.13 5.48 2.59
N GLU A 61 14.13 6.33 2.79
CA GLU A 61 13.88 7.74 3.10
C GLU A 61 13.53 8.52 1.84
N LEU A 62 12.86 9.65 2.01
CA LEU A 62 12.46 10.49 0.89
C LEU A 62 13.65 10.78 -0.02
N ASP A 63 13.58 10.30 -1.25
CA ASP A 63 14.65 10.52 -2.22
C ASP A 63 14.24 11.54 -3.26
N SER A 64 13.26 11.18 -4.09
CA SER A 64 12.78 12.07 -5.13
C SER A 64 11.32 12.46 -4.89
N ASP A 65 11.03 12.90 -3.67
CA ASP A 65 9.67 13.31 -3.31
C ASP A 65 8.70 12.15 -3.48
N LYS A 66 9.12 10.96 -3.06
CA LYS A 66 8.28 9.77 -3.17
C LYS A 66 8.72 8.70 -2.18
N HIS A 67 7.94 7.63 -2.08
CA HIS A 67 8.25 6.53 -1.17
C HIS A 67 7.88 5.19 -1.80
N THR A 68 8.87 4.31 -1.91
CA THR A 68 8.66 2.99 -2.49
C THR A 68 8.47 1.94 -1.42
N ILE A 69 7.44 1.11 -1.57
CA ILE A 69 7.15 0.06 -0.60
C ILE A 69 7.39 -1.32 -1.20
N ARG A 70 7.89 -2.24 -0.39
CA ARG A 70 8.15 -3.60 -0.84
C ARG A 70 7.92 -4.60 0.28
N PHE A 71 7.03 -5.56 0.03
CA PHE A 71 6.71 -6.58 1.03
C PHE A 71 6.10 -7.81 0.37
N ILE A 72 6.41 -8.98 0.91
CA ILE A 72 5.90 -10.24 0.36
C ILE A 72 5.00 -10.94 1.38
N PRO A 73 3.78 -11.29 0.95
CA PRO A 73 2.80 -11.97 1.79
C PRO A 73 3.21 -13.41 2.11
N HIS A 74 3.13 -13.79 3.38
CA HIS A 74 3.49 -15.13 3.81
C HIS A 74 2.32 -16.10 3.62
N GLU A 75 1.18 -15.75 4.22
CA GLU A 75 -0.02 -16.59 4.11
C GLU A 75 -1.09 -15.92 3.25
N ASN A 76 -1.72 -16.70 2.39
CA ASN A 76 -2.76 -16.17 1.51
C ASN A 76 -3.82 -15.41 2.31
N GLY A 77 -4.53 -14.52 1.62
CA GLY A 77 -5.56 -13.74 2.28
C GLY A 77 -5.34 -12.25 2.13
N VAL A 78 -6.39 -11.47 2.35
CA VAL A 78 -6.31 -10.01 2.23
C VAL A 78 -5.56 -9.41 3.42
N HIS A 79 -4.54 -8.62 3.13
CA HIS A 79 -3.75 -7.97 4.17
C HIS A 79 -4.15 -6.51 4.33
N SER A 80 -3.88 -5.96 5.51
CA SER A 80 -4.21 -4.56 5.79
C SER A 80 -2.96 -3.69 5.79
N ILE A 81 -2.86 -2.80 4.82
CA ILE A 81 -1.72 -1.90 4.71
C ILE A 81 -1.95 -0.60 5.47
N ASP A 82 -1.29 -0.46 6.61
CA ASP A 82 -1.42 0.73 7.43
C ASP A 82 -0.50 1.84 6.93
N VAL A 83 -1.07 2.80 6.20
CA VAL A 83 -0.30 3.91 5.66
C VAL A 83 -0.56 5.18 6.46
N LYS A 84 0.49 5.69 7.09
CA LYS A 84 0.39 6.92 7.88
C LYS A 84 1.35 7.99 7.38
N PHE A 85 0.94 9.25 7.50
CA PHE A 85 1.76 10.37 7.05
C PHE A 85 1.88 11.43 8.12
N ASN A 86 3.11 11.75 8.53
CA ASN A 86 3.35 12.75 9.56
C ASN A 86 2.33 12.62 10.68
N GLY A 87 2.00 11.38 11.03
CA GLY A 87 1.03 11.15 12.09
C GLY A 87 -0.39 11.41 11.66
N ALA A 88 -0.71 11.02 10.44
CA ALA A 88 -2.05 11.21 9.91
C ALA A 88 -2.44 10.08 8.95
N HIS A 89 -3.60 9.48 9.18
CA HIS A 89 -4.08 8.39 8.35
C HIS A 89 -4.60 8.91 7.02
N ILE A 90 -4.11 8.35 5.92
CA ILE A 90 -4.53 8.76 4.60
C ILE A 90 -5.93 8.25 4.28
N PRO A 91 -6.65 9.00 3.42
CA PRO A 91 -8.02 8.64 3.02
C PRO A 91 -8.05 7.41 2.12
N GLY A 92 -8.47 6.28 2.70
CA GLY A 92 -8.54 5.04 1.94
C GLY A 92 -7.85 3.89 2.63
N SER A 93 -6.94 4.22 3.54
CA SER A 93 -6.19 3.20 4.27
C SER A 93 -7.00 2.71 5.48
N PRO A 94 -6.73 1.47 5.90
CA PRO A 94 -5.73 0.61 5.25
C PRO A 94 -6.18 0.15 3.86
N PHE A 95 -5.21 -0.06 2.98
CA PHE A 95 -5.50 -0.49 1.62
C PHE A 95 -5.64 -2.01 1.55
N LYS A 96 -6.88 -2.48 1.50
CA LYS A 96 -7.16 -3.91 1.43
C LYS A 96 -6.70 -4.50 0.10
N ILE A 97 -5.63 -5.30 0.15
CA ILE A 97 -5.09 -5.93 -1.04
C ILE A 97 -5.34 -7.43 -1.04
N ARG A 98 -5.83 -7.95 -2.16
CA ARG A 98 -6.10 -9.38 -2.28
C ARG A 98 -4.82 -10.15 -2.62
N VAL A 99 -4.60 -11.25 -1.92
CA VAL A 99 -3.41 -12.08 -2.14
C VAL A 99 -3.80 -13.52 -2.43
N GLY A 100 -3.84 -13.89 -3.71
CA GLY A 100 -4.20 -15.23 -4.09
C GLY A 100 -5.46 -15.29 -4.95
N GLU A 101 -5.41 -14.63 -6.09
CA GLU A 101 -6.55 -14.60 -7.01
C GLU A 101 -6.69 -15.93 -7.75
N GLN A 102 -7.93 -16.31 -8.06
CA GLN A 102 -8.19 -17.55 -8.76
C GLN A 102 -8.55 -17.28 -10.22
N SER A 103 -8.21 -18.23 -11.10
CA SER A 103 -8.49 -18.09 -12.51
C SER A 103 -9.76 -18.85 -12.89
N GLN A 104 -10.20 -18.68 -14.13
CA GLN A 104 -11.40 -19.33 -14.62
C GLN A 104 -11.05 -20.51 -15.53
N ALA A 105 -10.89 -21.68 -14.94
CA ALA A 105 -10.56 -22.88 -15.70
C ALA A 105 -11.70 -23.29 -16.62
N GLY A 106 -11.36 -23.87 -17.76
CA GLY A 106 -12.37 -24.30 -18.72
C GLY A 106 -12.79 -23.18 -19.65
N SER A 107 -13.21 -22.06 -19.07
CA SER A 107 -13.65 -20.91 -19.87
C SER A 107 -12.47 -20.04 -20.27
N GLY A 108 -12.03 -20.19 -21.51
CA GLY A 108 -10.90 -19.41 -22.00
C GLY A 108 -9.63 -19.66 -21.22
N PRO A 109 -8.93 -20.76 -21.57
CA PRO A 109 -7.68 -21.14 -20.90
C PRO A 109 -6.54 -20.18 -21.20
N SER A 110 -5.46 -20.28 -20.44
CA SER A 110 -4.30 -19.42 -20.63
C SER A 110 -3.78 -19.53 -22.05
N SER A 111 -3.89 -18.43 -22.80
CA SER A 111 -3.42 -18.40 -24.19
C SER A 111 -1.90 -18.42 -24.26
N GLY A 112 -1.36 -19.32 -25.07
CA GLY A 112 0.09 -19.43 -25.20
C GLY A 112 0.50 -19.90 -26.57
N GLY A 1 -3.14 23.87 17.27
CA GLY A 1 -2.97 24.48 18.58
C GLY A 1 -4.21 25.18 19.07
N SER A 2 -4.14 26.50 19.21
CA SER A 2 -5.28 27.29 19.67
C SER A 2 -6.58 26.79 19.06
N SER A 3 -6.67 26.85 17.73
CA SER A 3 -7.86 26.41 17.02
C SER A 3 -7.92 24.88 16.97
N GLY A 4 -9.10 24.33 17.19
CA GLY A 4 -9.28 22.89 17.15
C GLY A 4 -9.07 22.32 15.77
N SER A 5 -9.64 21.14 15.52
CA SER A 5 -9.51 20.48 14.22
C SER A 5 -10.37 21.18 13.17
N SER A 6 -9.88 21.21 11.93
CA SER A 6 -10.60 21.84 10.84
C SER A 6 -11.24 20.79 9.94
N GLY A 7 -10.42 19.87 9.44
CA GLY A 7 -10.92 18.83 8.57
C GLY A 7 -10.17 18.76 7.25
N SER A 8 -8.85 18.85 7.32
CA SER A 8 -8.01 18.81 6.13
C SER A 8 -6.56 18.51 6.49
N ASP A 9 -5.92 17.67 5.68
CA ASP A 9 -4.53 17.30 5.91
C ASP A 9 -3.82 16.99 4.60
N ASP A 10 -2.55 17.37 4.51
CA ASP A 10 -1.77 17.13 3.29
C ASP A 10 -1.87 15.67 2.87
N ALA A 11 -2.01 14.78 3.85
CA ALA A 11 -2.11 13.34 3.58
C ALA A 11 -3.16 13.07 2.52
N ARG A 12 -4.23 13.87 2.51
CA ARG A 12 -5.31 13.71 1.55
C ARG A 12 -4.76 13.64 0.13
N ARG A 13 -3.67 14.36 -0.12
CA ARG A 13 -3.05 14.37 -1.44
C ARG A 13 -2.42 13.02 -1.77
N LEU A 14 -1.86 12.37 -0.75
CA LEU A 14 -1.22 11.08 -0.93
C LEU A 14 -2.16 10.10 -1.66
N THR A 15 -1.60 9.31 -2.56
CA THR A 15 -2.38 8.34 -3.32
C THR A 15 -1.49 7.26 -3.89
N VAL A 16 -2.09 6.12 -4.25
CA VAL A 16 -1.36 5.01 -4.82
C VAL A 16 -2.03 4.48 -6.08
N THR A 17 -1.23 4.11 -7.07
CA THR A 17 -1.74 3.61 -8.33
C THR A 17 -1.09 2.28 -8.70
N SER A 18 0.23 2.31 -8.89
CA SER A 18 0.98 1.11 -9.24
C SER A 18 0.47 -0.10 -8.48
N LEU A 19 0.23 0.08 -7.18
CA LEU A 19 -0.26 -1.00 -6.34
C LEU A 19 -1.46 -1.70 -6.99
N GLN A 20 -1.49 -3.02 -6.87
CA GLN A 20 -2.58 -3.81 -7.44
C GLN A 20 -3.63 -4.15 -6.39
N GLU A 21 -4.71 -3.36 -6.36
CA GLU A 21 -5.79 -3.58 -5.40
C GLU A 21 -6.07 -5.06 -5.23
N THR A 22 -6.21 -5.77 -6.36
CA THR A 22 -6.49 -7.19 -6.34
C THR A 22 -5.84 -7.90 -7.52
N GLY A 23 -5.14 -9.00 -7.23
CA GLY A 23 -4.47 -9.75 -8.27
C GLY A 23 -3.09 -10.21 -7.86
N LEU A 24 -2.45 -9.45 -6.99
CA LEU A 24 -1.11 -9.77 -6.52
C LEU A 24 -0.97 -11.27 -6.27
N LYS A 25 0.20 -11.82 -6.56
CA LYS A 25 0.46 -13.24 -6.36
C LYS A 25 0.99 -13.50 -4.95
N VAL A 26 1.01 -14.78 -4.57
CA VAL A 26 1.50 -15.17 -3.26
C VAL A 26 3.00 -15.41 -3.26
N ASN A 27 3.65 -15.18 -2.13
CA ASN A 27 5.09 -15.38 -2.01
C ASN A 27 5.83 -14.67 -3.14
N GLN A 28 5.25 -13.57 -3.62
CA GLN A 28 5.85 -12.80 -4.71
C GLN A 28 6.20 -11.39 -4.24
N PRO A 29 7.35 -10.88 -4.69
CA PRO A 29 7.81 -9.54 -4.34
C PRO A 29 6.96 -8.44 -4.98
N ALA A 30 5.92 -8.02 -4.26
CA ALA A 30 5.03 -6.97 -4.75
C ALA A 30 5.43 -5.60 -4.21
N SER A 31 5.74 -4.68 -5.11
CA SER A 31 6.14 -3.33 -4.72
C SER A 31 5.38 -2.28 -5.50
N PHE A 32 5.21 -1.11 -4.91
CA PHE A 32 4.49 -0.02 -5.56
C PHE A 32 5.05 1.34 -5.13
N ALA A 33 4.47 2.40 -5.66
CA ALA A 33 4.90 3.76 -5.32
C ALA A 33 3.75 4.60 -4.80
N VAL A 34 4.02 5.41 -3.79
CA VAL A 34 2.99 6.27 -3.19
C VAL A 34 3.30 7.74 -3.44
N GLN A 35 2.60 8.32 -4.41
CA GLN A 35 2.79 9.73 -4.75
C GLN A 35 2.28 10.64 -3.63
N LEU A 36 2.98 11.73 -3.39
CA LEU A 36 2.59 12.68 -2.35
C LEU A 36 1.61 13.71 -2.90
N ASN A 37 1.85 14.17 -4.12
CA ASN A 37 0.98 15.15 -4.76
C ASN A 37 0.97 16.47 -3.96
N GLY A 38 2.10 16.79 -3.36
CA GLY A 38 2.20 18.01 -2.57
C GLY A 38 2.59 17.75 -1.14
N ALA A 39 2.12 16.63 -0.59
CA ALA A 39 2.43 16.26 0.79
C ALA A 39 3.93 16.18 1.01
N ARG A 40 4.38 16.61 2.19
CA ARG A 40 5.80 16.58 2.53
C ARG A 40 6.01 15.99 3.91
N GLY A 41 6.46 14.73 3.94
CA GLY A 41 6.70 14.06 5.20
C GLY A 41 7.28 12.67 5.03
N VAL A 42 6.86 11.74 5.88
CA VAL A 42 7.33 10.37 5.81
C VAL A 42 6.18 9.38 5.72
N ILE A 43 6.26 8.45 4.78
CA ILE A 43 5.21 7.45 4.59
C ILE A 43 5.56 6.15 5.31
N ASP A 44 4.70 5.74 6.24
CA ASP A 44 4.90 4.52 7.01
C ASP A 44 3.90 3.46 6.60
N ALA A 45 4.40 2.33 6.07
CA ALA A 45 3.53 1.24 5.66
C ALA A 45 3.69 0.04 6.58
N ARG A 46 2.57 -0.62 6.88
CA ARG A 46 2.59 -1.78 7.76
C ARG A 46 1.53 -2.80 7.34
N VAL A 47 1.97 -4.03 7.06
CA VAL A 47 1.05 -5.08 6.65
C VAL A 47 0.64 -5.96 7.83
N HIS A 48 -0.61 -6.40 7.82
CA HIS A 48 -1.13 -7.25 8.89
C HIS A 48 -1.53 -8.62 8.36
N THR A 49 -0.78 -9.64 8.74
CA THR A 49 -1.07 -11.00 8.30
C THR A 49 -2.37 -11.52 8.89
N PRO A 50 -3.05 -12.39 8.14
CA PRO A 50 -4.33 -12.97 8.58
C PRO A 50 -4.16 -13.95 9.72
N SER A 51 -2.91 -14.19 10.11
CA SER A 51 -2.61 -15.11 11.19
C SER A 51 -2.67 -14.40 12.55
N GLY A 52 -1.93 -13.30 12.67
CA GLY A 52 -1.92 -12.55 13.90
C GLY A 52 -0.54 -11.99 14.23
N ALA A 53 0.21 -11.65 13.19
CA ALA A 53 1.55 -11.09 13.36
C ALA A 53 1.71 -9.79 12.60
N VAL A 54 2.20 -8.76 13.29
CA VAL A 54 2.39 -7.45 12.67
C VAL A 54 3.72 -7.41 11.92
N GLU A 55 3.63 -7.47 10.59
CA GLU A 55 4.83 -7.44 9.75
C GLU A 55 5.23 -6.00 9.45
N GLU A 56 6.45 -5.83 8.94
CA GLU A 56 6.95 -4.51 8.60
C GLU A 56 7.20 -4.38 7.10
N CYS A 57 6.94 -3.19 6.55
CA CYS A 57 7.13 -2.94 5.13
C CYS A 57 8.55 -2.46 4.84
N TYR A 58 8.94 -2.49 3.58
CA TYR A 58 10.26 -2.06 3.17
C TYR A 58 10.21 -0.71 2.48
N VAL A 59 10.46 0.35 3.24
CA VAL A 59 10.44 1.70 2.70
C VAL A 59 11.65 2.50 3.20
N SER A 60 12.35 3.14 2.26
CA SER A 60 13.52 3.94 2.59
C SER A 60 13.12 5.38 2.92
N GLU A 61 14.12 6.19 3.25
CA GLU A 61 13.88 7.59 3.59
C GLU A 61 13.43 8.38 2.36
N LEU A 62 12.87 9.56 2.58
CA LEU A 62 12.39 10.40 1.50
C LEU A 62 13.55 11.10 0.80
N ASP A 63 13.71 10.84 -0.49
CA ASP A 63 14.79 11.45 -1.26
C ASP A 63 14.25 12.00 -2.59
N SER A 64 13.34 11.26 -3.21
CA SER A 64 12.75 11.66 -4.48
C SER A 64 11.27 11.96 -4.32
N ASP A 65 10.93 12.71 -3.28
CA ASP A 65 9.54 13.08 -3.02
C ASP A 65 8.61 11.89 -3.28
N LYS A 66 9.09 10.69 -2.97
CA LYS A 66 8.31 9.48 -3.18
C LYS A 66 8.78 8.36 -2.26
N HIS A 67 7.94 7.34 -2.10
CA HIS A 67 8.28 6.21 -1.23
C HIS A 67 8.03 4.90 -1.96
N THR A 68 8.88 3.91 -1.71
CA THR A 68 8.75 2.60 -2.34
C THR A 68 8.57 1.50 -1.29
N ILE A 69 7.42 0.84 -1.33
CA ILE A 69 7.12 -0.24 -0.39
C ILE A 69 7.32 -1.60 -1.03
N ARG A 70 7.90 -2.53 -0.27
CA ARG A 70 8.14 -3.87 -0.77
C ARG A 70 7.87 -4.91 0.32
N PHE A 71 7.00 -5.87 0.02
CA PHE A 71 6.65 -6.91 0.97
C PHE A 71 6.09 -8.14 0.25
N ILE A 72 6.29 -9.31 0.85
CA ILE A 72 5.80 -10.55 0.26
C ILE A 72 4.82 -11.26 1.20
N PRO A 73 3.61 -11.52 0.69
CA PRO A 73 2.56 -12.19 1.47
C PRO A 73 2.87 -13.66 1.72
N HIS A 74 3.67 -13.92 2.74
CA HIS A 74 4.06 -15.28 3.10
C HIS A 74 2.86 -16.22 2.99
N GLU A 75 1.68 -15.71 3.32
CA GLU A 75 0.46 -16.50 3.25
C GLU A 75 -0.60 -15.82 2.39
N ASN A 76 -1.75 -16.46 2.24
CA ASN A 76 -2.84 -15.93 1.44
C ASN A 76 -3.81 -15.13 2.31
N GLY A 77 -4.64 -14.31 1.65
CA GLY A 77 -5.60 -13.51 2.38
C GLY A 77 -5.39 -12.02 2.18
N VAL A 78 -6.45 -11.24 2.36
CA VAL A 78 -6.37 -9.79 2.19
C VAL A 78 -5.58 -9.15 3.34
N HIS A 79 -4.48 -8.50 2.99
CA HIS A 79 -3.63 -7.84 3.98
C HIS A 79 -4.05 -6.38 4.17
N SER A 80 -3.80 -5.85 5.36
CA SER A 80 -4.15 -4.47 5.67
C SER A 80 -2.92 -3.58 5.66
N ILE A 81 -2.79 -2.79 4.60
CA ILE A 81 -1.65 -1.87 4.46
C ILE A 81 -1.91 -0.56 5.19
N ASP A 82 -1.30 -0.42 6.35
CA ASP A 82 -1.47 0.80 7.15
C ASP A 82 -0.50 1.89 6.69
N VAL A 83 -1.01 2.85 5.92
CA VAL A 83 -0.19 3.94 5.42
C VAL A 83 -0.46 5.23 6.18
N LYS A 84 0.53 5.67 6.95
CA LYS A 84 0.41 6.90 7.73
C LYS A 84 1.31 7.99 7.18
N PHE A 85 1.00 9.24 7.53
CA PHE A 85 1.78 10.38 7.06
C PHE A 85 2.05 11.35 8.20
N ASN A 86 3.32 11.52 8.54
CA ASN A 86 3.71 12.44 9.62
C ASN A 86 2.68 12.42 10.74
N GLY A 87 2.21 11.22 11.10
CA GLY A 87 1.23 11.09 12.16
C GLY A 87 -0.17 11.42 11.69
N ALA A 88 -0.47 11.08 10.44
CA ALA A 88 -1.79 11.34 9.87
C ALA A 88 -2.19 10.23 8.90
N HIS A 89 -3.32 9.58 9.19
CA HIS A 89 -3.81 8.50 8.33
C HIS A 89 -4.34 9.05 7.01
N ILE A 90 -4.09 8.33 5.92
CA ILE A 90 -4.53 8.74 4.61
C ILE A 90 -5.94 8.21 4.31
N PRO A 91 -6.68 8.94 3.48
CA PRO A 91 -8.05 8.57 3.09
C PRO A 91 -8.08 7.34 2.19
N GLY A 92 -8.44 6.20 2.77
CA GLY A 92 -8.51 4.97 2.00
C GLY A 92 -7.77 3.83 2.66
N SER A 93 -6.89 4.17 3.60
CA SER A 93 -6.11 3.16 4.32
C SER A 93 -6.86 2.67 5.56
N PRO A 94 -6.57 1.43 5.97
CA PRO A 94 -5.59 0.58 5.28
C PRO A 94 -6.08 0.11 3.92
N PHE A 95 -5.15 -0.02 2.98
CA PHE A 95 -5.49 -0.46 1.63
C PHE A 95 -5.64 -1.98 1.57
N LYS A 96 -6.88 -2.42 1.41
CA LYS A 96 -7.18 -3.85 1.34
C LYS A 96 -6.70 -4.44 0.01
N ILE A 97 -5.59 -5.17 0.06
CA ILE A 97 -5.03 -5.79 -1.14
C ILE A 97 -5.30 -7.28 -1.16
N ARG A 98 -5.89 -7.76 -2.24
CA ARG A 98 -6.20 -9.19 -2.38
C ARG A 98 -5.00 -9.95 -2.94
N VAL A 99 -4.52 -10.92 -2.18
CA VAL A 99 -3.38 -11.73 -2.59
C VAL A 99 -3.82 -13.08 -3.13
N GLY A 100 -3.10 -13.58 -4.13
CA GLY A 100 -3.44 -14.87 -4.72
C GLY A 100 -4.64 -14.78 -5.63
N GLU A 101 -4.40 -14.91 -6.94
CA GLU A 101 -5.47 -14.84 -7.92
C GLU A 101 -5.68 -16.20 -8.58
N GLN A 102 -6.93 -16.50 -8.93
CA GLN A 102 -7.27 -17.77 -9.56
C GLN A 102 -7.02 -17.70 -11.07
N SER A 103 -6.18 -18.60 -11.55
CA SER A 103 -5.84 -18.65 -12.97
C SER A 103 -6.85 -19.48 -13.74
N GLN A 104 -7.09 -19.12 -15.00
CA GLN A 104 -8.04 -19.83 -15.84
C GLN A 104 -7.32 -20.77 -16.79
N ALA A 105 -7.65 -22.06 -16.71
CA ALA A 105 -7.03 -23.07 -17.57
C ALA A 105 -7.23 -22.73 -19.04
N GLY A 106 -6.19 -22.92 -19.84
CA GLY A 106 -6.27 -22.63 -21.26
C GLY A 106 -6.39 -23.90 -22.10
N SER A 107 -6.21 -23.74 -23.41
CA SER A 107 -6.29 -24.87 -24.33
C SER A 107 -4.91 -25.46 -24.59
N GLY A 108 -3.93 -24.58 -24.80
CA GLY A 108 -2.58 -25.04 -25.06
C GLY A 108 -2.46 -25.76 -26.39
N PRO A 109 -1.39 -26.58 -26.53
CA PRO A 109 -1.14 -27.35 -27.75
C PRO A 109 -2.15 -28.47 -27.95
N SER A 110 -2.74 -28.51 -29.14
CA SER A 110 -3.73 -29.54 -29.45
C SER A 110 -3.22 -30.47 -30.56
N SER A 111 -3.58 -31.74 -30.47
CA SER A 111 -3.16 -32.73 -31.45
C SER A 111 -4.35 -33.24 -32.25
N GLY A 112 -4.10 -33.62 -33.50
CA GLY A 112 -5.16 -34.13 -34.35
C GLY A 112 -5.85 -33.02 -35.13
N GLY A 1 -7.91 31.40 16.23
CA GLY A 1 -9.25 31.87 15.95
C GLY A 1 -9.77 31.35 14.63
N SER A 2 -10.52 30.24 14.68
CA SER A 2 -11.08 29.64 13.48
C SER A 2 -12.55 29.29 13.67
N SER A 3 -13.29 29.24 12.57
CA SER A 3 -14.71 28.92 12.63
C SER A 3 -15.15 28.17 11.37
N GLY A 4 -16.01 27.18 11.55
CA GLY A 4 -16.50 26.40 10.43
C GLY A 4 -15.65 25.17 10.18
N SER A 5 -15.62 24.72 8.93
CA SER A 5 -14.85 23.53 8.56
C SER A 5 -13.42 23.92 8.19
N SER A 6 -12.51 23.77 9.15
CA SER A 6 -11.10 24.10 8.93
C SER A 6 -10.21 22.90 9.23
N GLY A 7 -9.12 22.78 8.48
CA GLY A 7 -8.20 21.68 8.68
C GLY A 7 -7.09 21.66 7.65
N SER A 8 -5.84 21.67 8.12
CA SER A 8 -4.69 21.66 7.23
C SER A 8 -4.06 20.27 7.17
N ASP A 9 -4.43 19.49 6.16
CA ASP A 9 -3.90 18.14 6.00
C ASP A 9 -3.43 17.92 4.57
N ASP A 10 -2.19 17.45 4.43
CA ASP A 10 -1.62 17.19 3.11
C ASP A 10 -1.60 15.70 2.82
N ALA A 11 -2.05 14.90 3.78
CA ALA A 11 -2.08 13.45 3.62
C ALA A 11 -3.17 13.02 2.65
N ARG A 12 -4.15 13.91 2.44
CA ARG A 12 -5.25 13.62 1.54
C ARG A 12 -4.78 13.60 0.09
N ARG A 13 -3.77 14.40 -0.21
CA ARG A 13 -3.22 14.48 -1.56
C ARG A 13 -2.49 13.20 -1.93
N LEU A 14 -2.11 12.42 -0.91
CA LEU A 14 -1.42 11.17 -1.12
C LEU A 14 -2.29 10.17 -1.88
N THR A 15 -1.66 9.36 -2.72
CA THR A 15 -2.38 8.36 -3.50
C THR A 15 -1.45 7.25 -3.97
N VAL A 16 -2.03 6.19 -4.53
CA VAL A 16 -1.25 5.06 -5.02
C VAL A 16 -1.87 4.48 -6.28
N THR A 17 -1.02 4.11 -7.24
CA THR A 17 -1.48 3.53 -8.49
C THR A 17 -0.80 2.21 -8.78
N SER A 18 0.52 2.26 -9.00
CA SER A 18 1.29 1.05 -9.29
C SER A 18 0.74 -0.14 -8.52
N LEU A 19 0.29 0.10 -7.30
CA LEU A 19 -0.26 -0.95 -6.45
C LEU A 19 -1.34 -1.73 -7.20
N GLN A 20 -1.31 -3.05 -7.07
CA GLN A 20 -2.29 -3.91 -7.73
C GLN A 20 -3.42 -4.29 -6.78
N GLU A 21 -4.55 -3.59 -6.89
CA GLU A 21 -5.70 -3.86 -6.03
C GLU A 21 -5.94 -5.35 -5.89
N THR A 22 -5.94 -6.06 -7.02
CA THR A 22 -6.16 -7.50 -7.03
C THR A 22 -5.36 -8.17 -8.15
N GLY A 23 -4.70 -9.27 -7.82
CA GLY A 23 -3.93 -10.00 -8.80
C GLY A 23 -2.55 -10.38 -8.29
N LEU A 24 -2.19 -9.86 -7.12
CA LEU A 24 -0.90 -10.15 -6.53
C LEU A 24 -0.82 -11.60 -6.05
N LYS A 25 0.20 -12.32 -6.52
CA LYS A 25 0.38 -13.71 -6.15
C LYS A 25 1.08 -13.83 -4.81
N VAL A 26 0.96 -15.00 -4.18
CA VAL A 26 1.59 -15.24 -2.89
C VAL A 26 3.09 -15.51 -3.05
N ASN A 27 3.86 -15.19 -2.01
CA ASN A 27 5.30 -15.40 -2.03
C ASN A 27 5.95 -14.59 -3.14
N GLN A 28 5.33 -13.46 -3.48
CA GLN A 28 5.85 -12.58 -4.52
C GLN A 28 6.18 -11.20 -3.97
N PRO A 29 7.33 -10.66 -4.37
CA PRO A 29 7.79 -9.34 -3.93
C PRO A 29 6.94 -8.21 -4.50
N ALA A 30 5.88 -7.85 -3.80
CA ALA A 30 4.99 -6.79 -4.24
C ALA A 30 5.50 -5.43 -3.79
N SER A 31 5.47 -4.45 -4.70
CA SER A 31 5.94 -3.11 -4.39
C SER A 31 5.21 -2.08 -5.25
N PHE A 32 5.06 -0.87 -4.71
CA PHE A 32 4.39 0.21 -5.43
C PHE A 32 4.94 1.57 -5.02
N ALA A 33 4.46 2.62 -5.67
CA ALA A 33 4.90 3.98 -5.37
C ALA A 33 3.76 4.83 -4.84
N VAL A 34 4.04 5.63 -3.82
CA VAL A 34 3.03 6.50 -3.23
C VAL A 34 3.28 7.96 -3.57
N GLN A 35 2.42 8.52 -4.43
CA GLN A 35 2.56 9.91 -4.84
C GLN A 35 2.10 10.85 -3.73
N LEU A 36 2.84 11.95 -3.55
CA LEU A 36 2.50 12.92 -2.51
C LEU A 36 1.54 13.97 -3.05
N ASN A 37 1.77 14.41 -4.29
CA ASN A 37 0.90 15.40 -4.91
C ASN A 37 0.92 16.71 -4.13
N GLY A 38 2.05 16.99 -3.48
CA GLY A 38 2.18 18.20 -2.71
C GLY A 38 2.17 17.95 -1.21
N ALA A 39 2.85 16.89 -0.80
CA ALA A 39 2.93 16.53 0.61
C ALA A 39 4.37 16.31 1.06
N ARG A 40 4.63 16.53 2.34
CA ARG A 40 5.97 16.37 2.88
C ARG A 40 5.91 15.77 4.29
N GLY A 41 6.46 14.57 4.44
CA GLY A 41 6.46 13.92 5.75
C GLY A 41 7.18 12.58 5.71
N VAL A 42 6.58 11.58 6.37
CA VAL A 42 7.17 10.25 6.41
C VAL A 42 6.12 9.18 6.17
N ILE A 43 6.32 8.39 5.11
CA ILE A 43 5.38 7.33 4.77
C ILE A 43 5.73 6.03 5.49
N ASP A 44 4.85 5.59 6.37
CA ASP A 44 5.06 4.36 7.13
C ASP A 44 4.20 3.22 6.57
N ALA A 45 4.86 2.15 6.14
CA ALA A 45 4.17 1.00 5.58
C ALA A 45 4.23 -0.19 6.54
N ARG A 46 3.09 -0.83 6.77
CA ARG A 46 3.02 -1.97 7.66
C ARG A 46 1.87 -2.90 7.26
N VAL A 47 2.21 -4.15 6.93
CA VAL A 47 1.22 -5.13 6.53
C VAL A 47 0.84 -6.04 7.70
N HIS A 48 -0.42 -6.46 7.72
CA HIS A 48 -0.91 -7.34 8.79
C HIS A 48 -1.31 -8.69 8.23
N THR A 49 -0.77 -9.76 8.82
CA THR A 49 -1.07 -11.12 8.37
C THR A 49 -2.37 -11.63 9.00
N PRO A 50 -3.08 -12.48 8.27
CA PRO A 50 -4.35 -13.06 8.73
C PRO A 50 -4.15 -14.05 9.88
N SER A 51 -2.88 -14.30 10.22
CA SER A 51 -2.57 -15.22 11.30
C SER A 51 -2.51 -14.50 12.64
N GLY A 52 -2.40 -13.18 12.59
CA GLY A 52 -2.35 -12.39 13.80
C GLY A 52 -0.94 -11.94 14.14
N ALA A 53 -0.12 -11.74 13.12
CA ALA A 53 1.25 -11.30 13.31
C ALA A 53 1.55 -10.02 12.53
N VAL A 54 2.06 -9.02 13.22
CA VAL A 54 2.38 -7.74 12.60
C VAL A 54 3.71 -7.81 11.86
N GLU A 55 3.64 -7.78 10.53
CA GLU A 55 4.84 -7.84 9.71
C GLU A 55 5.39 -6.44 9.44
N GLU A 56 6.63 -6.38 8.96
CA GLU A 56 7.27 -5.10 8.67
C GLU A 56 7.50 -4.95 7.16
N CYS A 57 7.34 -3.73 6.67
CA CYS A 57 7.53 -3.44 5.26
C CYS A 57 8.90 -2.84 5.01
N TYR A 58 9.17 -2.49 3.75
CA TYR A 58 10.45 -1.91 3.37
C TYR A 58 10.25 -0.60 2.61
N VAL A 59 10.60 0.52 3.26
CA VAL A 59 10.46 1.82 2.64
C VAL A 59 11.70 2.68 2.87
N SER A 60 12.35 3.08 1.78
CA SER A 60 13.55 3.90 1.86
C SER A 60 13.20 5.37 2.06
N GLU A 61 14.14 6.13 2.63
CA GLU A 61 13.93 7.55 2.87
C GLU A 61 13.51 8.26 1.59
N LEU A 62 13.00 9.48 1.74
CA LEU A 62 12.57 10.27 0.60
C LEU A 62 13.74 10.63 -0.31
N ASP A 63 13.52 10.52 -1.61
CA ASP A 63 14.57 10.84 -2.58
C ASP A 63 14.06 11.82 -3.63
N SER A 64 12.95 11.48 -4.27
CA SER A 64 12.36 12.32 -5.30
C SER A 64 10.91 12.66 -4.96
N ASP A 65 10.67 13.02 -3.70
CA ASP A 65 9.34 13.37 -3.25
C ASP A 65 8.39 12.18 -3.39
N LYS A 66 8.86 11.00 -3.00
CA LYS A 66 8.05 9.79 -3.09
C LYS A 66 8.55 8.74 -2.10
N HIS A 67 7.88 7.59 -2.08
CA HIS A 67 8.26 6.50 -1.18
C HIS A 67 7.94 5.14 -1.81
N THR A 68 8.94 4.27 -1.83
CA THR A 68 8.77 2.94 -2.40
C THR A 68 8.51 1.90 -1.32
N ILE A 69 7.56 1.01 -1.58
CA ILE A 69 7.21 -0.03 -0.62
C ILE A 69 7.47 -1.42 -1.21
N ARG A 70 7.87 -2.34 -0.34
CA ARG A 70 8.16 -3.71 -0.77
C ARG A 70 7.83 -4.70 0.34
N PHE A 71 6.95 -5.65 0.06
CA PHE A 71 6.57 -6.66 1.03
C PHE A 71 5.95 -7.88 0.34
N ILE A 72 6.06 -9.03 0.99
CA ILE A 72 5.52 -10.28 0.43
C ILE A 72 4.50 -10.90 1.38
N PRO A 73 3.32 -11.24 0.84
CA PRO A 73 2.24 -11.85 1.62
C PRO A 73 2.57 -13.27 2.05
N HIS A 74 3.30 -13.40 3.15
CA HIS A 74 3.68 -14.70 3.68
C HIS A 74 2.50 -15.67 3.66
N GLU A 75 1.29 -15.12 3.77
CA GLU A 75 0.08 -15.93 3.77
C GLU A 75 -0.93 -15.39 2.75
N ASN A 76 -1.98 -16.17 2.51
CA ASN A 76 -3.02 -15.77 1.56
C ASN A 76 -4.10 -14.96 2.25
N GLY A 77 -4.93 -14.28 1.47
CA GLY A 77 -6.00 -13.48 2.02
C GLY A 77 -5.76 -11.99 1.84
N VAL A 78 -6.74 -11.19 2.24
CA VAL A 78 -6.63 -9.73 2.13
C VAL A 78 -5.86 -9.15 3.30
N HIS A 79 -4.68 -8.61 3.01
CA HIS A 79 -3.84 -8.01 4.05
C HIS A 79 -4.20 -6.54 4.26
N SER A 80 -3.82 -6.00 5.41
CA SER A 80 -4.10 -4.61 5.73
C SER A 80 -2.84 -3.76 5.64
N ILE A 81 -2.76 -2.93 4.59
CA ILE A 81 -1.59 -2.07 4.39
C ILE A 81 -1.77 -0.74 5.13
N ASP A 82 -1.00 -0.57 6.20
CA ASP A 82 -1.06 0.66 6.99
C ASP A 82 -0.18 1.74 6.38
N VAL A 83 -0.77 2.91 6.14
CA VAL A 83 -0.04 4.03 5.56
C VAL A 83 -0.27 5.31 6.35
N LYS A 84 0.75 5.75 7.09
CA LYS A 84 0.66 6.97 7.89
C LYS A 84 1.54 8.06 7.31
N PHE A 85 1.15 9.31 7.54
CA PHE A 85 1.91 10.45 7.05
C PHE A 85 1.91 11.59 8.07
N ASN A 86 3.08 11.83 8.67
CA ASN A 86 3.22 12.89 9.67
C ASN A 86 2.33 12.62 10.87
N GLY A 87 2.06 11.33 11.12
CA GLY A 87 1.23 10.96 12.25
C GLY A 87 -0.25 11.04 11.93
N ALA A 88 -0.58 10.83 10.66
CA ALA A 88 -1.97 10.87 10.23
C ALA A 88 -2.29 9.72 9.28
N HIS A 89 -3.54 9.28 9.28
CA HIS A 89 -3.97 8.18 8.42
C HIS A 89 -4.51 8.71 7.10
N ILE A 90 -3.98 8.18 5.99
CA ILE A 90 -4.42 8.59 4.67
C ILE A 90 -5.82 8.10 4.36
N PRO A 91 -6.55 8.86 3.52
CA PRO A 91 -7.92 8.51 3.13
C PRO A 91 -7.97 7.27 2.24
N GLY A 92 -8.40 6.16 2.81
CA GLY A 92 -8.50 4.93 2.05
C GLY A 92 -7.76 3.78 2.71
N SER A 93 -6.88 4.11 3.65
CA SER A 93 -6.10 3.10 4.35
C SER A 93 -6.85 2.59 5.59
N PRO A 94 -6.55 1.35 5.99
CA PRO A 94 -5.57 0.50 5.29
C PRO A 94 -6.06 0.05 3.92
N PHE A 95 -5.12 -0.11 3.00
CA PHE A 95 -5.45 -0.55 1.64
C PHE A 95 -5.62 -2.06 1.58
N LYS A 96 -6.87 -2.51 1.53
CA LYS A 96 -7.17 -3.93 1.46
C LYS A 96 -6.83 -4.49 0.09
N ILE A 97 -5.72 -5.23 0.01
CA ILE A 97 -5.28 -5.82 -1.24
C ILE A 97 -5.55 -7.33 -1.27
N ARG A 98 -6.12 -7.81 -2.36
CA ARG A 98 -6.43 -9.23 -2.51
C ARG A 98 -5.21 -10.01 -2.96
N VAL A 99 -4.74 -10.94 -2.12
CA VAL A 99 -3.59 -11.75 -2.44
C VAL A 99 -3.98 -13.17 -2.78
N GLY A 100 -3.65 -13.61 -3.98
CA GLY A 100 -3.99 -14.96 -4.41
C GLY A 100 -5.36 -15.04 -5.05
N GLU A 101 -5.41 -14.92 -6.37
CA GLU A 101 -6.67 -14.98 -7.10
C GLU A 101 -6.91 -16.37 -7.67
N GLN A 102 -8.14 -16.64 -8.10
CA GLN A 102 -8.49 -17.93 -8.66
C GLN A 102 -8.60 -17.85 -10.18
N SER A 103 -8.43 -18.99 -10.85
CA SER A 103 -8.52 -19.03 -12.30
C SER A 103 -9.96 -19.01 -12.77
N GLN A 104 -10.21 -18.35 -13.90
CA GLN A 104 -11.55 -18.26 -14.45
C GLN A 104 -11.76 -19.28 -15.56
N ALA A 105 -12.71 -20.18 -15.35
CA ALA A 105 -13.01 -21.22 -16.33
C ALA A 105 -14.33 -20.93 -17.06
N GLY A 106 -14.62 -21.72 -18.08
CA GLY A 106 -15.84 -21.53 -18.84
C GLY A 106 -16.24 -22.77 -19.61
N SER A 107 -16.71 -23.79 -18.90
CA SER A 107 -17.12 -25.04 -19.53
C SER A 107 -18.06 -24.78 -20.70
N GLY A 108 -18.29 -25.80 -21.51
CA GLY A 108 -19.17 -25.66 -22.65
C GLY A 108 -20.34 -26.63 -22.62
N PRO A 109 -20.92 -26.91 -23.78
CA PRO A 109 -22.06 -27.83 -23.91
C PRO A 109 -21.66 -29.28 -23.66
N SER A 110 -22.49 -30.00 -22.92
CA SER A 110 -22.22 -31.40 -22.61
C SER A 110 -22.79 -32.31 -23.69
N SER A 111 -24.02 -32.02 -24.12
CA SER A 111 -24.68 -32.82 -25.14
C SER A 111 -24.37 -34.31 -24.94
N GLY A 112 -24.53 -34.78 -23.72
CA GLY A 112 -24.27 -36.17 -23.41
C GLY A 112 -24.40 -36.48 -21.94
N GLY A 1 -19.90 26.74 21.09
CA GLY A 1 -18.69 25.96 21.35
C GLY A 1 -17.46 26.58 20.71
N SER A 2 -17.48 26.71 19.39
CA SER A 2 -16.35 27.27 18.66
C SER A 2 -16.78 27.67 17.25
N SER A 3 -15.95 28.50 16.61
CA SER A 3 -16.24 28.98 15.26
C SER A 3 -16.82 27.86 14.40
N GLY A 4 -16.14 26.71 14.40
CA GLY A 4 -16.60 25.58 13.62
C GLY A 4 -15.63 24.42 13.64
N SER A 5 -15.74 23.53 12.66
CA SER A 5 -14.86 22.38 12.57
C SER A 5 -13.63 22.69 11.72
N SER A 6 -12.48 22.76 12.37
CA SER A 6 -11.22 23.05 11.68
C SER A 6 -10.38 21.79 11.52
N GLY A 7 -10.19 21.37 10.28
CA GLY A 7 -9.39 20.18 10.01
C GLY A 7 -8.71 20.23 8.66
N SER A 8 -7.41 19.95 8.64
CA SER A 8 -6.64 19.96 7.41
C SER A 8 -5.40 19.07 7.53
N ASP A 9 -5.12 18.32 6.46
CA ASP A 9 -3.96 17.43 6.45
C ASP A 9 -3.46 17.22 5.03
N ASP A 10 -2.15 17.11 4.87
CA ASP A 10 -1.54 16.90 3.57
C ASP A 10 -1.58 15.43 3.18
N ALA A 11 -1.96 14.58 4.13
CA ALA A 11 -2.04 13.14 3.89
C ALA A 11 -3.15 12.82 2.91
N ARG A 12 -3.92 13.83 2.52
CA ARG A 12 -5.03 13.65 1.59
C ARG A 12 -4.53 13.74 0.15
N ARG A 13 -3.44 14.45 -0.06
CA ARG A 13 -2.86 14.61 -1.40
C ARG A 13 -2.12 13.35 -1.82
N LEU A 14 -1.88 12.46 -0.85
CA LEU A 14 -1.18 11.20 -1.12
C LEU A 14 -2.06 10.25 -1.92
N THR A 15 -1.41 9.42 -2.75
CA THR A 15 -2.14 8.45 -3.56
C THR A 15 -1.22 7.31 -3.99
N VAL A 16 -1.83 6.17 -4.34
CA VAL A 16 -1.07 5.00 -4.77
C VAL A 16 -1.69 4.37 -6.01
N THR A 17 -0.86 4.14 -7.03
CA THR A 17 -1.33 3.54 -8.27
C THR A 17 -0.74 2.15 -8.46
N SER A 18 0.57 2.10 -8.67
CA SER A 18 1.26 0.82 -8.88
C SER A 18 0.62 -0.28 -8.04
N LEU A 19 0.31 0.05 -6.78
CA LEU A 19 -0.30 -0.92 -5.88
C LEU A 19 -1.50 -1.60 -6.52
N GLN A 20 -1.45 -2.92 -6.61
CA GLN A 20 -2.53 -3.69 -7.21
C GLN A 20 -3.55 -4.10 -6.16
N GLU A 21 -4.76 -3.54 -6.25
CA GLU A 21 -5.82 -3.86 -5.31
C GLU A 21 -6.07 -5.36 -5.26
N THR A 22 -6.26 -5.97 -6.43
CA THR A 22 -6.51 -7.40 -6.51
C THR A 22 -5.81 -8.01 -7.72
N GLY A 23 -5.21 -9.18 -7.52
CA GLY A 23 -4.51 -9.85 -8.60
C GLY A 23 -3.13 -10.32 -8.20
N LEU A 24 -2.59 -9.74 -7.13
CA LEU A 24 -1.26 -10.11 -6.64
C LEU A 24 -1.20 -11.60 -6.32
N LYS A 25 -0.01 -12.17 -6.46
CA LYS A 25 0.18 -13.59 -6.18
C LYS A 25 0.78 -13.79 -4.79
N VAL A 26 0.68 -15.02 -4.27
CA VAL A 26 1.20 -15.34 -2.95
C VAL A 26 2.72 -15.46 -2.98
N ASN A 27 3.36 -15.09 -1.88
CA ASN A 27 4.82 -15.16 -1.78
C ASN A 27 5.48 -14.52 -2.99
N GLN A 28 4.96 -13.35 -3.39
CA GLN A 28 5.49 -12.63 -4.54
C GLN A 28 5.93 -11.23 -4.14
N PRO A 29 7.08 -10.79 -4.68
CA PRO A 29 7.63 -9.46 -4.39
C PRO A 29 6.80 -8.34 -5.01
N ALA A 30 5.97 -7.70 -4.20
CA ALA A 30 5.12 -6.61 -4.66
C ALA A 30 5.62 -5.27 -4.15
N SER A 31 5.84 -4.33 -5.07
CA SER A 31 6.32 -3.01 -4.71
C SER A 31 5.62 -1.93 -5.53
N PHE A 32 5.43 -0.76 -4.92
CA PHE A 32 4.77 0.35 -5.60
C PHE A 32 5.28 1.69 -5.07
N ALA A 33 4.81 2.77 -5.67
CA ALA A 33 5.22 4.12 -5.26
C ALA A 33 4.04 4.90 -4.72
N VAL A 34 4.33 5.85 -3.83
CA VAL A 34 3.29 6.68 -3.23
C VAL A 34 3.57 8.16 -3.46
N GLN A 35 2.85 8.74 -4.42
CA GLN A 35 3.03 10.16 -4.74
C GLN A 35 2.45 11.05 -3.64
N LEU A 36 3.19 12.09 -3.28
CA LEU A 36 2.75 13.01 -2.24
C LEU A 36 1.89 14.12 -2.82
N ASN A 37 2.15 14.47 -4.07
CA ASN A 37 1.38 15.52 -4.74
C ASN A 37 1.44 16.82 -3.95
N GLY A 38 2.51 17.01 -3.18
CA GLY A 38 2.65 18.21 -2.39
C GLY A 38 2.40 17.97 -0.92
N ALA A 39 2.99 16.89 -0.39
CA ALA A 39 2.82 16.55 1.02
C ALA A 39 4.14 16.11 1.63
N ARG A 40 4.49 16.70 2.77
CA ARG A 40 5.73 16.38 3.45
C ARG A 40 5.44 15.67 4.77
N GLY A 41 6.16 14.58 5.02
CA GLY A 41 5.97 13.83 6.26
C GLY A 41 6.74 12.52 6.26
N VAL A 42 6.21 11.53 6.97
CA VAL A 42 6.85 10.22 7.05
C VAL A 42 5.87 9.10 6.72
N ILE A 43 6.13 8.42 5.62
CA ILE A 43 5.27 7.32 5.17
C ILE A 43 5.62 6.03 5.91
N ASP A 44 4.66 5.53 6.69
CA ASP A 44 4.86 4.30 7.44
C ASP A 44 4.05 3.15 6.84
N ALA A 45 4.74 2.16 6.32
CA ALA A 45 4.08 1.01 5.71
C ALA A 45 4.19 -0.22 6.60
N ARG A 46 3.06 -0.89 6.82
CA ARG A 46 3.02 -2.07 7.68
C ARG A 46 1.84 -2.96 7.30
N VAL A 47 2.13 -4.22 6.99
CA VAL A 47 1.10 -5.17 6.61
C VAL A 47 0.66 -6.01 7.81
N HIS A 48 -0.62 -6.35 7.85
CA HIS A 48 -1.17 -7.16 8.95
C HIS A 48 -1.65 -8.50 8.44
N THR A 49 -0.96 -9.57 8.84
CA THR A 49 -1.32 -10.92 8.43
C THR A 49 -2.63 -11.36 9.07
N PRO A 50 -3.38 -12.22 8.36
CA PRO A 50 -4.67 -12.73 8.85
C PRO A 50 -4.50 -13.70 10.02
N SER A 51 -3.25 -14.07 10.30
CA SER A 51 -2.97 -14.99 11.39
C SER A 51 -2.98 -14.26 12.73
N GLY A 52 -2.16 -13.22 12.84
CA GLY A 52 -2.08 -12.46 14.07
C GLY A 52 -0.67 -11.97 14.36
N ALA A 53 0.08 -11.66 13.30
CA ALA A 53 1.45 -11.19 13.46
C ALA A 53 1.66 -9.89 12.68
N VAL A 54 2.16 -8.86 13.37
CA VAL A 54 2.41 -7.57 12.74
C VAL A 54 3.69 -7.60 11.92
N GLU A 55 3.54 -7.67 10.60
CA GLU A 55 4.70 -7.70 9.71
C GLU A 55 5.21 -6.29 9.43
N GLU A 56 6.33 -6.20 8.71
CA GLU A 56 6.92 -4.91 8.38
C GLU A 56 7.24 -4.83 6.89
N CYS A 57 7.23 -3.61 6.35
CA CYS A 57 7.52 -3.40 4.94
C CYS A 57 8.89 -2.76 4.76
N TYR A 58 9.23 -2.44 3.52
CA TYR A 58 10.53 -1.84 3.20
C TYR A 58 10.33 -0.52 2.46
N VAL A 59 10.68 0.58 3.11
CA VAL A 59 10.54 1.90 2.52
C VAL A 59 11.82 2.72 2.70
N SER A 60 12.43 3.11 1.58
CA SER A 60 13.66 3.89 1.62
C SER A 60 13.36 5.38 1.82
N GLU A 61 14.42 6.19 1.89
CA GLU A 61 14.26 7.62 2.08
C GLU A 61 13.54 8.25 0.90
N LEU A 62 13.21 9.53 1.03
CA LEU A 62 12.51 10.25 -0.02
C LEU A 62 13.48 10.68 -1.12
N ASP A 63 13.30 10.12 -2.32
CA ASP A 63 14.15 10.45 -3.45
C ASP A 63 13.50 11.50 -4.35
N SER A 64 12.41 11.11 -5.01
CA SER A 64 11.69 12.02 -5.90
C SER A 64 10.30 12.31 -5.35
N ASP A 65 10.24 13.01 -4.24
CA ASP A 65 8.97 13.37 -3.62
C ASP A 65 8.01 12.18 -3.63
N LYS A 66 8.56 10.97 -3.62
CA LYS A 66 7.76 9.76 -3.64
C LYS A 66 8.43 8.65 -2.83
N HIS A 67 7.62 7.83 -2.17
CA HIS A 67 8.13 6.73 -1.37
C HIS A 67 7.79 5.40 -2.01
N THR A 68 8.68 4.43 -1.84
CA THR A 68 8.47 3.09 -2.40
C THR A 68 8.36 2.04 -1.30
N ILE A 69 7.48 1.07 -1.50
CA ILE A 69 7.29 0.01 -0.52
C ILE A 69 7.57 -1.37 -1.14
N ARG A 70 7.99 -2.31 -0.30
CA ARG A 70 8.30 -3.65 -0.76
C ARG A 70 8.00 -4.68 0.33
N PHE A 71 7.13 -5.62 0.02
CA PHE A 71 6.76 -6.66 0.97
C PHE A 71 6.15 -7.87 0.26
N ILE A 72 6.43 -9.06 0.79
CA ILE A 72 5.91 -10.29 0.20
C ILE A 72 4.92 -10.97 1.14
N PRO A 73 3.72 -11.27 0.62
CA PRO A 73 2.66 -11.92 1.39
C PRO A 73 2.99 -13.37 1.70
N HIS A 74 3.30 -13.66 2.96
CA HIS A 74 3.64 -15.01 3.38
C HIS A 74 2.43 -15.95 3.22
N GLU A 75 1.30 -15.55 3.81
CA GLU A 75 0.08 -16.34 3.73
C GLU A 75 -0.99 -15.61 2.94
N ASN A 76 -1.71 -16.36 2.10
CA ASN A 76 -2.77 -15.78 1.29
C ASN A 76 -3.76 -15.00 2.15
N GLY A 77 -4.81 -14.47 1.52
CA GLY A 77 -5.81 -13.72 2.24
C GLY A 77 -5.61 -12.22 2.11
N VAL A 78 -6.67 -11.46 2.40
CA VAL A 78 -6.61 -10.01 2.30
C VAL A 78 -5.85 -9.41 3.47
N HIS A 79 -4.77 -8.69 3.16
CA HIS A 79 -3.95 -8.06 4.18
C HIS A 79 -4.32 -6.59 4.36
N SER A 80 -3.88 -6.00 5.47
CA SER A 80 -4.18 -4.60 5.76
C SER A 80 -2.90 -3.76 5.74
N ILE A 81 -2.81 -2.86 4.78
CA ILE A 81 -1.65 -2.00 4.65
C ILE A 81 -1.87 -0.67 5.37
N ASP A 82 -1.20 -0.48 6.49
CA ASP A 82 -1.32 0.75 7.27
C ASP A 82 -0.38 1.82 6.73
N VAL A 83 -0.94 2.81 6.05
CA VAL A 83 -0.15 3.90 5.48
C VAL A 83 -0.39 5.20 6.25
N LYS A 84 0.60 5.63 7.01
CA LYS A 84 0.50 6.85 7.80
C LYS A 84 1.50 7.89 7.29
N PHE A 85 1.11 9.17 7.38
CA PHE A 85 1.97 10.26 6.93
C PHE A 85 2.01 11.37 7.97
N ASN A 86 3.09 11.40 8.74
CA ASN A 86 3.25 12.41 9.78
C ASN A 86 2.08 12.39 10.76
N GLY A 87 1.76 11.20 11.26
CA GLY A 87 0.67 11.06 12.21
C GLY A 87 -0.68 11.42 11.59
N ALA A 88 -0.98 10.80 10.45
CA ALA A 88 -2.23 11.05 9.77
C ALA A 88 -2.58 9.92 8.80
N HIS A 89 -3.76 9.34 8.98
CA HIS A 89 -4.20 8.24 8.13
C HIS A 89 -4.61 8.74 6.76
N ILE A 90 -4.03 8.16 5.72
CA ILE A 90 -4.33 8.54 4.35
C ILE A 90 -5.71 8.05 3.93
N PRO A 91 -6.35 8.78 3.00
CA PRO A 91 -7.67 8.44 2.49
C PRO A 91 -7.67 7.19 1.63
N GLY A 92 -8.13 6.08 2.19
CA GLY A 92 -8.16 4.84 1.45
C GLY A 92 -7.52 3.69 2.21
N SER A 93 -6.72 4.03 3.21
CA SER A 93 -6.03 3.03 4.02
C SER A 93 -6.91 2.59 5.19
N PRO A 94 -6.69 1.35 5.66
CA PRO A 94 -5.68 0.46 5.08
C PRO A 94 -6.06 -0.03 3.69
N PHE A 95 -5.06 -0.16 2.82
CA PHE A 95 -5.29 -0.61 1.46
C PHE A 95 -5.50 -2.12 1.41
N LYS A 96 -6.76 -2.53 1.22
CA LYS A 96 -7.10 -3.94 1.16
C LYS A 96 -6.59 -4.58 -0.13
N ILE A 97 -5.56 -5.41 -0.02
CA ILE A 97 -4.98 -6.07 -1.18
C ILE A 97 -5.27 -7.57 -1.16
N ARG A 98 -5.74 -8.09 -2.28
CA ARG A 98 -6.05 -9.51 -2.39
C ARG A 98 -4.84 -10.30 -2.88
N VAL A 99 -4.42 -11.28 -2.09
CA VAL A 99 -3.27 -12.11 -2.43
C VAL A 99 -3.72 -13.52 -2.83
N GLY A 100 -3.33 -13.93 -4.03
CA GLY A 100 -3.69 -15.26 -4.50
C GLY A 100 -4.80 -15.22 -5.54
N GLU A 101 -4.45 -15.43 -6.80
CA GLU A 101 -5.42 -15.43 -7.88
C GLU A 101 -5.88 -16.84 -8.21
N GLN A 102 -7.17 -16.98 -8.48
CA GLN A 102 -7.75 -18.28 -8.81
C GLN A 102 -7.02 -18.93 -9.97
N SER A 103 -7.23 -20.22 -10.17
CA SER A 103 -6.59 -20.96 -11.26
C SER A 103 -7.48 -21.02 -12.48
N GLN A 104 -7.18 -20.19 -13.48
CA GLN A 104 -7.96 -20.16 -14.71
C GLN A 104 -7.57 -21.30 -15.64
N ALA A 105 -6.30 -21.70 -15.58
CA ALA A 105 -5.79 -22.78 -16.41
C ALA A 105 -6.42 -22.74 -17.80
N GLY A 106 -6.39 -21.56 -18.42
CA GLY A 106 -6.96 -21.40 -19.75
C GLY A 106 -6.16 -20.45 -20.62
N SER A 107 -6.84 -19.80 -21.56
CA SER A 107 -6.19 -18.85 -22.46
C SER A 107 -6.06 -17.48 -21.80
N GLY A 108 -4.85 -16.91 -21.88
CA GLY A 108 -4.63 -15.61 -21.28
C GLY A 108 -4.30 -14.55 -22.32
N PRO A 109 -4.52 -13.27 -21.96
CA PRO A 109 -4.26 -12.14 -22.85
C PRO A 109 -2.77 -11.92 -23.10
N SER A 110 -2.45 -10.98 -23.98
CA SER A 110 -1.06 -10.69 -24.30
C SER A 110 -0.96 -9.42 -25.16
N SER A 111 0.27 -8.97 -25.39
CA SER A 111 0.50 -7.77 -26.19
C SER A 111 -0.45 -7.74 -27.40
N GLY A 112 -1.27 -6.70 -27.47
CA GLY A 112 -2.21 -6.57 -28.56
C GLY A 112 -1.54 -6.72 -29.91
N GLY A 1 -8.29 19.16 22.43
CA GLY A 1 -8.03 17.82 22.93
C GLY A 1 -6.78 17.21 22.34
N SER A 2 -6.92 16.04 21.73
CA SER A 2 -5.78 15.34 21.13
C SER A 2 -5.90 15.32 19.61
N SER A 3 -7.06 14.91 19.12
CA SER A 3 -7.30 14.85 17.68
C SER A 3 -7.85 16.17 17.15
N GLY A 4 -7.10 16.81 16.27
CA GLY A 4 -7.54 18.08 15.70
C GLY A 4 -8.20 17.92 14.36
N SER A 5 -9.37 18.54 14.19
CA SER A 5 -10.11 18.45 12.93
C SER A 5 -9.64 19.52 11.95
N SER A 6 -9.71 20.78 12.38
CA SER A 6 -9.29 21.90 11.53
C SER A 6 -7.81 22.19 11.72
N GLY A 7 -6.98 21.55 10.91
CA GLY A 7 -5.54 21.77 10.99
C GLY A 7 -4.87 21.71 9.64
N SER A 8 -3.75 20.98 9.56
CA SER A 8 -3.01 20.85 8.32
C SER A 8 -3.14 19.44 7.75
N ASP A 9 -4.20 19.23 6.97
CA ASP A 9 -4.44 17.92 6.37
C ASP A 9 -3.74 17.81 5.02
N ASP A 10 -2.54 17.23 5.03
CA ASP A 10 -1.76 17.05 3.81
C ASP A 10 -1.81 15.60 3.33
N ALA A 11 -2.14 14.70 4.25
CA ALA A 11 -2.22 13.28 3.92
C ALA A 11 -3.26 13.02 2.84
N ARG A 12 -4.15 13.99 2.64
CA ARG A 12 -5.19 13.87 1.63
C ARG A 12 -4.61 13.95 0.22
N ARG A 13 -3.33 14.29 0.13
CA ARG A 13 -2.66 14.41 -1.14
C ARG A 13 -1.98 13.09 -1.53
N LEU A 14 -1.67 12.28 -0.52
CA LEU A 14 -1.02 10.99 -0.75
C LEU A 14 -1.94 10.05 -1.51
N THR A 15 -1.40 9.37 -2.50
CA THR A 15 -2.17 8.43 -3.30
C THR A 15 -1.29 7.31 -3.84
N VAL A 16 -1.92 6.21 -4.25
CA VAL A 16 -1.19 5.06 -4.79
C VAL A 16 -1.79 4.61 -6.12
N THR A 17 -0.93 4.43 -7.12
CA THR A 17 -1.38 4.00 -8.44
C THR A 17 -0.73 2.67 -8.82
N SER A 18 0.59 2.66 -8.90
CA SER A 18 1.33 1.45 -9.27
C SER A 18 0.68 0.21 -8.65
N LEU A 19 0.33 0.31 -7.38
CA LEU A 19 -0.31 -0.79 -6.67
C LEU A 19 -1.30 -1.52 -7.58
N GLN A 20 -1.43 -2.83 -7.37
CA GLN A 20 -2.35 -3.63 -8.16
C GLN A 20 -3.46 -4.21 -7.29
N GLU A 21 -4.57 -3.48 -7.21
CA GLU A 21 -5.71 -3.93 -6.41
C GLU A 21 -5.88 -5.44 -6.49
N THR A 22 -5.63 -5.99 -7.67
CA THR A 22 -5.76 -7.43 -7.89
C THR A 22 -4.75 -7.92 -8.92
N GLY A 23 -4.00 -8.95 -8.55
CA GLY A 23 -3.01 -9.50 -9.46
C GLY A 23 -1.76 -9.99 -8.73
N LEU A 24 -1.67 -9.66 -7.45
CA LEU A 24 -0.52 -10.07 -6.64
C LEU A 24 -0.69 -11.51 -6.13
N LYS A 25 0.43 -12.22 -6.01
CA LYS A 25 0.40 -13.59 -5.54
C LYS A 25 1.06 -13.70 -4.16
N VAL A 26 1.04 -14.91 -3.60
CA VAL A 26 1.64 -15.14 -2.29
C VAL A 26 3.15 -15.26 -2.39
N ASN A 27 3.82 -15.14 -1.25
CA ASN A 27 5.28 -15.23 -1.21
C ASN A 27 5.90 -14.53 -2.40
N GLN A 28 5.21 -13.50 -2.91
CA GLN A 28 5.70 -12.75 -4.05
C GLN A 28 6.05 -11.31 -3.64
N PRO A 29 7.17 -10.80 -4.17
CA PRO A 29 7.64 -9.45 -3.88
C PRO A 29 6.74 -8.37 -4.49
N ALA A 30 5.82 -7.87 -3.68
CA ALA A 30 4.89 -6.83 -4.13
C ALA A 30 5.31 -5.46 -3.62
N SER A 31 5.57 -4.53 -4.54
CA SER A 31 5.98 -3.18 -4.18
C SER A 31 5.32 -2.15 -5.09
N PHE A 32 5.02 -0.98 -4.54
CA PHE A 32 4.40 0.09 -5.30
C PHE A 32 4.97 1.45 -4.92
N ALA A 33 4.52 2.49 -5.60
CA ALA A 33 5.00 3.84 -5.33
C ALA A 33 3.91 4.68 -4.65
N VAL A 34 4.32 5.48 -3.67
CA VAL A 34 3.38 6.33 -2.94
C VAL A 34 3.70 7.80 -3.14
N GLN A 35 2.93 8.47 -3.99
CA GLN A 35 3.14 9.88 -4.27
C GLN A 35 2.52 10.75 -3.18
N LEU A 36 3.13 11.90 -2.92
CA LEU A 36 2.64 12.82 -1.90
C LEU A 36 1.86 13.96 -2.54
N ASN A 37 2.33 14.43 -3.69
CA ASN A 37 1.66 15.51 -4.40
C ASN A 37 1.67 16.79 -3.56
N GLY A 38 2.84 17.14 -3.03
CA GLY A 38 2.96 18.33 -2.21
C GLY A 38 3.19 18.01 -0.75
N ALA A 39 2.61 16.91 -0.28
CA ALA A 39 2.76 16.50 1.11
C ALA A 39 4.22 16.30 1.46
N ARG A 40 4.55 16.52 2.73
CA ARG A 40 5.93 16.36 3.20
C ARG A 40 5.96 15.76 4.60
N GLY A 41 6.43 14.52 4.69
CA GLY A 41 6.49 13.85 5.98
C GLY A 41 7.19 12.50 5.89
N VAL A 42 6.67 11.52 6.63
CA VAL A 42 7.25 10.19 6.63
C VAL A 42 6.19 9.13 6.32
N ILE A 43 6.38 8.41 5.22
CA ILE A 43 5.44 7.37 4.83
C ILE A 43 5.80 6.03 5.47
N ASP A 44 4.95 5.57 6.37
CA ASP A 44 5.18 4.30 7.06
C ASP A 44 4.11 3.27 6.67
N ALA A 45 4.54 2.21 5.99
CA ALA A 45 3.62 1.16 5.56
C ALA A 45 3.83 -0.11 6.38
N ARG A 46 2.73 -0.78 6.71
CA ARG A 46 2.79 -2.01 7.49
C ARG A 46 1.69 -2.97 7.07
N VAL A 47 2.06 -4.22 6.80
CA VAL A 47 1.10 -5.24 6.38
C VAL A 47 0.66 -6.09 7.57
N HIS A 48 -0.63 -6.42 7.60
CA HIS A 48 -1.17 -7.23 8.69
C HIS A 48 -1.57 -8.61 8.17
N THR A 49 -0.94 -9.65 8.71
CA THR A 49 -1.23 -11.01 8.31
C THR A 49 -2.53 -11.51 8.92
N PRO A 50 -3.21 -12.44 8.23
CA PRO A 50 -4.48 -13.01 8.68
C PRO A 50 -4.30 -13.90 9.91
N SER A 51 -3.05 -14.09 10.32
CA SER A 51 -2.76 -14.93 11.48
C SER A 51 -2.81 -14.11 12.77
N GLY A 52 -1.84 -13.21 12.93
CA GLY A 52 -1.80 -12.39 14.12
C GLY A 52 -0.40 -11.83 14.37
N ALA A 53 0.32 -11.54 13.30
CA ALA A 53 1.68 -11.00 13.43
C ALA A 53 1.83 -9.72 12.61
N VAL A 54 2.16 -8.63 13.29
CA VAL A 54 2.34 -7.34 12.63
C VAL A 54 3.66 -7.29 11.87
N GLU A 55 3.58 -7.33 10.54
CA GLU A 55 4.77 -7.29 9.70
C GLU A 55 5.16 -5.85 9.39
N GLU A 56 6.37 -5.68 8.85
CA GLU A 56 6.86 -4.35 8.51
C GLU A 56 7.25 -4.29 7.04
N CYS A 57 6.98 -3.15 6.40
CA CYS A 57 7.29 -2.95 4.99
C CYS A 57 8.63 -2.24 4.83
N TYR A 58 9.04 -2.04 3.58
CA TYR A 58 10.30 -1.37 3.29
C TYR A 58 10.09 -0.22 2.31
N VAL A 59 10.55 0.97 2.69
CA VAL A 59 10.42 2.15 1.84
C VAL A 59 11.77 2.82 1.63
N SER A 60 12.10 3.09 0.38
CA SER A 60 13.37 3.74 0.04
C SER A 60 13.36 5.21 0.47
N GLU A 61 14.56 5.76 0.64
CA GLU A 61 14.69 7.16 1.05
C GLU A 61 13.79 8.06 0.21
N LEU A 62 13.24 9.09 0.86
CA LEU A 62 12.36 10.03 0.18
C LEU A 62 12.98 10.51 -1.13
N ASP A 63 12.50 9.97 -2.25
CA ASP A 63 13.01 10.35 -3.56
C ASP A 63 11.86 10.74 -4.49
N SER A 64 12.09 11.75 -5.32
CA SER A 64 11.08 12.22 -6.26
C SER A 64 9.75 12.45 -5.55
N ASP A 65 9.83 12.76 -4.26
CA ASP A 65 8.63 13.01 -3.47
C ASP A 65 7.71 11.79 -3.46
N LYS A 66 8.31 10.61 -3.49
CA LYS A 66 7.56 9.36 -3.47
C LYS A 66 8.41 8.21 -2.94
N HIS A 67 7.78 7.34 -2.15
CA HIS A 67 8.48 6.19 -1.58
C HIS A 67 8.01 4.89 -2.23
N THR A 68 8.85 3.86 -2.17
CA THR A 68 8.52 2.57 -2.75
C THR A 68 8.39 1.50 -1.66
N ILE A 69 7.16 1.08 -1.41
CA ILE A 69 6.89 0.06 -0.41
C ILE A 69 7.24 -1.34 -0.92
N ARG A 70 7.70 -2.20 -0.03
CA ARG A 70 8.06 -3.56 -0.39
C ARG A 70 7.74 -4.53 0.73
N PHE A 71 6.90 -5.53 0.43
CA PHE A 71 6.51 -6.53 1.43
C PHE A 71 5.98 -7.78 0.75
N ILE A 72 6.28 -8.94 1.34
CA ILE A 72 5.84 -10.21 0.79
C ILE A 72 4.87 -10.91 1.74
N PRO A 73 3.67 -11.24 1.24
CA PRO A 73 2.64 -11.92 2.03
C PRO A 73 3.01 -13.36 2.36
N HIS A 74 3.17 -13.64 3.64
CA HIS A 74 3.53 -14.99 4.09
C HIS A 74 2.36 -15.95 3.89
N GLU A 75 1.15 -15.41 3.85
CA GLU A 75 -0.05 -16.22 3.67
C GLU A 75 -0.94 -15.64 2.57
N ASN A 76 -2.02 -16.34 2.27
CA ASN A 76 -2.97 -15.90 1.24
C ASN A 76 -4.12 -15.13 1.86
N GLY A 77 -4.79 -14.30 1.05
CA GLY A 77 -5.91 -13.53 1.53
C GLY A 77 -5.70 -12.03 1.39
N VAL A 78 -6.67 -11.25 1.82
CA VAL A 78 -6.58 -9.79 1.75
C VAL A 78 -5.91 -9.22 2.98
N HIS A 79 -4.70 -8.68 2.79
CA HIS A 79 -3.94 -8.09 3.89
C HIS A 79 -4.34 -6.63 4.09
N SER A 80 -3.99 -6.08 5.25
CA SER A 80 -4.30 -4.69 5.57
C SER A 80 -3.04 -3.84 5.60
N ILE A 81 -2.94 -2.90 4.65
CA ILE A 81 -1.79 -2.02 4.56
C ILE A 81 -2.03 -0.73 5.34
N ASP A 82 -1.28 -0.55 6.42
CA ASP A 82 -1.41 0.64 7.25
C ASP A 82 -0.45 1.73 6.77
N VAL A 83 -1.02 2.76 6.13
CA VAL A 83 -0.21 3.87 5.63
C VAL A 83 -0.47 5.14 6.44
N LYS A 84 0.54 5.55 7.20
CA LYS A 84 0.43 6.75 8.02
C LYS A 84 1.37 7.84 7.52
N PHE A 85 0.98 9.09 7.73
CA PHE A 85 1.79 10.23 7.30
C PHE A 85 1.94 11.24 8.42
N ASN A 86 3.13 11.30 9.02
CA ASN A 86 3.40 12.23 10.11
C ASN A 86 2.31 12.17 11.16
N GLY A 87 1.91 10.94 11.52
CA GLY A 87 0.87 10.76 12.52
C GLY A 87 -0.51 11.09 11.99
N ALA A 88 -0.81 10.63 10.79
CA ALA A 88 -2.11 10.87 10.17
C ALA A 88 -2.47 9.77 9.19
N HIS A 89 -3.68 9.23 9.33
CA HIS A 89 -4.15 8.16 8.45
C HIS A 89 -4.59 8.72 7.10
N ILE A 90 -4.11 8.12 6.03
CA ILE A 90 -4.45 8.56 4.68
C ILE A 90 -5.85 8.08 4.29
N PRO A 91 -6.51 8.86 3.41
CA PRO A 91 -7.85 8.53 2.93
C PRO A 91 -7.88 7.31 2.03
N GLY A 92 -8.34 6.19 2.57
CA GLY A 92 -8.40 4.96 1.79
C GLY A 92 -7.74 3.79 2.50
N SER A 93 -6.93 4.10 3.51
CA SER A 93 -6.23 3.07 4.26
C SER A 93 -7.07 2.60 5.46
N PRO A 94 -6.85 1.34 5.87
CA PRO A 94 -5.85 0.46 5.25
C PRO A 94 -6.28 0.02 3.85
N PHE A 95 -5.30 -0.14 2.96
CA PHE A 95 -5.57 -0.57 1.60
C PHE A 95 -5.69 -2.09 1.51
N LYS A 96 -6.91 -2.56 1.30
CA LYS A 96 -7.18 -3.99 1.19
C LYS A 96 -6.71 -4.53 -0.15
N ILE A 97 -5.57 -5.22 -0.15
CA ILE A 97 -5.01 -5.79 -1.37
C ILE A 97 -5.18 -7.31 -1.38
N ARG A 98 -5.59 -7.83 -2.54
CA ARG A 98 -5.79 -9.26 -2.69
C ARG A 98 -4.47 -9.96 -3.04
N VAL A 99 -4.23 -11.11 -2.40
CA VAL A 99 -3.01 -11.87 -2.64
C VAL A 99 -3.34 -13.33 -2.97
N GLY A 100 -3.25 -13.67 -4.24
CA GLY A 100 -3.53 -15.03 -4.66
C GLY A 100 -4.18 -15.09 -6.04
N GLU A 101 -3.86 -16.14 -6.79
CA GLU A 101 -4.41 -16.31 -8.13
C GLU A 101 -5.66 -17.18 -8.09
N GLN A 102 -6.77 -16.64 -8.57
CA GLN A 102 -8.03 -17.37 -8.60
C GLN A 102 -8.02 -18.44 -9.67
N SER A 103 -8.71 -19.54 -9.41
CA SER A 103 -8.78 -20.65 -10.36
C SER A 103 -10.18 -21.25 -10.39
N GLN A 104 -10.47 -22.00 -11.45
CA GLN A 104 -11.78 -22.64 -11.60
C GLN A 104 -11.79 -23.56 -12.82
N ALA A 105 -12.85 -24.35 -12.94
CA ALA A 105 -12.99 -25.28 -14.05
C ALA A 105 -14.10 -24.85 -15.00
N GLY A 106 -14.30 -25.61 -16.07
CA GLY A 106 -15.33 -25.28 -17.03
C GLY A 106 -15.30 -26.18 -18.24
N SER A 107 -16.47 -26.47 -18.81
CA SER A 107 -16.57 -27.33 -19.98
C SER A 107 -17.57 -26.77 -20.99
N GLY A 108 -17.56 -27.33 -22.20
CA GLY A 108 -18.46 -26.87 -23.23
C GLY A 108 -17.97 -27.20 -24.62
N PRO A 109 -18.49 -26.48 -25.62
CA PRO A 109 -18.12 -26.68 -27.02
C PRO A 109 -16.70 -26.22 -27.32
N SER A 110 -15.97 -27.01 -28.10
CA SER A 110 -14.59 -26.68 -28.45
C SER A 110 -14.44 -26.54 -29.96
N SER A 111 -14.44 -25.29 -30.42
CA SER A 111 -14.29 -25.01 -31.85
C SER A 111 -13.07 -25.72 -32.43
N GLY A 112 -11.92 -25.47 -31.84
CA GLY A 112 -10.69 -26.09 -32.30
C GLY A 112 -9.47 -25.22 -32.08
N GLY A 1 3.22 30.68 9.28
CA GLY A 1 3.01 29.96 8.03
C GLY A 1 1.89 28.95 8.12
N SER A 2 2.22 27.67 7.94
CA SER A 2 1.22 26.61 7.99
C SER A 2 1.58 25.59 9.07
N SER A 3 2.01 26.10 10.22
CA SER A 3 2.38 25.23 11.34
C SER A 3 1.85 25.78 12.65
N GLY A 4 1.74 24.91 13.65
CA GLY A 4 1.25 25.33 14.95
C GLY A 4 -0.09 24.70 15.29
N SER A 5 -1.15 25.17 14.65
CA SER A 5 -2.49 24.65 14.91
C SER A 5 -2.85 23.59 13.88
N SER A 6 -3.46 22.50 14.35
CA SER A 6 -3.86 21.41 13.47
C SER A 6 -4.96 21.85 12.51
N GLY A 7 -5.29 20.98 11.56
CA GLY A 7 -6.32 21.31 10.59
C GLY A 7 -5.89 21.01 9.17
N SER A 8 -4.74 21.56 8.78
CA SER A 8 -4.22 21.35 7.43
C SER A 8 -4.04 19.87 7.14
N ASP A 9 -4.74 19.38 6.12
CA ASP A 9 -4.65 17.97 5.73
C ASP A 9 -3.93 17.82 4.39
N ASP A 10 -2.75 17.24 4.43
CA ASP A 10 -1.96 17.03 3.21
C ASP A 10 -1.97 15.56 2.80
N ALA A 11 -2.21 14.68 3.78
CA ALA A 11 -2.25 13.25 3.51
C ALA A 11 -3.30 12.91 2.47
N ARG A 12 -4.22 13.84 2.23
CA ARG A 12 -5.28 13.65 1.26
C ARG A 12 -4.73 13.62 -0.16
N ARG A 13 -3.59 14.28 -0.36
CA ARG A 13 -2.96 14.33 -1.66
C ARG A 13 -2.21 13.03 -1.96
N LEU A 14 -2.05 12.21 -0.94
CA LEU A 14 -1.35 10.93 -1.10
C LEU A 14 -2.20 9.95 -1.90
N THR A 15 -1.64 9.46 -3.01
CA THR A 15 -2.34 8.50 -3.86
C THR A 15 -1.42 7.36 -4.27
N VAL A 16 -2.00 6.18 -4.46
CA VAL A 16 -1.23 5.01 -4.87
C VAL A 16 -1.80 4.39 -6.14
N THR A 17 -0.96 4.23 -7.15
CA THR A 17 -1.38 3.65 -8.42
C THR A 17 -0.68 2.33 -8.67
N SER A 18 0.64 2.38 -8.80
CA SER A 18 1.43 1.17 -9.05
C SER A 18 0.83 -0.03 -8.32
N LEU A 19 0.37 0.20 -7.09
CA LEU A 19 -0.22 -0.87 -6.29
C LEU A 19 -1.29 -1.62 -7.09
N GLN A 20 -1.35 -2.93 -6.90
CA GLN A 20 -2.33 -3.75 -7.60
C GLN A 20 -3.43 -4.20 -6.65
N GLU A 21 -4.58 -3.55 -6.74
CA GLU A 21 -5.72 -3.88 -5.89
C GLU A 21 -5.85 -5.39 -5.71
N THR A 22 -5.83 -6.10 -6.83
CA THR A 22 -5.95 -7.56 -6.81
C THR A 22 -5.08 -8.20 -7.88
N GLY A 23 -4.77 -9.48 -7.71
CA GLY A 23 -3.94 -10.18 -8.67
C GLY A 23 -2.66 -10.71 -8.07
N LEU A 24 -2.09 -9.96 -7.13
CA LEU A 24 -0.86 -10.36 -6.47
C LEU A 24 -0.99 -11.74 -5.85
N LYS A 25 -0.16 -12.68 -6.30
CA LYS A 25 -0.18 -14.04 -5.80
C LYS A 25 0.59 -14.15 -4.49
N VAL A 26 0.54 -15.32 -3.87
CA VAL A 26 1.24 -15.56 -2.61
C VAL A 26 2.75 -15.64 -2.82
N ASN A 27 3.50 -15.17 -1.84
CA ASN A 27 4.96 -15.19 -1.91
C ASN A 27 5.45 -14.47 -3.18
N GLN A 28 4.93 -13.27 -3.41
CA GLN A 28 5.31 -12.48 -4.58
C GLN A 28 5.76 -11.09 -4.17
N PRO A 29 6.82 -10.60 -4.83
CA PRO A 29 7.37 -9.26 -4.56
C PRO A 29 6.44 -8.14 -5.01
N ALA A 30 5.60 -7.69 -4.09
CA ALA A 30 4.65 -6.61 -4.39
C ALA A 30 5.18 -5.27 -3.91
N SER A 31 5.39 -4.35 -4.85
CA SER A 31 5.91 -3.02 -4.51
C SER A 31 5.21 -1.96 -5.35
N PHE A 32 5.10 -0.76 -4.78
CA PHE A 32 4.46 0.36 -5.48
C PHE A 32 5.05 1.69 -5.02
N ALA A 33 4.58 2.77 -5.63
CA ALA A 33 5.05 4.11 -5.30
C ALA A 33 3.91 4.99 -4.83
N VAL A 34 4.09 5.64 -3.68
CA VAL A 34 3.06 6.52 -3.13
C VAL A 34 3.41 7.98 -3.38
N GLN A 35 2.72 8.59 -4.32
CA GLN A 35 2.95 9.99 -4.67
C GLN A 35 2.42 10.91 -3.57
N LEU A 36 3.18 11.96 -3.27
CA LEU A 36 2.79 12.92 -2.24
C LEU A 36 2.01 14.09 -2.84
N ASN A 37 2.37 14.46 -4.06
CA ASN A 37 1.70 15.56 -4.75
C ASN A 37 1.71 16.82 -3.90
N GLY A 38 2.86 17.12 -3.29
CA GLY A 38 2.97 18.30 -2.46
C GLY A 38 3.22 17.95 -1.00
N ALA A 39 2.59 16.87 -0.53
CA ALA A 39 2.75 16.45 0.85
C ALA A 39 4.22 16.22 1.19
N ARG A 40 4.60 16.61 2.40
CA ARG A 40 5.99 16.46 2.85
C ARG A 40 6.04 15.82 4.23
N GLY A 41 6.39 14.54 4.28
CA GLY A 41 6.47 13.84 5.55
C GLY A 41 7.06 12.45 5.40
N VAL A 42 6.92 11.65 6.45
CA VAL A 42 7.44 10.28 6.44
C VAL A 42 6.33 9.26 6.28
N ILE A 43 6.41 8.47 5.23
CA ILE A 43 5.40 7.44 4.96
C ILE A 43 5.75 6.13 5.66
N ASP A 44 4.77 5.56 6.35
CA ASP A 44 4.97 4.31 7.06
C ASP A 44 4.09 3.20 6.48
N ALA A 45 4.73 2.16 5.95
CA ALA A 45 4.00 1.04 5.36
C ALA A 45 4.17 -0.22 6.20
N ARG A 46 3.05 -0.87 6.52
CA ARG A 46 3.08 -2.09 7.31
C ARG A 46 1.93 -3.02 6.93
N VAL A 47 2.24 -4.30 6.75
CA VAL A 47 1.23 -5.29 6.39
C VAL A 47 0.90 -6.19 7.56
N HIS A 48 -0.39 -6.54 7.69
CA HIS A 48 -0.84 -7.40 8.77
C HIS A 48 -1.26 -8.77 8.24
N THR A 49 -0.68 -9.82 8.81
CA THR A 49 -1.00 -11.18 8.39
C THR A 49 -2.38 -11.61 8.88
N PRO A 50 -3.00 -12.55 8.17
CA PRO A 50 -4.33 -13.07 8.51
C PRO A 50 -4.31 -13.91 9.78
N SER A 51 -3.13 -14.07 10.37
CA SER A 51 -2.98 -14.86 11.59
C SER A 51 -3.13 -13.97 12.82
N GLY A 52 -2.12 -13.15 13.07
CA GLY A 52 -2.16 -12.26 14.23
C GLY A 52 -0.81 -11.66 14.54
N ALA A 53 -0.01 -11.44 13.51
CA ALA A 53 1.32 -10.86 13.67
C ALA A 53 1.52 -9.65 12.76
N VAL A 54 2.01 -8.56 13.32
CA VAL A 54 2.24 -7.34 12.55
C VAL A 54 3.58 -7.40 11.81
N GLU A 55 3.50 -7.42 10.48
CA GLU A 55 4.70 -7.48 9.66
C GLU A 55 5.20 -6.08 9.32
N GLU A 56 6.36 -6.01 8.69
CA GLU A 56 6.96 -4.74 8.31
C GLU A 56 7.32 -4.72 6.82
N CYS A 57 7.19 -3.55 6.20
CA CYS A 57 7.50 -3.39 4.79
C CYS A 57 8.80 -2.63 4.60
N TYR A 58 9.19 -2.43 3.34
CA TYR A 58 10.42 -1.71 3.02
C TYR A 58 10.11 -0.36 2.38
N VAL A 59 10.24 0.70 3.17
CA VAL A 59 9.99 2.05 2.69
C VAL A 59 11.18 2.96 2.94
N SER A 60 11.89 3.30 1.87
CA SER A 60 13.06 4.17 1.97
C SER A 60 12.66 5.56 2.44
N GLU A 61 13.66 6.35 2.84
CA GLU A 61 13.41 7.71 3.31
C GLU A 61 13.07 8.64 2.15
N LEU A 62 12.76 9.90 2.48
CA LEU A 62 12.42 10.88 1.46
C LEU A 62 13.61 11.17 0.56
N ASP A 63 13.60 10.57 -0.62
CA ASP A 63 14.68 10.77 -1.59
C ASP A 63 14.24 11.69 -2.72
N SER A 64 13.32 11.19 -3.56
CA SER A 64 12.82 11.96 -4.68
C SER A 64 11.33 12.28 -4.51
N ASP A 65 11.03 13.11 -3.53
CA ASP A 65 9.65 13.49 -3.25
C ASP A 65 8.70 12.31 -3.46
N LYS A 66 9.17 11.12 -3.10
CA LYS A 66 8.37 9.91 -3.24
C LYS A 66 8.86 8.81 -2.30
N HIS A 67 8.17 7.68 -2.32
CA HIS A 67 8.55 6.54 -1.47
C HIS A 67 8.18 5.22 -2.13
N THR A 68 9.08 4.25 -2.02
CA THR A 68 8.85 2.94 -2.62
C THR A 68 8.62 1.87 -1.53
N ILE A 69 7.58 1.08 -1.70
CA ILE A 69 7.26 0.03 -0.75
C ILE A 69 7.50 -1.35 -1.34
N ARG A 70 7.99 -2.27 -0.51
CA ARG A 70 8.27 -3.63 -0.96
C ARG A 70 7.99 -4.63 0.15
N PHE A 71 7.11 -5.59 -0.12
CA PHE A 71 6.77 -6.61 0.86
C PHE A 71 6.17 -7.84 0.18
N ILE A 72 6.44 -9.01 0.75
CA ILE A 72 5.93 -10.26 0.20
C ILE A 72 5.09 -11.02 1.22
N PRO A 73 3.85 -11.34 0.85
CA PRO A 73 2.92 -12.07 1.71
C PRO A 73 3.34 -13.51 1.94
N HIS A 74 3.00 -14.05 3.10
CA HIS A 74 3.35 -15.43 3.44
C HIS A 74 2.14 -16.35 3.27
N GLU A 75 1.05 -16.02 3.97
CA GLU A 75 -0.17 -16.82 3.89
C GLU A 75 -1.24 -16.08 3.10
N ASN A 76 -1.73 -16.74 2.04
CA ASN A 76 -2.77 -16.15 1.21
C ASN A 76 -3.81 -15.42 2.05
N GLY A 77 -4.57 -14.53 1.41
CA GLY A 77 -5.59 -13.78 2.11
C GLY A 77 -5.36 -12.28 2.05
N VAL A 78 -6.44 -11.52 2.18
CA VAL A 78 -6.35 -10.06 2.13
C VAL A 78 -5.54 -9.53 3.30
N HIS A 79 -4.62 -8.60 3.01
CA HIS A 79 -3.78 -8.01 4.04
C HIS A 79 -4.15 -6.55 4.26
N SER A 80 -3.73 -6.00 5.40
CA SER A 80 -4.02 -4.61 5.75
C SER A 80 -2.77 -3.76 5.63
N ILE A 81 -2.77 -2.86 4.65
CA ILE A 81 -1.62 -1.97 4.43
C ILE A 81 -1.83 -0.64 5.14
N ASP A 82 -1.14 -0.46 6.27
CA ASP A 82 -1.25 0.77 7.04
C ASP A 82 -0.30 1.83 6.49
N VAL A 83 -0.87 2.93 6.02
CA VAL A 83 -0.09 4.03 5.46
C VAL A 83 -0.29 5.31 6.26
N LYS A 84 0.73 5.69 7.03
CA LYS A 84 0.67 6.90 7.85
C LYS A 84 1.53 7.99 7.25
N PHE A 85 1.13 9.24 7.47
CA PHE A 85 1.88 10.39 6.96
C PHE A 85 2.02 11.47 8.02
N ASN A 86 3.24 11.65 8.51
CA ASN A 86 3.51 12.66 9.54
C ASN A 86 2.54 12.52 10.71
N GLY A 87 2.19 11.28 11.04
CA GLY A 87 1.27 11.03 12.13
C GLY A 87 -0.17 11.26 11.73
N ALA A 88 -0.57 10.69 10.60
CA ALA A 88 -1.94 10.83 10.11
C ALA A 88 -2.29 9.73 9.12
N HIS A 89 -3.41 9.07 9.35
CA HIS A 89 -3.87 7.98 8.49
C HIS A 89 -4.45 8.53 7.19
N ILE A 90 -3.94 8.03 6.06
CA ILE A 90 -4.41 8.47 4.75
C ILE A 90 -5.83 7.99 4.48
N PRO A 91 -6.57 8.76 3.67
CA PRO A 91 -7.95 8.43 3.32
C PRO A 91 -8.04 7.20 2.41
N GLY A 92 -8.45 6.08 2.98
CA GLY A 92 -8.57 4.86 2.21
C GLY A 92 -7.85 3.69 2.85
N SER A 93 -6.93 3.99 3.76
CA SER A 93 -6.17 2.96 4.46
C SER A 93 -6.91 2.44 5.68
N PRO A 94 -6.63 1.19 6.07
CA PRO A 94 -5.66 0.35 5.36
C PRO A 94 -6.16 -0.08 3.98
N PHE A 95 -5.24 -0.22 3.03
CA PHE A 95 -5.58 -0.63 1.68
C PHE A 95 -5.76 -2.13 1.59
N LYS A 96 -7.01 -2.58 1.56
CA LYS A 96 -7.32 -4.00 1.47
C LYS A 96 -6.90 -4.57 0.12
N ILE A 97 -5.78 -5.29 0.12
CA ILE A 97 -5.28 -5.89 -1.11
C ILE A 97 -5.58 -7.39 -1.15
N ARG A 98 -6.03 -7.87 -2.31
CA ARG A 98 -6.36 -9.27 -2.49
C ARG A 98 -5.14 -10.07 -2.93
N VAL A 99 -4.67 -10.95 -2.06
CA VAL A 99 -3.50 -11.77 -2.36
C VAL A 99 -3.90 -13.21 -2.65
N GLY A 100 -3.76 -13.62 -3.91
CA GLY A 100 -4.10 -14.98 -4.31
C GLY A 100 -5.07 -15.01 -5.48
N GLU A 101 -4.54 -14.77 -6.67
CA GLU A 101 -5.36 -14.77 -7.88
C GLU A 101 -6.05 -16.12 -8.07
N GLN A 102 -7.26 -16.07 -8.60
CA GLN A 102 -8.03 -17.30 -8.83
C GLN A 102 -7.97 -17.72 -10.29
N SER A 103 -8.24 -18.99 -10.55
CA SER A 103 -8.21 -19.52 -11.91
C SER A 103 -9.27 -20.59 -12.10
N GLN A 104 -9.84 -20.65 -13.31
CA GLN A 104 -10.87 -21.63 -13.61
C GLN A 104 -10.37 -22.65 -14.64
N ALA A 105 -11.06 -23.77 -14.73
CA ALA A 105 -10.69 -24.82 -15.67
C ALA A 105 -11.91 -25.62 -16.12
N GLY A 106 -12.05 -25.79 -17.43
CA GLY A 106 -13.18 -26.53 -17.97
C GLY A 106 -14.12 -25.64 -18.76
N SER A 107 -15.09 -26.27 -19.43
CA SER A 107 -16.06 -25.53 -20.23
C SER A 107 -17.16 -24.95 -19.35
N GLY A 108 -17.29 -23.63 -19.36
CA GLY A 108 -18.30 -22.98 -18.56
C GLY A 108 -18.78 -21.67 -19.19
N PRO A 109 -19.38 -20.80 -18.36
CA PRO A 109 -19.89 -19.51 -18.82
C PRO A 109 -18.78 -18.54 -19.19
N SER A 110 -17.54 -18.92 -18.90
CA SER A 110 -16.39 -18.09 -19.20
C SER A 110 -15.78 -18.48 -20.55
N SER A 111 -15.64 -17.49 -21.44
CA SER A 111 -15.08 -17.73 -22.76
C SER A 111 -13.72 -18.41 -22.65
N GLY A 112 -12.83 -17.83 -21.86
CA GLY A 112 -11.50 -18.40 -21.69
C GLY A 112 -10.45 -17.34 -21.40
N GLY A 1 -9.35 29.12 1.53
CA GLY A 1 -8.03 28.57 1.30
C GLY A 1 -7.71 28.39 -0.17
N SER A 2 -7.65 29.51 -0.89
CA SER A 2 -7.35 29.46 -2.33
C SER A 2 -5.94 28.97 -2.58
N SER A 3 -5.81 27.68 -2.89
CA SER A 3 -4.51 27.09 -3.16
C SER A 3 -3.53 27.40 -2.03
N GLY A 4 -4.00 27.30 -0.79
CA GLY A 4 -3.16 27.57 0.36
C GLY A 4 -3.01 26.38 1.27
N SER A 5 -2.15 26.50 2.27
CA SER A 5 -1.92 25.41 3.22
C SER A 5 -2.41 25.79 4.62
N SER A 6 -3.35 25.00 5.13
CA SER A 6 -3.91 25.25 6.45
C SER A 6 -3.22 24.39 7.51
N GLY A 7 -1.90 24.29 7.42
CA GLY A 7 -1.15 23.49 8.37
C GLY A 7 -0.25 22.48 7.70
N SER A 8 0.31 21.57 8.48
CA SER A 8 1.21 20.54 7.95
C SER A 8 0.45 19.24 7.71
N ASP A 9 -0.80 19.35 7.27
CA ASP A 9 -1.62 18.18 7.00
C ASP A 9 -2.00 18.10 5.53
N ASP A 10 -1.25 17.30 4.77
CA ASP A 10 -1.50 17.14 3.34
C ASP A 10 -1.58 15.66 2.97
N ALA A 11 -2.05 14.84 3.91
CA ALA A 11 -2.17 13.41 3.67
C ALA A 11 -3.36 13.09 2.77
N ARG A 12 -4.21 14.09 2.56
CA ARG A 12 -5.39 13.92 1.72
C ARG A 12 -5.00 13.94 0.24
N ARG A 13 -3.76 14.30 -0.04
CA ARG A 13 -3.27 14.34 -1.41
C ARG A 13 -2.57 13.05 -1.79
N LEU A 14 -2.01 12.38 -0.79
CA LEU A 14 -1.31 11.12 -1.01
C LEU A 14 -2.19 10.13 -1.77
N THR A 15 -1.57 9.39 -2.70
CA THR A 15 -2.30 8.42 -3.50
C THR A 15 -1.39 7.27 -3.93
N VAL A 16 -2.00 6.17 -4.37
CA VAL A 16 -1.24 5.01 -4.81
C VAL A 16 -1.91 4.34 -5.99
N THR A 17 -1.13 4.09 -7.05
CA THR A 17 -1.64 3.45 -8.26
C THR A 17 -0.92 2.15 -8.54
N SER A 18 0.41 2.21 -8.59
CA SER A 18 1.22 1.03 -8.87
C SER A 18 0.67 -0.19 -8.13
N LEU A 19 0.07 0.05 -6.98
CA LEU A 19 -0.50 -1.02 -6.17
C LEU A 19 -1.51 -1.83 -6.98
N GLN A 20 -1.40 -3.15 -6.93
CA GLN A 20 -2.31 -4.03 -7.64
C GLN A 20 -3.42 -4.54 -6.74
N GLU A 21 -4.49 -3.76 -6.63
CA GLU A 21 -5.62 -4.13 -5.78
C GLU A 21 -5.97 -5.61 -5.96
N THR A 22 -5.92 -6.07 -7.21
CA THR A 22 -6.24 -7.46 -7.51
C THR A 22 -5.33 -8.00 -8.62
N GLY A 23 -4.52 -8.99 -8.28
CA GLY A 23 -3.61 -9.58 -9.26
C GLY A 23 -2.28 -9.98 -8.64
N LEU A 24 -2.08 -9.62 -7.38
CA LEU A 24 -0.84 -9.95 -6.69
C LEU A 24 -0.75 -11.46 -6.41
N LYS A 25 0.45 -12.00 -6.55
CA LYS A 25 0.67 -13.43 -6.31
C LYS A 25 1.22 -13.67 -4.91
N VAL A 26 1.01 -14.87 -4.40
CA VAL A 26 1.49 -15.23 -3.07
C VAL A 26 3.00 -15.49 -3.08
N ASN A 27 3.68 -15.02 -2.03
CA ASN A 27 5.12 -15.20 -1.92
C ASN A 27 5.85 -14.48 -3.05
N GLN A 28 5.25 -13.39 -3.54
CA GLN A 28 5.84 -12.61 -4.61
C GLN A 28 6.15 -11.19 -4.14
N PRO A 29 7.31 -10.67 -4.57
CA PRO A 29 7.75 -9.32 -4.20
C PRO A 29 6.90 -8.23 -4.86
N ALA A 30 5.87 -7.78 -4.16
CA ALA A 30 4.98 -6.74 -4.68
C ALA A 30 5.34 -5.37 -4.10
N SER A 31 5.79 -4.47 -4.96
CA SER A 31 6.17 -3.13 -4.53
C SER A 31 5.46 -2.07 -5.37
N PHE A 32 5.23 -0.92 -4.77
CA PHE A 32 4.56 0.18 -5.47
C PHE A 32 5.10 1.54 -5.00
N ALA A 33 4.56 2.61 -5.57
CA ALA A 33 4.98 3.95 -5.21
C ALA A 33 3.81 4.78 -4.72
N VAL A 34 4.07 5.67 -3.76
CA VAL A 34 3.03 6.53 -3.20
C VAL A 34 3.31 8.00 -3.49
N GLN A 35 2.52 8.58 -4.39
CA GLN A 35 2.69 9.98 -4.76
C GLN A 35 2.25 10.89 -3.62
N LEU A 36 2.97 12.00 -3.44
CA LEU A 36 2.65 12.96 -2.39
C LEU A 36 1.80 14.10 -2.93
N ASN A 37 2.09 14.51 -4.17
CA ASN A 37 1.36 15.60 -4.81
C ASN A 37 1.42 16.86 -3.96
N GLY A 38 2.55 17.07 -3.29
CA GLY A 38 2.71 18.24 -2.46
C GLY A 38 2.98 17.89 -1.00
N ALA A 39 2.36 16.82 -0.53
CA ALA A 39 2.54 16.38 0.85
C ALA A 39 4.02 16.24 1.19
N ARG A 40 4.39 16.74 2.37
CA ARG A 40 5.78 16.68 2.81
C ARG A 40 5.87 16.11 4.23
N GLY A 41 6.42 14.90 4.34
CA GLY A 41 6.56 14.27 5.64
C GLY A 41 7.24 12.91 5.55
N VAL A 42 6.71 11.95 6.31
CA VAL A 42 7.27 10.61 6.32
C VAL A 42 6.19 9.55 6.06
N ILE A 43 6.48 8.61 5.18
CA ILE A 43 5.54 7.56 4.85
C ILE A 43 5.87 6.28 5.60
N ASP A 44 4.84 5.67 6.21
CA ASP A 44 5.02 4.42 6.96
C ASP A 44 4.27 3.28 6.29
N ALA A 45 4.96 2.15 6.12
CA ALA A 45 4.35 0.98 5.50
C ALA A 45 4.38 -0.21 6.44
N ARG A 46 3.21 -0.77 6.74
CA ARG A 46 3.11 -1.92 7.62
C ARG A 46 1.93 -2.80 7.24
N VAL A 47 2.21 -4.08 7.00
CA VAL A 47 1.18 -5.03 6.62
C VAL A 47 0.71 -5.84 7.82
N HIS A 48 -0.57 -6.18 7.84
CA HIS A 48 -1.15 -6.97 8.93
C HIS A 48 -1.62 -8.32 8.44
N THR A 49 -0.93 -9.38 8.85
CA THR A 49 -1.28 -10.73 8.44
C THR A 49 -2.67 -11.11 8.95
N PRO A 50 -3.37 -11.95 8.16
CA PRO A 50 -4.73 -12.40 8.51
C PRO A 50 -4.73 -13.36 9.71
N SER A 51 -3.54 -13.85 10.07
CA SER A 51 -3.41 -14.78 11.19
C SER A 51 -3.46 -14.02 12.51
N GLY A 52 -2.72 -12.92 12.59
CA GLY A 52 -2.70 -12.13 13.81
C GLY A 52 -1.29 -11.70 14.18
N ALA A 53 -0.45 -11.48 13.17
CA ALA A 53 0.92 -11.06 13.41
C ALA A 53 1.25 -9.80 12.60
N VAL A 54 1.75 -8.79 13.29
CA VAL A 54 2.12 -7.52 12.65
C VAL A 54 3.44 -7.65 11.91
N GLU A 55 3.38 -7.70 10.59
CA GLU A 55 4.57 -7.82 9.76
C GLU A 55 5.16 -6.44 9.46
N GLU A 56 6.38 -6.44 8.93
CA GLU A 56 7.06 -5.19 8.60
C GLU A 56 7.28 -5.07 7.09
N CYS A 57 7.31 -3.84 6.60
CA CYS A 57 7.51 -3.58 5.18
C CYS A 57 8.88 -2.96 4.92
N TYR A 58 9.14 -2.60 3.68
CA TYR A 58 10.41 -1.99 3.31
C TYR A 58 10.18 -0.68 2.55
N VAL A 59 10.48 0.43 3.22
CA VAL A 59 10.32 1.75 2.63
C VAL A 59 11.53 2.63 2.90
N SER A 60 12.33 2.86 1.86
CA SER A 60 13.53 3.68 1.99
C SER A 60 13.17 5.15 2.18
N GLU A 61 14.16 5.98 2.50
CA GLU A 61 13.94 7.39 2.70
C GLU A 61 13.26 8.02 1.48
N LEU A 62 12.59 9.15 1.70
CA LEU A 62 11.90 9.85 0.62
C LEU A 62 12.81 10.01 -0.60
N ASP A 63 12.24 9.82 -1.78
CA ASP A 63 12.99 9.96 -3.02
C ASP A 63 12.10 10.45 -4.15
N SER A 64 12.51 11.53 -4.81
CA SER A 64 11.75 12.10 -5.91
C SER A 64 10.28 12.28 -5.52
N ASP A 65 10.06 12.81 -4.33
CA ASP A 65 8.70 13.03 -3.84
C ASP A 65 7.85 11.77 -3.99
N LYS A 66 8.46 10.63 -3.72
CA LYS A 66 7.77 9.34 -3.82
C LYS A 66 8.41 8.29 -2.92
N HIS A 67 7.59 7.49 -2.27
CA HIS A 67 8.08 6.44 -1.39
C HIS A 67 7.76 5.06 -1.95
N THR A 68 8.78 4.19 -1.98
CA THR A 68 8.62 2.84 -2.49
C THR A 68 8.45 1.84 -1.36
N ILE A 69 7.55 0.88 -1.55
CA ILE A 69 7.30 -0.14 -0.55
C ILE A 69 7.55 -1.54 -1.11
N ARG A 70 8.09 -2.42 -0.28
CA ARG A 70 8.38 -3.79 -0.69
C ARG A 70 8.03 -4.78 0.42
N PHE A 71 7.14 -5.72 0.11
CA PHE A 71 6.73 -6.72 1.08
C PHE A 71 6.13 -7.94 0.38
N ILE A 72 6.36 -9.12 0.96
CA ILE A 72 5.84 -10.35 0.40
C ILE A 72 4.86 -11.03 1.35
N PRO A 73 3.63 -11.27 0.85
CA PRO A 73 2.57 -11.92 1.64
C PRO A 73 2.87 -13.39 1.92
N HIS A 74 3.70 -13.64 2.92
CA HIS A 74 4.06 -15.00 3.29
C HIS A 74 2.84 -15.92 3.22
N GLU A 75 1.67 -15.37 3.49
CA GLU A 75 0.43 -16.15 3.46
C GLU A 75 -0.63 -15.44 2.61
N ASN A 76 -1.65 -16.19 2.22
CA ASN A 76 -2.73 -15.65 1.40
C ASN A 76 -3.67 -14.79 2.23
N GLY A 77 -4.72 -14.27 1.60
CA GLY A 77 -5.68 -13.45 2.30
C GLY A 77 -5.51 -11.98 1.99
N VAL A 78 -6.48 -11.16 2.43
CA VAL A 78 -6.43 -9.73 2.20
C VAL A 78 -5.69 -9.01 3.32
N HIS A 79 -4.41 -8.74 3.09
CA HIS A 79 -3.59 -8.06 4.09
C HIS A 79 -3.99 -6.59 4.20
N SER A 80 -3.66 -5.98 5.33
CA SER A 80 -3.98 -4.57 5.58
C SER A 80 -2.72 -3.71 5.58
N ILE A 81 -2.64 -2.79 4.63
CA ILE A 81 -1.49 -1.91 4.52
C ILE A 81 -1.74 -0.60 5.26
N ASP A 82 -1.08 -0.44 6.41
CA ASP A 82 -1.23 0.78 7.20
C ASP A 82 -0.29 1.87 6.71
N VAL A 83 -0.88 2.92 6.13
CA VAL A 83 -0.10 4.04 5.61
C VAL A 83 -0.33 5.30 6.43
N LYS A 84 0.70 5.72 7.15
CA LYS A 84 0.62 6.91 7.98
C LYS A 84 1.51 8.03 7.44
N PHE A 85 1.10 9.26 7.65
CA PHE A 85 1.86 10.42 7.19
C PHE A 85 1.88 11.53 8.23
N ASN A 86 3.05 11.75 8.83
CA ASN A 86 3.19 12.78 9.86
C ASN A 86 2.28 12.51 11.04
N GLY A 87 2.04 11.23 11.32
CA GLY A 87 1.18 10.87 12.43
C GLY A 87 -0.29 10.99 12.08
N ALA A 88 -0.63 10.73 10.83
CA ALA A 88 -2.01 10.82 10.37
C ALA A 88 -2.36 9.67 9.43
N HIS A 89 -3.61 9.24 9.46
CA HIS A 89 -4.08 8.15 8.60
C HIS A 89 -4.58 8.68 7.27
N ILE A 90 -4.05 8.14 6.19
CA ILE A 90 -4.45 8.56 4.84
C ILE A 90 -5.84 8.04 4.50
N PRO A 91 -6.55 8.78 3.64
CA PRO A 91 -7.90 8.42 3.20
C PRO A 91 -7.91 7.19 2.30
N GLY A 92 -8.33 6.06 2.85
CA GLY A 92 -8.38 4.82 2.08
C GLY A 92 -7.65 3.69 2.77
N SER A 93 -6.80 4.03 3.73
CA SER A 93 -6.03 3.01 4.46
C SER A 93 -6.81 2.52 5.68
N PRO A 94 -6.53 1.28 6.10
CA PRO A 94 -5.53 0.43 5.44
C PRO A 94 -5.99 -0.03 4.06
N PHE A 95 -5.04 -0.17 3.13
CA PHE A 95 -5.35 -0.60 1.78
C PHE A 95 -5.52 -2.11 1.71
N LYS A 96 -6.70 -2.56 1.32
CA LYS A 96 -7.00 -3.98 1.22
C LYS A 96 -6.46 -4.55 -0.09
N ILE A 97 -5.50 -5.47 0.02
CA ILE A 97 -4.91 -6.10 -1.15
C ILE A 97 -5.18 -7.60 -1.18
N ARG A 98 -5.80 -8.06 -2.27
CA ARG A 98 -6.12 -9.48 -2.41
C ARG A 98 -4.95 -10.25 -3.01
N VAL A 99 -4.45 -11.23 -2.26
CA VAL A 99 -3.34 -12.04 -2.71
C VAL A 99 -3.80 -13.43 -3.14
N GLY A 100 -3.13 -13.98 -4.15
CA GLY A 100 -3.49 -15.30 -4.64
C GLY A 100 -4.88 -15.34 -5.23
N GLU A 101 -4.98 -15.25 -6.55
CA GLU A 101 -6.26 -15.28 -7.23
C GLU A 101 -6.60 -16.69 -7.70
N GLN A 102 -7.85 -17.10 -7.46
CA GLN A 102 -8.30 -18.43 -7.85
C GLN A 102 -8.67 -18.47 -9.32
N SER A 103 -8.73 -19.68 -9.89
CA SER A 103 -9.07 -19.85 -11.29
C SER A 103 -8.02 -19.19 -12.18
N GLN A 104 -6.75 -19.38 -11.84
CA GLN A 104 -5.66 -18.80 -12.60
C GLN A 104 -4.97 -19.86 -13.47
N ALA A 105 -5.75 -20.84 -13.91
CA ALA A 105 -5.22 -21.91 -14.75
C ALA A 105 -5.66 -21.75 -16.20
N GLY A 106 -6.93 -21.40 -16.39
CA GLY A 106 -7.46 -21.22 -17.72
C GLY A 106 -8.80 -21.89 -17.91
N SER A 107 -9.83 -21.10 -18.23
CA SER A 107 -11.16 -21.63 -18.43
C SER A 107 -11.15 -22.76 -19.46
N GLY A 108 -12.27 -23.48 -19.55
CA GLY A 108 -12.38 -24.58 -20.50
C GLY A 108 -11.42 -25.71 -20.17
N PRO A 109 -11.08 -26.51 -21.18
CA PRO A 109 -10.17 -27.65 -21.02
C PRO A 109 -8.74 -27.22 -20.75
N SER A 110 -8.37 -27.13 -19.48
CA SER A 110 -7.02 -26.73 -19.08
C SER A 110 -5.99 -27.31 -20.04
N SER A 111 -5.28 -26.43 -20.75
CA SER A 111 -4.26 -26.86 -21.69
C SER A 111 -2.97 -26.03 -21.51
N GLY A 112 -1.94 -26.43 -22.24
CA GLY A 112 -0.66 -25.71 -22.15
C GLY A 112 -0.31 -24.99 -23.43
N GLY A 1 9.46 37.51 1.42
CA GLY A 1 9.07 36.12 1.40
C GLY A 1 9.49 35.38 2.65
N SER A 2 8.59 35.28 3.62
CA SER A 2 8.88 34.60 4.88
C SER A 2 7.67 33.80 5.36
N SER A 3 7.89 32.52 5.66
CA SER A 3 6.82 31.65 6.12
C SER A 3 7.39 30.31 6.61
N GLY A 4 6.62 29.62 7.44
CA GLY A 4 7.06 28.35 7.98
C GLY A 4 6.24 27.18 7.44
N SER A 5 5.67 26.40 8.35
CA SER A 5 4.87 25.25 7.97
C SER A 5 3.42 25.66 7.71
N SER A 6 3.02 25.63 6.44
CA SER A 6 1.67 26.01 6.07
C SER A 6 0.72 24.80 6.13
N GLY A 7 1.08 23.73 5.42
CA GLY A 7 0.27 22.54 5.42
C GLY A 7 0.64 21.58 6.54
N SER A 8 -0.31 21.30 7.43
CA SER A 8 -0.08 20.40 8.54
C SER A 8 -0.36 18.97 8.15
N ASP A 9 -1.61 18.70 7.75
CA ASP A 9 -2.01 17.36 7.34
C ASP A 9 -2.30 17.30 5.85
N ASP A 10 -1.24 17.12 5.06
CA ASP A 10 -1.38 17.05 3.61
C ASP A 10 -1.35 15.60 3.13
N ALA A 11 -2.03 14.73 3.88
CA ALA A 11 -2.08 13.31 3.53
C ALA A 11 -3.21 13.04 2.53
N ARG A 12 -4.15 13.98 2.44
CA ARG A 12 -5.28 13.84 1.53
C ARG A 12 -4.81 13.89 0.07
N ARG A 13 -3.59 14.35 -0.13
CA ARG A 13 -3.02 14.45 -1.48
C ARG A 13 -2.27 13.18 -1.84
N LEU A 14 -2.11 12.29 -0.87
CA LEU A 14 -1.40 11.03 -1.09
C LEU A 14 -2.28 10.05 -1.85
N THR A 15 -1.68 9.37 -2.83
CA THR A 15 -2.41 8.39 -3.63
C THR A 15 -1.50 7.24 -4.06
N VAL A 16 -2.12 6.14 -4.49
CA VAL A 16 -1.37 4.97 -4.93
C VAL A 16 -1.92 4.42 -6.25
N THR A 17 -1.01 4.12 -7.18
CA THR A 17 -1.40 3.59 -8.47
C THR A 17 -0.68 2.27 -8.77
N SER A 18 0.64 2.34 -8.89
CA SER A 18 1.44 1.16 -9.18
C SER A 18 0.86 -0.08 -8.49
N LEU A 19 0.43 0.11 -7.24
CA LEU A 19 -0.15 -0.99 -6.46
C LEU A 19 -1.12 -1.80 -7.32
N GLN A 20 -1.18 -3.11 -7.06
CA GLN A 20 -2.07 -4.00 -7.79
C GLN A 20 -3.03 -4.70 -6.85
N GLU A 21 -4.22 -4.14 -6.67
CA GLU A 21 -5.22 -4.72 -5.79
C GLU A 21 -5.46 -6.19 -6.13
N THR A 22 -5.48 -6.49 -7.43
CA THR A 22 -5.70 -7.86 -7.89
C THR A 22 -4.59 -8.31 -8.82
N GLY A 23 -4.04 -9.49 -8.55
CA GLY A 23 -2.96 -10.01 -9.38
C GLY A 23 -1.76 -10.46 -8.57
N LEU A 24 -1.61 -9.88 -7.38
CA LEU A 24 -0.50 -10.23 -6.50
C LEU A 24 -0.64 -11.66 -5.99
N LYS A 25 0.34 -12.50 -6.35
CA LYS A 25 0.34 -13.89 -5.92
C LYS A 25 0.89 -14.04 -4.52
N VAL A 26 0.81 -15.25 -3.97
CA VAL A 26 1.32 -15.52 -2.63
C VAL A 26 2.84 -15.57 -2.61
N ASN A 27 3.44 -15.00 -1.57
CA ASN A 27 4.89 -14.98 -1.44
C ASN A 27 5.54 -14.27 -2.62
N GLN A 28 4.79 -13.36 -3.24
CA GLN A 28 5.29 -12.61 -4.38
C GLN A 28 5.78 -11.23 -3.96
N PRO A 29 6.91 -10.80 -4.54
CA PRO A 29 7.50 -9.49 -4.25
C PRO A 29 6.66 -8.34 -4.79
N ALA A 30 5.70 -7.88 -4.00
CA ALA A 30 4.84 -6.78 -4.40
C ALA A 30 5.38 -5.44 -3.91
N SER A 31 5.44 -4.46 -4.80
CA SER A 31 5.94 -3.14 -4.46
C SER A 31 5.28 -2.07 -5.32
N PHE A 32 5.10 -0.89 -4.75
CA PHE A 32 4.48 0.23 -5.46
C PHE A 32 5.02 1.56 -4.96
N ALA A 33 4.63 2.64 -5.63
CA ALA A 33 5.07 3.98 -5.25
C ALA A 33 3.89 4.83 -4.77
N VAL A 34 4.13 5.63 -3.74
CA VAL A 34 3.09 6.50 -3.18
C VAL A 34 3.36 7.95 -3.51
N GLN A 35 2.55 8.53 -4.39
CA GLN A 35 2.70 9.92 -4.79
C GLN A 35 2.25 10.85 -3.67
N LEU A 36 2.95 11.98 -3.54
CA LEU A 36 2.61 12.96 -2.51
C LEU A 36 1.79 14.11 -3.09
N ASN A 37 1.99 14.37 -4.38
CA ASN A 37 1.26 15.44 -5.06
C ASN A 37 1.44 16.77 -4.33
N GLY A 38 2.61 16.95 -3.72
CA GLY A 38 2.88 18.17 -2.98
C GLY A 38 2.66 18.03 -1.49
N ALA A 39 3.08 16.90 -0.94
CA ALA A 39 2.93 16.64 0.48
C ALA A 39 4.23 16.12 1.09
N ARG A 40 4.63 16.70 2.20
CA ARG A 40 5.85 16.30 2.89
C ARG A 40 5.53 15.54 4.18
N GLY A 41 6.41 14.61 4.55
CA GLY A 41 6.21 13.83 5.75
C GLY A 41 6.89 12.49 5.69
N VAL A 42 6.60 11.63 6.67
CA VAL A 42 7.19 10.30 6.72
C VAL A 42 6.17 9.22 6.40
N ILE A 43 6.44 8.45 5.36
CA ILE A 43 5.54 7.38 4.94
C ILE A 43 5.84 6.08 5.69
N ASP A 44 4.90 5.66 6.53
CA ASP A 44 5.07 4.44 7.31
C ASP A 44 4.18 3.32 6.76
N ALA A 45 4.82 2.28 6.24
CA ALA A 45 4.09 1.15 5.67
C ALA A 45 4.22 -0.08 6.56
N ARG A 46 3.09 -0.74 6.82
CA ARG A 46 3.07 -1.93 7.66
C ARG A 46 1.93 -2.86 7.26
N VAL A 47 2.27 -4.08 6.88
CA VAL A 47 1.28 -5.08 6.48
C VAL A 47 0.91 -5.98 7.63
N HIS A 48 -0.39 -6.27 7.75
CA HIS A 48 -0.88 -7.14 8.82
C HIS A 48 -1.36 -8.48 8.27
N THR A 49 -0.76 -9.57 8.76
CA THR A 49 -1.12 -10.90 8.30
C THR A 49 -2.47 -11.33 8.88
N PRO A 50 -3.21 -12.15 8.12
CA PRO A 50 -4.52 -12.65 8.54
C PRO A 50 -4.42 -13.65 9.68
N SER A 51 -3.20 -14.05 10.02
CA SER A 51 -2.97 -14.99 11.09
C SER A 51 -2.93 -14.29 12.45
N GLY A 52 -2.20 -13.18 12.51
CA GLY A 52 -2.09 -12.44 13.76
C GLY A 52 -0.67 -12.01 14.06
N ALA A 53 0.12 -11.79 13.01
CA ALA A 53 1.51 -11.38 13.17
C ALA A 53 1.78 -10.09 12.40
N VAL A 54 2.32 -9.10 13.10
CA VAL A 54 2.64 -7.81 12.48
C VAL A 54 3.93 -7.89 11.68
N GLU A 55 3.82 -7.71 10.37
CA GLU A 55 4.98 -7.77 9.48
C GLU A 55 5.48 -6.36 9.15
N GLU A 56 6.75 -6.25 8.79
CA GLU A 56 7.35 -4.97 8.46
C GLU A 56 7.58 -4.86 6.95
N CYS A 57 7.42 -3.65 6.42
CA CYS A 57 7.61 -3.41 4.99
C CYS A 57 8.95 -2.73 4.73
N TYR A 58 9.20 -2.38 3.48
CA TYR A 58 10.43 -1.71 3.10
C TYR A 58 10.16 -0.36 2.46
N VAL A 59 10.30 0.70 3.25
CA VAL A 59 10.06 2.06 2.76
C VAL A 59 11.23 2.98 3.11
N SER A 60 11.94 3.43 2.08
CA SER A 60 13.09 4.32 2.28
C SER A 60 12.63 5.73 2.60
N GLU A 61 13.60 6.63 2.78
CA GLU A 61 13.29 8.02 3.11
C GLU A 61 12.93 8.80 1.84
N LEU A 62 12.40 10.00 2.03
CA LEU A 62 12.02 10.85 0.91
C LEU A 62 13.19 11.09 -0.04
N ASP A 63 13.04 10.65 -1.28
CA ASP A 63 14.09 10.82 -2.28
C ASP A 63 13.64 11.74 -3.41
N SER A 64 12.56 11.36 -4.08
CA SER A 64 12.02 12.15 -5.19
C SER A 64 10.52 12.35 -5.02
N ASP A 65 10.13 13.05 -3.97
CA ASP A 65 8.72 13.32 -3.69
C ASP A 65 7.89 12.05 -3.86
N LYS A 66 8.49 10.91 -3.51
CA LYS A 66 7.80 9.62 -3.62
C LYS A 66 8.41 8.61 -2.65
N HIS A 67 7.72 7.49 -2.49
CA HIS A 67 8.19 6.43 -1.59
C HIS A 67 7.89 5.05 -2.17
N THR A 68 8.90 4.19 -2.19
CA THR A 68 8.75 2.84 -2.72
C THR A 68 8.57 1.82 -1.59
N ILE A 69 7.50 1.04 -1.67
CA ILE A 69 7.22 0.02 -0.67
C ILE A 69 7.41 -1.37 -1.23
N ARG A 70 7.92 -2.28 -0.38
CA ARG A 70 8.15 -3.65 -0.79
C ARG A 70 7.90 -4.61 0.37
N PHE A 71 7.00 -5.57 0.14
CA PHE A 71 6.65 -6.56 1.16
C PHE A 71 6.07 -7.81 0.53
N ILE A 72 6.43 -8.96 1.09
CA ILE A 72 5.94 -10.24 0.59
C ILE A 72 5.04 -10.93 1.60
N PRO A 73 3.82 -11.28 1.18
CA PRO A 73 2.85 -11.95 2.04
C PRO A 73 3.24 -13.39 2.35
N HIS A 74 2.56 -14.00 3.33
CA HIS A 74 2.85 -15.37 3.72
C HIS A 74 1.64 -16.27 3.46
N GLU A 75 0.51 -15.91 4.06
CA GLU A 75 -0.72 -16.69 3.90
C GLU A 75 -1.72 -15.94 3.03
N ASN A 76 -2.18 -16.59 1.96
CA ASN A 76 -3.15 -15.99 1.06
C ASN A 76 -4.23 -15.25 1.83
N GLY A 77 -4.85 -14.26 1.18
CA GLY A 77 -5.90 -13.50 1.82
C GLY A 77 -5.73 -12.00 1.64
N VAL A 78 -6.59 -11.22 2.27
CA VAL A 78 -6.53 -9.77 2.18
C VAL A 78 -5.71 -9.18 3.32
N HIS A 79 -4.58 -8.57 2.98
CA HIS A 79 -3.71 -7.96 3.98
C HIS A 79 -4.09 -6.50 4.21
N SER A 80 -3.70 -5.98 5.37
CA SER A 80 -4.00 -4.60 5.72
C SER A 80 -2.75 -3.73 5.68
N ILE A 81 -2.71 -2.82 4.71
CA ILE A 81 -1.56 -1.93 4.56
C ILE A 81 -1.77 -0.63 5.34
N ASP A 82 -1.07 -0.50 6.46
CA ASP A 82 -1.17 0.68 7.29
C ASP A 82 -0.25 1.78 6.78
N VAL A 83 -0.84 2.83 6.22
CA VAL A 83 -0.07 3.95 5.68
C VAL A 83 -0.30 5.22 6.51
N LYS A 84 0.80 5.88 6.86
CA LYS A 84 0.72 7.11 7.66
C LYS A 84 1.63 8.18 7.08
N PHE A 85 1.24 9.44 7.27
CA PHE A 85 2.03 10.57 6.77
C PHE A 85 2.18 11.64 7.84
N ASN A 86 3.27 11.56 8.60
CA ASN A 86 3.53 12.53 9.66
C ASN A 86 2.58 12.32 10.83
N GLY A 87 2.33 11.06 11.18
CA GLY A 87 1.44 10.75 12.28
C GLY A 87 -0.01 11.03 11.94
N ALA A 88 -0.44 10.61 10.75
CA ALA A 88 -1.81 10.80 10.32
C ALA A 88 -2.25 9.70 9.35
N HIS A 89 -3.46 9.19 9.55
CA HIS A 89 -3.99 8.13 8.69
C HIS A 89 -4.49 8.70 7.38
N ILE A 90 -3.99 8.16 6.27
CA ILE A 90 -4.40 8.62 4.94
C ILE A 90 -5.79 8.12 4.59
N PRO A 91 -6.50 8.89 3.76
CA PRO A 91 -7.86 8.55 3.32
C PRO A 91 -7.88 7.34 2.38
N GLY A 92 -8.31 6.20 2.90
CA GLY A 92 -8.37 4.99 2.10
C GLY A 92 -7.66 3.83 2.76
N SER A 93 -6.79 4.12 3.71
CA SER A 93 -6.04 3.09 4.41
C SER A 93 -6.81 2.60 5.63
N PRO A 94 -6.55 1.34 6.03
CA PRO A 94 -5.58 0.48 5.34
C PRO A 94 -6.06 0.05 3.96
N PHE A 95 -5.14 -0.03 3.01
CA PHE A 95 -5.47 -0.44 1.65
C PHE A 95 -5.66 -1.94 1.56
N LYS A 96 -6.91 -2.38 1.46
CA LYS A 96 -7.22 -3.80 1.36
C LYS A 96 -6.78 -4.36 0.02
N ILE A 97 -5.71 -5.15 0.03
CA ILE A 97 -5.18 -5.75 -1.18
C ILE A 97 -5.47 -7.24 -1.22
N ARG A 98 -5.89 -7.74 -2.38
CA ARG A 98 -6.19 -9.15 -2.55
C ARG A 98 -4.96 -9.92 -3.01
N VAL A 99 -4.59 -10.95 -2.26
CA VAL A 99 -3.44 -11.78 -2.59
C VAL A 99 -3.86 -13.20 -2.94
N GLY A 100 -3.52 -13.63 -4.15
CA GLY A 100 -3.86 -14.97 -4.59
C GLY A 100 -5.08 -14.98 -5.50
N GLU A 101 -4.92 -14.44 -6.70
CA GLU A 101 -6.01 -14.39 -7.67
C GLU A 101 -6.01 -15.63 -8.55
N GLN A 102 -7.20 -16.16 -8.83
CA GLN A 102 -7.33 -17.35 -9.65
C GLN A 102 -7.59 -16.96 -11.11
N SER A 103 -7.33 -17.91 -12.02
CA SER A 103 -7.53 -17.66 -13.44
C SER A 103 -8.94 -17.16 -13.72
N GLN A 104 -9.04 -15.94 -14.23
CA GLN A 104 -10.33 -15.34 -14.55
C GLN A 104 -10.77 -15.70 -15.96
N ALA A 105 -11.96 -15.25 -16.33
CA ALA A 105 -12.50 -15.52 -17.65
C ALA A 105 -12.46 -14.27 -18.53
N GLY A 106 -11.80 -14.38 -19.68
CA GLY A 106 -11.70 -13.25 -20.58
C GLY A 106 -10.59 -13.42 -21.60
N SER A 107 -10.63 -12.61 -22.66
CA SER A 107 -9.62 -12.68 -23.71
C SER A 107 -8.32 -12.05 -23.26
N GLY A 108 -8.36 -10.75 -22.96
CA GLY A 108 -7.17 -10.05 -22.51
C GLY A 108 -7.12 -8.62 -23.04
N PRO A 109 -6.52 -7.72 -22.24
CA PRO A 109 -6.39 -6.31 -22.61
C PRO A 109 -5.40 -6.10 -23.76
N SER A 110 -5.42 -4.90 -24.33
CA SER A 110 -4.53 -4.57 -25.44
C SER A 110 -4.15 -3.09 -25.41
N SER A 111 -3.08 -2.76 -26.13
CA SER A 111 -2.61 -1.37 -26.18
C SER A 111 -2.80 -0.78 -27.57
N GLY A 112 -2.58 0.52 -27.68
CA GLY A 112 -2.73 1.20 -28.96
C GLY A 112 -2.04 2.54 -29.00
N GLY A 1 12.45 28.27 24.03
CA GLY A 1 12.82 26.87 23.99
C GLY A 1 12.70 26.28 22.59
N SER A 2 11.53 25.74 22.28
CA SER A 2 11.29 25.14 20.96
C SER A 2 10.50 26.10 20.07
N SER A 3 11.09 26.44 18.92
CA SER A 3 10.44 27.35 17.98
C SER A 3 10.36 26.71 16.60
N GLY A 4 9.13 26.55 16.11
CA GLY A 4 8.92 25.96 14.80
C GLY A 4 8.46 24.52 14.88
N SER A 5 7.20 24.33 15.29
CA SER A 5 6.63 22.99 15.41
C SER A 5 5.19 22.96 14.90
N SER A 6 4.98 22.26 13.80
CA SER A 6 3.65 22.15 13.21
C SER A 6 3.51 20.84 12.44
N GLY A 7 2.30 20.30 12.43
CA GLY A 7 2.05 19.05 11.72
C GLY A 7 0.98 19.19 10.65
N SER A 8 1.33 19.85 9.55
CA SER A 8 0.40 20.07 8.45
C SER A 8 -0.29 18.76 8.07
N ASP A 9 -1.56 18.85 7.71
CA ASP A 9 -2.34 17.68 7.32
C ASP A 9 -2.51 17.62 5.80
N ASP A 10 -1.48 17.15 5.12
CA ASP A 10 -1.51 17.04 3.66
C ASP A 10 -1.59 15.58 3.23
N ALA A 11 -2.22 14.75 4.05
CA ALA A 11 -2.36 13.33 3.75
C ALA A 11 -3.54 13.07 2.80
N ARG A 12 -4.33 14.11 2.57
CA ARG A 12 -5.49 14.00 1.69
C ARG A 12 -5.07 14.00 0.23
N ARG A 13 -3.83 14.42 -0.02
CA ARG A 13 -3.30 14.47 -1.38
C ARG A 13 -2.59 13.17 -1.73
N LEU A 14 -2.30 12.36 -0.72
CA LEU A 14 -1.62 11.09 -0.93
C LEU A 14 -2.51 10.10 -1.67
N THR A 15 -1.94 9.40 -2.64
CA THR A 15 -2.69 8.42 -3.42
C THR A 15 -1.78 7.31 -3.94
N VAL A 16 -2.37 6.19 -4.34
CA VAL A 16 -1.61 5.07 -4.85
C VAL A 16 -2.28 4.47 -6.08
N THR A 17 -1.48 4.16 -7.10
CA THR A 17 -1.99 3.60 -8.34
C THR A 17 -1.26 2.30 -8.69
N SER A 18 0.04 2.41 -8.94
CA SER A 18 0.85 1.25 -9.29
C SER A 18 0.37 0.00 -8.55
N LEU A 19 0.09 0.17 -7.26
CA LEU A 19 -0.38 -0.95 -6.43
C LEU A 19 -1.50 -1.72 -7.14
N GLN A 20 -1.44 -3.04 -7.05
CA GLN A 20 -2.45 -3.89 -7.69
C GLN A 20 -3.47 -4.37 -6.67
N GLU A 21 -4.66 -3.77 -6.71
CA GLU A 21 -5.72 -4.13 -5.79
C GLU A 21 -5.90 -5.65 -5.72
N THR A 22 -6.08 -6.26 -6.88
CA THR A 22 -6.26 -7.71 -6.96
C THR A 22 -5.45 -8.30 -8.12
N GLY A 23 -4.61 -9.29 -7.79
CA GLY A 23 -3.80 -9.93 -8.81
C GLY A 23 -2.43 -10.34 -8.28
N LEU A 24 -2.07 -9.81 -7.12
CA LEU A 24 -0.78 -10.11 -6.50
C LEU A 24 -0.75 -11.56 -6.02
N LYS A 25 0.19 -12.34 -6.55
CA LYS A 25 0.33 -13.74 -6.16
C LYS A 25 0.88 -13.85 -4.74
N VAL A 26 1.15 -15.08 -4.31
CA VAL A 26 1.66 -15.33 -2.98
C VAL A 26 3.19 -15.46 -2.99
N ASN A 27 3.81 -15.04 -1.89
CA ASN A 27 5.26 -15.11 -1.77
C ASN A 27 5.93 -14.42 -2.96
N GLN A 28 5.34 -13.31 -3.41
CA GLN A 28 5.87 -12.56 -4.53
C GLN A 28 6.31 -11.16 -4.09
N PRO A 29 7.42 -10.68 -4.68
CA PRO A 29 7.96 -9.35 -4.36
C PRO A 29 7.07 -8.22 -4.87
N ALA A 30 6.16 -7.77 -4.02
CA ALA A 30 5.25 -6.69 -4.38
C ALA A 30 5.79 -5.34 -3.91
N SER A 31 5.76 -4.35 -4.80
CA SER A 31 6.26 -3.02 -4.48
C SER A 31 5.55 -1.97 -5.33
N PHE A 32 5.25 -0.83 -4.72
CA PHE A 32 4.57 0.26 -5.42
C PHE A 32 5.06 1.61 -4.91
N ALA A 33 4.53 2.69 -5.50
CA ALA A 33 4.91 4.04 -5.11
C ALA A 33 3.71 4.82 -4.58
N VAL A 34 3.97 5.75 -3.67
CA VAL A 34 2.91 6.56 -3.08
C VAL A 34 3.14 8.04 -3.37
N GLN A 35 2.37 8.59 -4.31
CA GLN A 35 2.49 9.98 -4.67
C GLN A 35 1.97 10.89 -3.56
N LEU A 36 2.73 11.95 -3.26
CA LEU A 36 2.34 12.89 -2.21
C LEU A 36 1.45 13.99 -2.77
N ASN A 37 1.57 14.24 -4.07
CA ASN A 37 0.78 15.28 -4.72
C ASN A 37 0.82 16.58 -3.93
N GLY A 38 1.95 16.82 -3.27
CA GLY A 38 2.09 18.04 -2.48
C GLY A 38 2.62 17.77 -1.09
N ALA A 39 2.15 16.69 -0.49
CA ALA A 39 2.58 16.32 0.86
C ALA A 39 4.08 16.07 0.90
N ARG A 40 4.69 16.39 2.04
CA ARG A 40 6.13 16.21 2.22
C ARG A 40 6.45 15.78 3.64
N GLY A 41 6.84 14.51 3.79
CA GLY A 41 7.17 13.98 5.10
C GLY A 41 7.64 12.54 5.05
N VAL A 42 7.24 11.75 6.04
CA VAL A 42 7.61 10.35 6.10
C VAL A 42 6.40 9.45 5.95
N ILE A 43 6.54 8.40 5.13
CA ILE A 43 5.45 7.46 4.90
C ILE A 43 5.74 6.12 5.57
N ASP A 44 4.78 5.63 6.33
CA ASP A 44 4.93 4.35 7.02
C ASP A 44 4.13 3.26 6.32
N ALA A 45 4.69 2.06 6.26
CA ALA A 45 4.04 0.93 5.62
C ALA A 45 4.12 -0.33 6.48
N ARG A 46 2.97 -0.80 6.94
CA ARG A 46 2.91 -2.00 7.77
C ARG A 46 1.81 -2.93 7.32
N VAL A 47 2.17 -4.19 7.05
CA VAL A 47 1.20 -5.19 6.60
C VAL A 47 0.67 -6.01 7.77
N HIS A 48 -0.61 -6.33 7.73
CA HIS A 48 -1.25 -7.12 8.79
C HIS A 48 -1.78 -8.44 8.25
N THR A 49 -1.22 -9.54 8.73
CA THR A 49 -1.64 -10.86 8.29
C THR A 49 -2.99 -11.23 8.87
N PRO A 50 -3.75 -12.07 8.14
CA PRO A 50 -5.07 -12.52 8.56
C PRO A 50 -5.00 -13.47 9.76
N SER A 51 -3.80 -13.88 10.11
CA SER A 51 -3.60 -14.79 11.23
C SER A 51 -3.58 -14.03 12.55
N GLY A 52 -2.55 -13.22 12.75
CA GLY A 52 -2.44 -12.44 13.98
C GLY A 52 -1.01 -12.03 14.27
N ALA A 53 -0.24 -11.79 13.22
CA ALA A 53 1.15 -11.38 13.37
C ALA A 53 1.45 -10.11 12.58
N VAL A 54 1.81 -9.05 13.29
CA VAL A 54 2.11 -7.77 12.66
C VAL A 54 3.45 -7.82 11.93
N GLU A 55 3.40 -7.77 10.60
CA GLU A 55 4.61 -7.81 9.79
C GLU A 55 5.08 -6.40 9.44
N GLU A 56 6.35 -6.29 9.05
CA GLU A 56 6.92 -5.00 8.70
C GLU A 56 7.24 -4.94 7.20
N CYS A 57 7.27 -3.73 6.66
CA CYS A 57 7.55 -3.55 5.24
C CYS A 57 8.88 -2.80 5.04
N TYR A 58 9.26 -2.61 3.78
CA TYR A 58 10.51 -1.92 3.47
C TYR A 58 10.23 -0.58 2.79
N VAL A 59 10.57 0.50 3.48
CA VAL A 59 10.36 1.84 2.95
C VAL A 59 11.58 2.72 3.16
N SER A 60 12.40 2.85 2.12
CA SER A 60 13.61 3.65 2.18
C SER A 60 13.28 5.14 2.25
N GLU A 61 14.29 5.96 2.48
CA GLU A 61 14.10 7.40 2.57
C GLU A 61 13.33 7.92 1.36
N LEU A 62 12.87 9.17 1.44
CA LEU A 62 12.11 9.79 0.36
C LEU A 62 13.01 10.02 -0.86
N ASP A 63 12.71 9.32 -1.94
CA ASP A 63 13.49 9.47 -3.17
C ASP A 63 12.63 10.04 -4.29
N SER A 64 13.16 11.06 -4.96
CA SER A 64 12.44 11.71 -6.05
C SER A 64 11.06 12.17 -5.59
N ASP A 65 10.96 12.58 -4.34
CA ASP A 65 9.69 13.04 -3.78
C ASP A 65 8.65 11.94 -3.82
N LYS A 66 9.07 10.72 -3.50
CA LYS A 66 8.17 9.57 -3.50
C LYS A 66 8.71 8.47 -2.60
N HIS A 67 7.81 7.71 -1.99
CA HIS A 67 8.19 6.61 -1.11
C HIS A 67 7.90 5.27 -1.77
N THR A 68 8.89 4.39 -1.77
CA THR A 68 8.74 3.07 -2.37
C THR A 68 8.59 1.99 -1.29
N ILE A 69 7.57 1.15 -1.45
CA ILE A 69 7.31 0.08 -0.49
C ILE A 69 7.61 -1.29 -1.11
N ARG A 70 8.10 -2.21 -0.27
CA ARG A 70 8.41 -3.55 -0.73
C ARG A 70 8.13 -4.57 0.36
N PHE A 71 7.28 -5.55 0.05
CA PHE A 71 6.92 -6.59 1.00
C PHE A 71 6.35 -7.81 0.28
N ILE A 72 6.64 -8.99 0.81
CA ILE A 72 6.17 -10.24 0.23
C ILE A 72 5.17 -10.94 1.14
N PRO A 73 3.98 -11.24 0.60
CA PRO A 73 2.93 -11.92 1.35
C PRO A 73 3.27 -13.38 1.68
N HIS A 74 3.76 -13.61 2.88
CA HIS A 74 4.13 -14.95 3.32
C HIS A 74 2.89 -15.82 3.50
N GLU A 75 1.72 -15.22 3.34
CA GLU A 75 0.46 -15.94 3.50
C GLU A 75 -0.64 -15.29 2.66
N ASN A 76 -1.53 -16.11 2.12
CA ASN A 76 -2.63 -15.61 1.30
C ASN A 76 -3.63 -14.83 2.15
N GLY A 77 -4.63 -14.25 1.50
CA GLY A 77 -5.63 -13.48 2.21
C GLY A 77 -5.47 -11.98 2.00
N VAL A 78 -6.55 -11.24 2.21
CA VAL A 78 -6.53 -9.80 2.04
C VAL A 78 -5.87 -9.11 3.24
N HIS A 79 -4.60 -8.75 3.09
CA HIS A 79 -3.85 -8.10 4.15
C HIS A 79 -4.25 -6.63 4.27
N SER A 80 -3.87 -6.01 5.38
CA SER A 80 -4.20 -4.60 5.61
C SER A 80 -2.93 -3.75 5.67
N ILE A 81 -2.78 -2.85 4.70
CA ILE A 81 -1.62 -1.99 4.64
C ILE A 81 -1.88 -0.67 5.37
N ASP A 82 -1.24 -0.50 6.52
CA ASP A 82 -1.40 0.71 7.32
C ASP A 82 -0.46 1.81 6.82
N VAL A 83 -1.05 2.86 6.25
CA VAL A 83 -0.28 3.98 5.73
C VAL A 83 -0.52 5.24 6.56
N LYS A 84 0.57 5.83 7.05
CA LYS A 84 0.49 7.04 7.85
C LYS A 84 1.45 8.10 7.34
N PHE A 85 1.05 9.37 7.47
CA PHE A 85 1.89 10.48 7.03
C PHE A 85 2.10 11.50 8.15
N ASN A 86 3.28 11.47 8.76
CA ASN A 86 3.60 12.39 9.84
C ASN A 86 2.52 12.34 10.93
N GLY A 87 2.09 11.13 11.27
CA GLY A 87 1.06 10.98 12.29
C GLY A 87 -0.32 11.35 11.78
N ALA A 88 -0.64 10.91 10.58
CA ALA A 88 -1.95 11.20 9.99
C ALA A 88 -2.33 10.13 8.97
N HIS A 89 -3.34 9.33 9.32
CA HIS A 89 -3.81 8.27 8.44
C HIS A 89 -4.30 8.83 7.11
N ILE A 90 -3.99 8.14 6.02
CA ILE A 90 -4.40 8.59 4.69
C ILE A 90 -5.79 8.06 4.35
N PRO A 91 -6.51 8.80 3.50
CA PRO A 91 -7.86 8.43 3.07
C PRO A 91 -7.86 7.22 2.15
N GLY A 92 -8.27 6.08 2.70
CA GLY A 92 -8.31 4.86 1.91
C GLY A 92 -7.61 3.70 2.59
N SER A 93 -6.84 4.01 3.64
CA SER A 93 -6.11 2.99 4.37
C SER A 93 -6.93 2.49 5.56
N PRO A 94 -6.66 1.24 5.97
CA PRO A 94 -5.64 0.39 5.34
C PRO A 94 -6.06 -0.05 3.94
N PHE A 95 -5.08 -0.15 3.04
CA PHE A 95 -5.35 -0.55 1.66
C PHE A 95 -5.53 -2.07 1.57
N LYS A 96 -6.78 -2.50 1.44
CA LYS A 96 -7.08 -3.93 1.34
C LYS A 96 -6.59 -4.50 0.01
N ILE A 97 -5.51 -5.28 0.06
CA ILE A 97 -4.95 -5.88 -1.13
C ILE A 97 -5.21 -7.39 -1.15
N ARG A 98 -5.69 -7.88 -2.29
CA ARG A 98 -5.99 -9.31 -2.44
C ARG A 98 -4.76 -10.06 -2.93
N VAL A 99 -4.33 -11.05 -2.14
CA VAL A 99 -3.17 -11.85 -2.49
C VAL A 99 -3.57 -13.29 -2.83
N GLY A 100 -3.34 -13.68 -4.08
CA GLY A 100 -3.69 -15.01 -4.51
C GLY A 100 -4.90 -15.04 -5.42
N GLU A 101 -4.66 -15.07 -6.72
CA GLU A 101 -5.74 -15.08 -7.70
C GLU A 101 -6.23 -16.52 -7.94
N GLN A 102 -7.52 -16.74 -7.75
CA GLN A 102 -8.10 -18.05 -7.96
C GLN A 102 -8.09 -18.45 -9.43
N SER A 103 -8.16 -19.74 -9.71
CA SER A 103 -8.14 -20.24 -11.07
C SER A 103 -9.49 -20.01 -11.76
N GLN A 104 -9.46 -19.35 -12.90
CA GLN A 104 -10.67 -19.06 -13.65
C GLN A 104 -11.17 -20.30 -14.39
N ALA A 105 -12.45 -20.28 -14.77
CA ALA A 105 -13.04 -21.41 -15.49
C ALA A 105 -13.99 -20.92 -16.58
N GLY A 106 -14.36 -21.82 -17.48
CA GLY A 106 -15.25 -21.47 -18.56
C GLY A 106 -14.60 -20.57 -19.59
N SER A 107 -14.27 -21.14 -20.74
CA SER A 107 -13.62 -20.37 -21.81
C SER A 107 -14.59 -19.34 -22.39
N GLY A 108 -14.13 -18.09 -22.45
CA GLY A 108 -14.97 -17.02 -22.97
C GLY A 108 -14.19 -16.08 -23.88
N PRO A 109 -13.68 -14.98 -23.30
CA PRO A 109 -12.91 -13.98 -24.04
C PRO A 109 -11.54 -14.50 -24.47
N SER A 110 -11.33 -14.60 -25.77
CA SER A 110 -10.07 -15.09 -26.32
C SER A 110 -9.75 -14.42 -27.65
N SER A 111 -8.51 -14.54 -28.08
CA SER A 111 -8.07 -13.94 -29.34
C SER A 111 -7.21 -14.91 -30.14
N GLY A 112 -7.36 -14.89 -31.46
CA GLY A 112 -6.59 -15.77 -32.31
C GLY A 112 -7.44 -16.43 -33.39
N GLY A 1 -22.31 18.54 14.08
CA GLY A 1 -21.67 17.46 13.35
C GLY A 1 -20.52 17.95 12.47
N SER A 2 -19.66 18.78 13.04
CA SER A 2 -18.52 19.32 12.30
C SER A 2 -17.26 18.51 12.58
N SER A 3 -16.39 18.42 11.57
CA SER A 3 -15.15 17.67 11.70
C SER A 3 -13.94 18.56 11.41
N GLY A 4 -12.88 18.37 12.18
CA GLY A 4 -11.68 19.16 11.98
C GLY A 4 -10.55 18.73 12.90
N SER A 5 -9.33 18.70 12.36
CA SER A 5 -8.17 18.30 13.15
C SER A 5 -6.88 18.72 12.45
N SER A 6 -5.77 18.67 13.18
CA SER A 6 -4.47 19.05 12.64
C SER A 6 -4.12 18.20 11.41
N GLY A 7 -4.00 16.90 11.63
CA GLY A 7 -3.67 15.99 10.54
C GLY A 7 -4.77 15.91 9.50
N SER A 8 -4.61 15.00 8.54
CA SER A 8 -5.61 14.83 7.48
C SER A 8 -5.83 16.15 6.75
N ASP A 9 -4.74 16.84 6.44
CA ASP A 9 -4.82 18.11 5.72
C ASP A 9 -4.18 18.00 4.35
N ASP A 10 -2.98 17.44 4.30
CA ASP A 10 -2.26 17.28 3.04
C ASP A 10 -2.14 15.80 2.67
N ALA A 11 -2.32 14.93 3.65
CA ALA A 11 -2.24 13.49 3.43
C ALA A 11 -3.25 13.04 2.38
N ARG A 12 -4.30 13.85 2.19
CA ARG A 12 -5.33 13.54 1.21
C ARG A 12 -4.78 13.59 -0.21
N ARG A 13 -3.66 14.29 -0.38
CA ARG A 13 -3.02 14.42 -1.68
C ARG A 13 -2.22 13.18 -2.02
N LEU A 14 -2.09 12.27 -1.06
CA LEU A 14 -1.35 11.04 -1.26
C LEU A 14 -2.17 10.01 -2.04
N THR A 15 -1.56 9.42 -3.06
CA THR A 15 -2.25 8.43 -3.88
C THR A 15 -1.32 7.25 -4.19
N VAL A 16 -1.92 6.13 -4.59
CA VAL A 16 -1.16 4.94 -4.92
C VAL A 16 -1.74 4.23 -6.14
N THR A 17 -0.98 4.23 -7.24
CA THR A 17 -1.43 3.59 -8.47
C THR A 17 -0.70 2.27 -8.70
N SER A 18 0.62 2.33 -8.79
CA SER A 18 1.44 1.14 -9.01
C SER A 18 0.84 -0.06 -8.28
N LEU A 19 0.26 0.19 -7.11
CA LEU A 19 -0.34 -0.86 -6.30
C LEU A 19 -1.35 -1.65 -7.12
N GLN A 20 -1.45 -2.95 -6.86
CA GLN A 20 -2.38 -3.82 -7.57
C GLN A 20 -3.50 -4.29 -6.63
N GLU A 21 -4.72 -3.86 -6.91
CA GLU A 21 -5.87 -4.24 -6.10
C GLU A 21 -6.04 -5.75 -6.09
N THR A 22 -5.91 -6.36 -7.25
CA THR A 22 -6.06 -7.81 -7.39
C THR A 22 -5.07 -8.37 -8.39
N GLY A 23 -4.35 -9.41 -7.98
CA GLY A 23 -3.38 -10.03 -8.86
C GLY A 23 -2.16 -10.54 -8.11
N LEU A 24 -1.79 -9.84 -7.04
CA LEU A 24 -0.63 -10.22 -6.23
C LEU A 24 -0.80 -11.63 -5.68
N LYS A 25 0.11 -12.53 -6.07
CA LYS A 25 0.07 -13.91 -5.60
C LYS A 25 0.85 -14.08 -4.30
N VAL A 26 0.88 -15.30 -3.79
CA VAL A 26 1.60 -15.59 -2.55
C VAL A 26 3.11 -15.65 -2.79
N ASN A 27 3.87 -15.13 -1.84
CA ASN A 27 5.33 -15.12 -1.93
C ASN A 27 5.78 -14.33 -3.15
N GLN A 28 5.10 -13.23 -3.43
CA GLN A 28 5.43 -12.38 -4.57
C GLN A 28 5.86 -11.00 -4.11
N PRO A 29 7.04 -10.55 -4.59
CA PRO A 29 7.60 -9.24 -4.24
C PRO A 29 6.80 -8.10 -4.86
N ALA A 30 5.80 -7.61 -4.14
CA ALA A 30 4.96 -6.52 -4.61
C ALA A 30 5.50 -5.17 -4.13
N SER A 31 5.83 -4.30 -5.07
CA SER A 31 6.35 -2.98 -4.75
C SER A 31 5.62 -1.89 -5.53
N PHE A 32 5.27 -0.81 -4.84
CA PHE A 32 4.55 0.30 -5.46
C PHE A 32 5.03 1.63 -4.90
N ALA A 33 4.70 2.71 -5.60
CA ALA A 33 5.10 4.06 -5.17
C ALA A 33 3.90 4.85 -4.68
N VAL A 34 4.15 5.81 -3.79
CA VAL A 34 3.09 6.65 -3.25
C VAL A 34 3.40 8.13 -3.44
N GLN A 35 2.78 8.73 -4.44
CA GLN A 35 2.99 10.14 -4.72
C GLN A 35 2.39 11.02 -3.63
N LEU A 36 2.98 12.19 -3.44
CA LEU A 36 2.50 13.13 -2.42
C LEU A 36 1.54 14.15 -3.01
N ASN A 37 1.90 14.70 -4.17
CA ASN A 37 1.06 15.69 -4.84
C ASN A 37 0.84 16.91 -3.95
N GLY A 38 1.80 17.17 -3.06
CA GLY A 38 1.68 18.31 -2.17
C GLY A 38 1.72 17.91 -0.71
N ALA A 39 2.65 17.02 -0.37
CA ALA A 39 2.78 16.55 1.01
C ALA A 39 4.24 16.27 1.36
N ARG A 40 4.61 16.54 2.61
CA ARG A 40 5.98 16.31 3.06
C ARG A 40 5.99 15.76 4.48
N GLY A 41 6.28 14.47 4.61
CA GLY A 41 6.32 13.84 5.92
C GLY A 41 7.03 12.50 5.90
N VAL A 42 6.46 11.53 6.59
CA VAL A 42 7.04 10.19 6.65
C VAL A 42 6.02 9.12 6.27
N ILE A 43 6.45 8.17 5.46
CA ILE A 43 5.58 7.08 5.02
C ILE A 43 5.85 5.80 5.80
N ASP A 44 4.86 5.35 6.56
CA ASP A 44 5.00 4.12 7.35
C ASP A 44 4.18 2.99 6.74
N ALA A 45 4.87 1.97 6.26
CA ALA A 45 4.21 0.82 5.65
C ALA A 45 4.29 -0.41 6.56
N ARG A 46 3.15 -1.06 6.75
CA ARG A 46 3.09 -2.25 7.60
C ARG A 46 1.92 -3.14 7.21
N VAL A 47 2.21 -4.40 6.90
CA VAL A 47 1.17 -5.35 6.52
C VAL A 47 0.74 -6.19 7.70
N HIS A 48 -0.55 -6.51 7.75
CA HIS A 48 -1.11 -7.31 8.84
C HIS A 48 -1.58 -8.66 8.33
N THR A 49 -1.00 -9.73 8.87
CA THR A 49 -1.36 -11.09 8.46
C THR A 49 -2.62 -11.56 9.18
N PRO A 50 -3.45 -12.35 8.48
CA PRO A 50 -4.70 -12.88 9.03
C PRO A 50 -4.45 -13.94 10.09
N SER A 51 -3.18 -14.25 10.33
CA SER A 51 -2.81 -15.25 11.32
C SER A 51 -2.70 -14.63 12.71
N GLY A 52 -2.22 -13.39 12.76
CA GLY A 52 -2.07 -12.71 14.03
C GLY A 52 -0.66 -12.18 14.25
N ALA A 53 0.03 -11.89 13.16
CA ALA A 53 1.39 -11.38 13.23
C ALA A 53 1.54 -10.08 12.45
N VAL A 54 2.07 -9.06 13.10
CA VAL A 54 2.27 -7.76 12.47
C VAL A 54 3.57 -7.74 11.66
N GLU A 55 3.44 -7.80 10.34
CA GLU A 55 4.60 -7.78 9.46
C GLU A 55 5.03 -6.34 9.15
N GLU A 56 6.25 -6.20 8.63
CA GLU A 56 6.78 -4.89 8.29
C GLU A 56 7.09 -4.80 6.80
N CYS A 57 7.27 -3.58 6.32
CA CYS A 57 7.56 -3.34 4.90
C CYS A 57 8.95 -2.72 4.74
N TYR A 58 9.31 -2.41 3.50
CA TYR A 58 10.61 -1.82 3.20
C TYR A 58 10.44 -0.49 2.47
N VAL A 59 10.73 0.61 3.17
CA VAL A 59 10.63 1.94 2.59
C VAL A 59 11.86 2.78 2.89
N SER A 60 12.68 3.01 1.86
CA SER A 60 13.89 3.80 2.02
C SER A 60 13.57 5.26 2.30
N GLU A 61 14.60 6.09 2.39
CA GLU A 61 14.42 7.51 2.67
C GLU A 61 13.57 8.17 1.59
N LEU A 62 13.18 9.42 1.83
CA LEU A 62 12.36 10.15 0.87
C LEU A 62 13.18 10.59 -0.34
N ASP A 63 13.06 9.84 -1.42
CA ASP A 63 13.80 10.14 -2.65
C ASP A 63 12.85 10.57 -3.76
N SER A 64 13.21 11.63 -4.47
CA SER A 64 12.38 12.14 -5.55
C SER A 64 10.94 12.33 -5.10
N ASP A 65 10.75 13.00 -3.97
CA ASP A 65 9.43 13.25 -3.44
C ASP A 65 8.51 12.06 -3.69
N LYS A 66 9.07 10.85 -3.61
CA LYS A 66 8.31 9.63 -3.83
C LYS A 66 8.83 8.50 -2.95
N HIS A 67 7.91 7.85 -2.22
CA HIS A 67 8.28 6.74 -1.34
C HIS A 67 7.99 5.41 -2.01
N THR A 68 8.91 4.45 -1.87
CA THR A 68 8.75 3.13 -2.46
C THR A 68 8.62 2.07 -1.37
N ILE A 69 7.57 1.26 -1.47
CA ILE A 69 7.34 0.19 -0.50
C ILE A 69 7.60 -1.18 -1.11
N ARG A 70 8.04 -2.12 -0.27
CA ARG A 70 8.33 -3.47 -0.74
C ARG A 70 8.04 -4.49 0.37
N PHE A 71 7.16 -5.43 0.07
CA PHE A 71 6.79 -6.47 1.02
C PHE A 71 6.17 -7.67 0.32
N ILE A 72 6.17 -8.82 1.00
CA ILE A 72 5.61 -10.03 0.44
C ILE A 72 4.59 -10.66 1.39
N PRO A 73 3.43 -11.02 0.84
CA PRO A 73 2.34 -11.64 1.61
C PRO A 73 2.69 -13.05 2.08
N HIS A 74 3.38 -13.15 3.20
CA HIS A 74 3.78 -14.44 3.76
C HIS A 74 2.63 -15.43 3.67
N GLU A 75 1.40 -14.92 3.69
CA GLU A 75 0.22 -15.77 3.61
C GLU A 75 -0.81 -15.20 2.63
N ASN A 76 -1.88 -15.94 2.41
CA ASN A 76 -2.93 -15.51 1.50
C ASN A 76 -3.99 -14.68 2.23
N GLY A 77 -5.00 -14.24 1.50
CA GLY A 77 -6.06 -13.45 2.10
C GLY A 77 -5.88 -11.96 1.87
N VAL A 78 -6.87 -11.17 2.27
CA VAL A 78 -6.80 -9.72 2.11
C VAL A 78 -6.08 -9.07 3.28
N HIS A 79 -4.80 -8.78 3.08
CA HIS A 79 -3.98 -8.15 4.12
C HIS A 79 -4.38 -6.69 4.31
N SER A 80 -3.90 -6.09 5.39
CA SER A 80 -4.22 -4.70 5.70
C SER A 80 -2.95 -3.84 5.68
N ILE A 81 -2.85 -2.98 4.66
CA ILE A 81 -1.69 -2.11 4.53
C ILE A 81 -1.90 -0.80 5.29
N ASP A 82 -1.25 -0.69 6.44
CA ASP A 82 -1.36 0.51 7.27
C ASP A 82 -0.40 1.58 6.79
N VAL A 83 -0.94 2.67 6.25
CA VAL A 83 -0.13 3.77 5.76
C VAL A 83 -0.41 5.06 6.53
N LYS A 84 0.65 5.71 7.00
CA LYS A 84 0.51 6.96 7.75
C LYS A 84 1.32 8.07 7.11
N PHE A 85 1.00 9.31 7.44
CA PHE A 85 1.71 10.46 6.90
C PHE A 85 1.98 11.50 7.99
N ASN A 86 3.24 11.61 8.39
CA ASN A 86 3.63 12.56 9.43
C ASN A 86 2.70 12.46 10.64
N GLY A 87 2.17 11.26 10.88
CA GLY A 87 1.27 11.06 11.99
C GLY A 87 -0.18 11.32 11.64
N ALA A 88 -0.63 10.74 10.53
CA ALA A 88 -2.01 10.92 10.07
C ALA A 88 -2.40 9.82 9.08
N HIS A 89 -3.39 9.02 9.45
CA HIS A 89 -3.86 7.94 8.60
C HIS A 89 -4.42 8.49 7.30
N ILE A 90 -3.88 8.00 6.19
CA ILE A 90 -4.33 8.44 4.87
C ILE A 90 -5.76 7.97 4.59
N PRO A 91 -6.49 8.75 3.76
CA PRO A 91 -7.87 8.42 3.40
C PRO A 91 -7.96 7.21 2.49
N GLY A 92 -8.39 6.08 3.07
CA GLY A 92 -8.52 4.86 2.30
C GLY A 92 -7.77 3.70 2.92
N SER A 93 -6.88 4.00 3.87
CA SER A 93 -6.10 2.98 4.54
C SER A 93 -6.83 2.46 5.78
N PRO A 94 -6.55 1.20 6.16
CA PRO A 94 -5.58 0.36 5.44
C PRO A 94 -6.10 -0.06 4.06
N PHE A 95 -5.19 -0.14 3.10
CA PHE A 95 -5.56 -0.53 1.74
C PHE A 95 -5.77 -2.04 1.65
N LYS A 96 -7.01 -2.44 1.44
CA LYS A 96 -7.34 -3.87 1.33
C LYS A 96 -6.87 -4.43 0.01
N ILE A 97 -5.79 -5.22 0.06
CA ILE A 97 -5.23 -5.83 -1.14
C ILE A 97 -5.49 -7.34 -1.16
N ARG A 98 -6.01 -7.83 -2.29
CA ARG A 98 -6.30 -9.25 -2.43
C ARG A 98 -5.05 -10.02 -2.85
N VAL A 99 -4.69 -11.03 -2.06
CA VAL A 99 -3.51 -11.85 -2.34
C VAL A 99 -3.92 -13.27 -2.71
N GLY A 100 -3.86 -13.58 -4.00
CA GLY A 100 -4.22 -14.92 -4.45
C GLY A 100 -5.36 -14.90 -5.46
N GLU A 101 -5.06 -14.50 -6.69
CA GLU A 101 -6.06 -14.44 -7.73
C GLU A 101 -6.17 -15.77 -8.46
N GLN A 102 -7.29 -16.46 -8.27
CA GLN A 102 -7.52 -17.76 -8.91
C GLN A 102 -7.71 -17.59 -10.41
N SER A 103 -6.82 -18.18 -11.19
CA SER A 103 -6.91 -18.10 -12.65
C SER A 103 -8.32 -18.40 -13.13
N GLN A 104 -8.69 -17.81 -14.26
CA GLN A 104 -10.02 -18.02 -14.83
C GLN A 104 -9.93 -18.31 -16.32
N ALA A 105 -9.94 -19.59 -16.68
CA ALA A 105 -9.86 -20.00 -18.08
C ALA A 105 -11.11 -19.58 -18.84
N GLY A 106 -11.08 -18.38 -19.41
CA GLY A 106 -12.21 -17.88 -20.15
C GLY A 106 -11.79 -17.02 -21.34
N SER A 107 -11.91 -17.59 -22.54
CA SER A 107 -11.53 -16.87 -23.75
C SER A 107 -12.06 -15.44 -23.73
N GLY A 108 -11.22 -14.49 -24.11
CA GLY A 108 -11.62 -13.09 -24.11
C GLY A 108 -11.07 -12.35 -25.32
N PRO A 109 -11.54 -12.73 -26.52
CA PRO A 109 -11.12 -12.10 -27.77
C PRO A 109 -11.63 -10.67 -27.91
N SER A 110 -10.73 -9.70 -27.77
CA SER A 110 -11.09 -8.30 -27.88
C SER A 110 -11.20 -7.87 -29.34
N SER A 111 -11.66 -6.65 -29.57
CA SER A 111 -11.81 -6.12 -30.92
C SER A 111 -12.73 -7.01 -31.74
N GLY A 112 -13.83 -7.44 -31.14
CA GLY A 112 -14.78 -8.29 -31.83
C GLY A 112 -14.11 -9.46 -32.51
N GLY A 1 -8.62 31.50 17.31
CA GLY A 1 -9.42 31.42 16.10
C GLY A 1 -10.01 30.05 15.87
N SER A 2 -9.19 29.13 15.40
CA SER A 2 -9.65 27.76 15.14
C SER A 2 -9.66 26.94 16.42
N SER A 3 -10.64 26.05 16.53
CA SER A 3 -10.78 25.20 17.71
C SER A 3 -9.69 24.14 17.74
N GLY A 4 -9.23 23.80 18.95
CA GLY A 4 -8.19 22.81 19.10
C GLY A 4 -6.82 23.33 18.70
N SER A 5 -6.11 22.58 17.88
CA SER A 5 -4.78 22.97 17.43
C SER A 5 -4.75 23.17 15.92
N SER A 6 -4.60 24.42 15.50
CA SER A 6 -4.56 24.76 14.08
C SER A 6 -3.72 23.75 13.31
N GLY A 7 -4.06 23.55 12.04
CA GLY A 7 -3.33 22.61 11.21
C GLY A 7 -3.92 22.46 9.83
N SER A 8 -3.62 21.36 9.17
CA SER A 8 -4.13 21.10 7.82
C SER A 8 -3.91 19.65 7.42
N ASP A 9 -4.74 19.16 6.50
CA ASP A 9 -4.64 17.79 6.04
C ASP A 9 -3.96 17.72 4.67
N ASP A 10 -2.69 17.33 4.66
CA ASP A 10 -1.94 17.23 3.41
C ASP A 10 -1.88 15.79 2.93
N ALA A 11 -2.02 14.85 3.86
CA ALA A 11 -1.99 13.43 3.52
C ALA A 11 -3.02 13.10 2.44
N ARG A 12 -4.10 13.87 2.41
CA ARG A 12 -5.17 13.66 1.43
C ARG A 12 -4.62 13.77 0.01
N ARG A 13 -3.44 14.35 -0.12
CA ARG A 13 -2.82 14.52 -1.43
C ARG A 13 -2.06 13.26 -1.84
N LEU A 14 -1.87 12.35 -0.89
CA LEU A 14 -1.17 11.10 -1.14
C LEU A 14 -2.04 10.15 -1.97
N THR A 15 -1.40 9.48 -2.93
CA THR A 15 -2.12 8.54 -3.79
C THR A 15 -1.25 7.32 -4.11
N VAL A 16 -1.89 6.26 -4.58
CA VAL A 16 -1.17 5.03 -4.92
C VAL A 16 -1.80 4.36 -6.14
N THR A 17 -1.02 4.26 -7.22
CA THR A 17 -1.49 3.63 -8.44
C THR A 17 -0.80 2.30 -8.68
N SER A 18 0.52 2.34 -8.80
CA SER A 18 1.31 1.14 -9.04
C SER A 18 0.69 -0.06 -8.32
N LEU A 19 0.24 0.16 -7.08
CA LEU A 19 -0.36 -0.89 -6.28
C LEU A 19 -1.41 -1.65 -7.09
N GLN A 20 -1.36 -2.98 -7.01
CA GLN A 20 -2.31 -3.82 -7.73
C GLN A 20 -3.44 -4.28 -6.81
N GLU A 21 -4.65 -3.83 -7.10
CA GLU A 21 -5.81 -4.21 -6.30
C GLU A 21 -5.96 -5.73 -6.23
N THR A 22 -5.86 -6.38 -7.39
CA THR A 22 -6.00 -7.83 -7.46
C THR A 22 -4.98 -8.41 -8.44
N GLY A 23 -4.53 -9.63 -8.15
CA GLY A 23 -3.56 -10.29 -9.01
C GLY A 23 -2.35 -10.80 -8.25
N LEU A 24 -1.93 -10.04 -7.25
CA LEU A 24 -0.78 -10.42 -6.44
C LEU A 24 -0.93 -11.83 -5.90
N LYS A 25 0.00 -12.70 -6.25
CA LYS A 25 -0.02 -14.09 -5.80
C LYS A 25 0.83 -14.26 -4.55
N VAL A 26 0.72 -15.44 -3.92
CA VAL A 26 1.48 -15.74 -2.72
C VAL A 26 2.98 -15.69 -2.99
N ASN A 27 3.76 -15.43 -1.95
CA ASN A 27 5.21 -15.36 -2.07
C ASN A 27 5.61 -14.58 -3.32
N GLN A 28 5.08 -13.35 -3.44
CA GLN A 28 5.39 -12.50 -4.59
C GLN A 28 5.81 -11.11 -4.15
N PRO A 29 6.93 -10.63 -4.69
CA PRO A 29 7.47 -9.31 -4.36
C PRO A 29 6.61 -8.18 -4.90
N ALA A 30 5.64 -7.73 -4.11
CA ALA A 30 4.75 -6.66 -4.52
C ALA A 30 5.27 -5.30 -4.04
N SER A 31 5.62 -4.45 -5.00
CA SER A 31 6.15 -3.12 -4.68
C SER A 31 5.45 -2.05 -5.50
N PHE A 32 5.26 -0.87 -4.92
CA PHE A 32 4.62 0.24 -5.60
C PHE A 32 5.14 1.57 -5.10
N ALA A 33 4.73 2.65 -5.76
CA ALA A 33 5.16 3.99 -5.38
C ALA A 33 3.98 4.84 -4.94
N VAL A 34 4.21 5.68 -3.93
CA VAL A 34 3.17 6.56 -3.41
C VAL A 34 3.52 8.02 -3.61
N GLN A 35 2.79 8.67 -4.51
CA GLN A 35 3.02 10.09 -4.80
C GLN A 35 2.41 10.97 -3.72
N LEU A 36 3.06 12.10 -3.45
CA LEU A 36 2.58 13.04 -2.45
C LEU A 36 1.72 14.13 -3.08
N ASN A 37 1.97 14.41 -4.36
CA ASN A 37 1.22 15.43 -5.07
C ASN A 37 1.29 16.77 -4.34
N GLY A 38 2.36 16.97 -3.58
CA GLY A 38 2.52 18.21 -2.84
C GLY A 38 2.39 18.01 -1.34
N ALA A 39 3.05 16.99 -0.83
CA ALA A 39 3.01 16.69 0.60
C ALA A 39 4.41 16.50 1.17
N ARG A 40 4.53 16.56 2.49
CA ARG A 40 5.82 16.40 3.15
C ARG A 40 5.65 15.73 4.51
N GLY A 41 6.13 14.50 4.62
CA GLY A 41 6.03 13.77 5.88
C GLY A 41 6.77 12.45 5.83
N VAL A 42 6.28 11.48 6.60
CA VAL A 42 6.91 10.16 6.65
C VAL A 42 5.90 9.06 6.33
N ILE A 43 6.22 8.26 5.32
CA ILE A 43 5.34 7.16 4.91
C ILE A 43 5.73 5.86 5.59
N ASP A 44 4.85 5.38 6.47
CA ASP A 44 5.11 4.14 7.19
C ASP A 44 4.28 3.00 6.62
N ALA A 45 4.95 2.01 6.05
CA ALA A 45 4.27 0.87 5.46
C ALA A 45 4.33 -0.35 6.40
N ARG A 46 3.17 -0.97 6.62
CA ARG A 46 3.10 -2.14 7.50
C ARG A 46 1.89 -3.00 7.13
N VAL A 47 2.14 -4.29 6.94
CA VAL A 47 1.08 -5.23 6.59
C VAL A 47 0.67 -6.07 7.79
N HIS A 48 -0.59 -6.51 7.81
CA HIS A 48 -1.10 -7.32 8.91
C HIS A 48 -1.49 -8.71 8.41
N THR A 49 -0.79 -9.72 8.90
CA THR A 49 -1.06 -11.10 8.51
C THR A 49 -2.41 -11.58 9.07
N PRO A 50 -3.04 -12.52 8.37
CA PRO A 50 -4.33 -13.08 8.77
C PRO A 50 -4.22 -13.94 10.02
N SER A 51 -2.99 -14.24 10.42
CA SER A 51 -2.75 -15.07 11.60
C SER A 51 -2.84 -14.24 12.88
N GLY A 52 -1.89 -13.32 13.03
CA GLY A 52 -1.88 -12.46 14.21
C GLY A 52 -0.50 -11.91 14.52
N ALA A 53 0.28 -11.66 13.48
CA ALA A 53 1.63 -11.13 13.64
C ALA A 53 1.83 -9.87 12.82
N VAL A 54 2.22 -8.79 13.47
CA VAL A 54 2.45 -7.51 12.80
C VAL A 54 3.75 -7.54 12.00
N GLU A 55 3.62 -7.64 10.68
CA GLU A 55 4.78 -7.68 9.80
C GLU A 55 5.30 -6.26 9.52
N GLU A 56 6.42 -6.18 8.82
CA GLU A 56 7.02 -4.89 8.48
C GLU A 56 7.26 -4.78 6.98
N CYS A 57 7.23 -3.55 6.47
CA CYS A 57 7.45 -3.31 5.05
C CYS A 57 8.83 -2.71 4.81
N TYR A 58 9.14 -2.42 3.56
CA TYR A 58 10.44 -1.86 3.19
C TYR A 58 10.26 -0.51 2.49
N VAL A 59 10.62 0.57 3.18
CA VAL A 59 10.50 1.91 2.63
C VAL A 59 11.76 2.73 2.92
N SER A 60 12.43 3.17 1.86
CA SER A 60 13.65 3.96 2.00
C SER A 60 13.31 5.42 2.35
N GLU A 61 14.34 6.20 2.64
CA GLU A 61 14.15 7.60 2.99
C GLU A 61 13.75 8.42 1.76
N LEU A 62 13.14 9.57 2.01
CA LEU A 62 12.69 10.45 0.93
C LEU A 62 13.84 10.73 -0.04
N ASP A 63 13.61 10.40 -1.31
CA ASP A 63 14.62 10.62 -2.34
C ASP A 63 14.09 11.51 -3.45
N SER A 64 13.16 10.97 -4.25
CA SER A 64 12.57 11.73 -5.34
C SER A 64 11.11 12.06 -5.04
N ASP A 65 10.91 12.94 -4.07
CA ASP A 65 9.56 13.35 -3.69
C ASP A 65 8.58 12.18 -3.80
N LYS A 66 9.04 11.00 -3.43
CA LYS A 66 8.21 9.79 -3.50
C LYS A 66 8.73 8.72 -2.55
N HIS A 67 7.89 7.72 -2.27
CA HIS A 67 8.28 6.63 -1.38
C HIS A 67 8.00 5.28 -2.03
N THR A 68 8.92 4.34 -1.88
CA THR A 68 8.77 3.01 -2.45
C THR A 68 8.52 1.97 -1.37
N ILE A 69 7.55 1.10 -1.60
CA ILE A 69 7.22 0.05 -0.64
C ILE A 69 7.44 -1.33 -1.23
N ARG A 70 7.87 -2.27 -0.39
CA ARG A 70 8.12 -3.64 -0.84
C ARG A 70 7.80 -4.63 0.27
N PHE A 71 6.89 -5.57 -0.01
CA PHE A 71 6.50 -6.58 0.96
C PHE A 71 5.86 -7.77 0.27
N ILE A 72 6.09 -8.97 0.83
CA ILE A 72 5.53 -10.19 0.26
C ILE A 72 4.55 -10.84 1.23
N PRO A 73 3.36 -11.20 0.72
CA PRO A 73 2.32 -11.83 1.52
C PRO A 73 2.68 -13.26 1.91
N HIS A 74 3.37 -13.41 3.05
CA HIS A 74 3.77 -14.72 3.54
C HIS A 74 2.63 -15.72 3.42
N GLU A 75 1.39 -15.22 3.51
CA GLU A 75 0.22 -16.06 3.42
C GLU A 75 -0.80 -15.49 2.43
N ASN A 76 -1.95 -16.13 2.34
CA ASN A 76 -3.01 -15.68 1.44
C ASN A 76 -4.05 -14.86 2.18
N GLY A 77 -4.99 -14.29 1.42
CA GLY A 77 -6.03 -13.47 2.03
C GLY A 77 -5.83 -12.00 1.78
N VAL A 78 -6.73 -11.18 2.33
CA VAL A 78 -6.64 -9.73 2.16
C VAL A 78 -5.89 -9.09 3.31
N HIS A 79 -4.64 -8.70 3.06
CA HIS A 79 -3.81 -8.07 4.08
C HIS A 79 -4.23 -6.62 4.31
N SER A 80 -3.75 -6.03 5.39
CA SER A 80 -4.07 -4.65 5.72
C SER A 80 -2.83 -3.77 5.68
N ILE A 81 -2.80 -2.84 4.72
CA ILE A 81 -1.66 -1.94 4.57
C ILE A 81 -1.86 -0.66 5.40
N ASP A 82 -1.10 -0.53 6.46
CA ASP A 82 -1.19 0.64 7.33
C ASP A 82 -0.31 1.77 6.81
N VAL A 83 -0.94 2.78 6.21
CA VAL A 83 -0.21 3.92 5.67
C VAL A 83 -0.44 5.17 6.51
N LYS A 84 0.63 5.67 7.12
CA LYS A 84 0.55 6.86 7.96
C LYS A 84 1.45 7.97 7.42
N PHE A 85 1.00 9.21 7.57
CA PHE A 85 1.76 10.36 7.09
C PHE A 85 1.73 11.49 8.11
N ASN A 86 2.92 11.90 8.56
CA ASN A 86 3.02 12.98 9.54
C ASN A 86 2.17 12.68 10.78
N GLY A 87 1.97 11.40 11.04
CA GLY A 87 1.18 11.00 12.20
C GLY A 87 -0.31 11.07 11.93
N ALA A 88 -0.70 10.78 10.70
CA ALA A 88 -2.12 10.80 10.32
C ALA A 88 -2.45 9.67 9.36
N HIS A 89 -3.70 9.21 9.40
CA HIS A 89 -4.14 8.13 8.54
C HIS A 89 -4.64 8.67 7.20
N ILE A 90 -4.11 8.11 6.11
CA ILE A 90 -4.51 8.54 4.78
C ILE A 90 -5.91 8.06 4.43
N PRO A 91 -6.61 8.82 3.57
CA PRO A 91 -7.97 8.49 3.14
C PRO A 91 -8.01 7.25 2.24
N GLY A 92 -8.45 6.13 2.80
CA GLY A 92 -8.53 4.91 2.04
C GLY A 92 -7.79 3.77 2.70
N SER A 93 -6.97 4.08 3.70
CA SER A 93 -6.21 3.07 4.42
C SER A 93 -6.97 2.56 5.62
N PRO A 94 -6.68 1.32 6.04
CA PRO A 94 -5.68 0.48 5.36
C PRO A 94 -6.14 0.03 3.98
N PHE A 95 -5.19 -0.08 3.05
CA PHE A 95 -5.50 -0.51 1.69
C PHE A 95 -5.64 -2.03 1.61
N LYS A 96 -6.88 -2.49 1.53
CA LYS A 96 -7.17 -3.92 1.44
C LYS A 96 -6.77 -4.47 0.08
N ILE A 97 -5.69 -5.24 0.05
CA ILE A 97 -5.21 -5.84 -1.19
C ILE A 97 -5.46 -7.33 -1.22
N ARG A 98 -6.01 -7.82 -2.33
CA ARG A 98 -6.31 -9.24 -2.49
C ARG A 98 -5.06 -10.00 -2.92
N VAL A 99 -4.75 -11.07 -2.19
CA VAL A 99 -3.58 -11.89 -2.50
C VAL A 99 -3.98 -13.35 -2.72
N GLY A 100 -3.55 -13.91 -3.84
CA GLY A 100 -3.87 -15.29 -4.16
C GLY A 100 -5.22 -15.44 -4.83
N GLU A 101 -5.23 -15.97 -6.05
CA GLU A 101 -6.46 -16.16 -6.81
C GLU A 101 -7.10 -17.51 -6.46
N GLN A 102 -8.42 -17.50 -6.33
CA GLN A 102 -9.16 -18.72 -6.00
C GLN A 102 -8.87 -19.82 -7.03
N SER A 103 -9.11 -21.06 -6.64
CA SER A 103 -8.87 -22.20 -7.52
C SER A 103 -9.94 -22.27 -8.60
N GLN A 104 -9.61 -21.77 -9.79
CA GLN A 104 -10.53 -21.77 -10.91
C GLN A 104 -10.43 -23.08 -11.70
N ALA A 105 -11.55 -23.77 -11.85
CA ALA A 105 -11.58 -25.03 -12.59
C ALA A 105 -11.89 -24.79 -14.06
N GLY A 106 -13.08 -24.25 -14.33
CA GLY A 106 -13.49 -23.99 -15.70
C GLY A 106 -14.97 -23.68 -15.81
N SER A 107 -15.47 -22.85 -14.90
CA SER A 107 -16.88 -22.49 -14.91
C SER A 107 -17.23 -21.67 -16.15
N GLY A 108 -18.40 -21.95 -16.72
CA GLY A 108 -18.83 -21.23 -17.91
C GLY A 108 -20.33 -21.23 -18.07
N PRO A 109 -21.04 -20.64 -17.10
CA PRO A 109 -22.51 -20.56 -17.13
C PRO A 109 -23.03 -19.62 -18.22
N SER A 110 -22.35 -18.50 -18.39
CA SER A 110 -22.74 -17.52 -19.39
C SER A 110 -22.85 -18.16 -20.77
N SER A 111 -23.30 -17.39 -21.75
CA SER A 111 -23.46 -17.89 -23.11
C SER A 111 -22.67 -17.03 -24.10
N GLY A 112 -21.38 -17.29 -24.21
CA GLY A 112 -20.55 -16.53 -25.12
C GLY A 112 -19.80 -15.41 -24.43
N GLY A 1 6.90 24.97 19.20
CA GLY A 1 6.49 23.66 19.68
C GLY A 1 4.98 23.54 19.82
N SER A 2 4.38 24.48 20.54
CA SER A 2 2.94 24.47 20.75
C SER A 2 2.21 25.09 19.55
N SER A 3 1.27 24.34 18.98
CA SER A 3 0.51 24.81 17.84
C SER A 3 -0.89 24.21 17.85
N GLY A 4 -1.80 24.83 17.08
CA GLY A 4 -3.17 24.35 17.00
C GLY A 4 -3.55 23.91 15.61
N SER A 5 -4.52 24.60 15.01
CA SER A 5 -4.98 24.28 13.68
C SER A 5 -3.81 24.08 12.73
N SER A 6 -3.46 22.82 12.48
CA SER A 6 -2.35 22.49 11.59
C SER A 6 -2.80 22.53 10.13
N GLY A 7 -3.58 23.55 9.78
CA GLY A 7 -4.06 23.69 8.43
C GLY A 7 -4.90 22.50 7.98
N SER A 8 -5.04 22.33 6.67
CA SER A 8 -5.84 21.24 6.12
C SER A 8 -5.02 19.95 6.10
N ASP A 9 -5.72 18.82 6.10
CA ASP A 9 -5.07 17.51 6.08
C ASP A 9 -4.30 17.31 4.77
N ASP A 10 -2.98 17.48 4.83
CA ASP A 10 -2.14 17.32 3.65
C ASP A 10 -2.13 15.87 3.18
N ALA A 11 -2.32 14.95 4.11
CA ALA A 11 -2.34 13.53 3.79
C ALA A 11 -3.37 13.23 2.71
N ARG A 12 -4.38 14.08 2.60
CA ARG A 12 -5.43 13.91 1.60
C ARG A 12 -4.85 13.98 0.19
N ARG A 13 -3.63 14.51 0.07
CA ARG A 13 -2.97 14.63 -1.22
C ARG A 13 -2.29 13.33 -1.62
N LEU A 14 -1.83 12.58 -0.63
CA LEU A 14 -1.17 11.31 -0.87
C LEU A 14 -2.05 10.38 -1.70
N THR A 15 -1.44 9.64 -2.61
CA THR A 15 -2.16 8.71 -3.47
C THR A 15 -1.27 7.55 -3.90
N VAL A 16 -1.91 6.47 -4.35
CA VAL A 16 -1.18 5.29 -4.80
C VAL A 16 -1.85 4.66 -6.02
N THR A 17 -1.02 4.21 -6.97
CA THR A 17 -1.53 3.58 -8.18
C THR A 17 -0.85 2.24 -8.44
N SER A 18 0.47 2.27 -8.57
CA SER A 18 1.23 1.05 -8.83
C SER A 18 0.62 -0.13 -8.08
N LEU A 19 0.31 0.07 -6.81
CA LEU A 19 -0.27 -0.98 -5.99
C LEU A 19 -1.35 -1.74 -6.76
N GLN A 20 -1.13 -3.03 -6.98
CA GLN A 20 -2.09 -3.85 -7.70
C GLN A 20 -3.06 -4.52 -6.74
N GLU A 21 -4.22 -3.90 -6.55
CA GLU A 21 -5.24 -4.43 -5.65
C GLU A 21 -5.53 -5.89 -5.97
N THR A 22 -5.93 -6.16 -7.21
CA THR A 22 -6.23 -7.52 -7.64
C THR A 22 -5.23 -8.02 -8.65
N GLY A 23 -4.62 -9.17 -8.38
CA GLY A 23 -3.63 -9.73 -9.28
C GLY A 23 -2.37 -10.18 -8.56
N LEU A 24 -2.25 -9.81 -7.30
CA LEU A 24 -1.09 -10.18 -6.49
C LEU A 24 -1.18 -11.63 -6.05
N LYS A 25 -0.07 -12.37 -6.19
CA LYS A 25 -0.03 -13.76 -5.80
C LYS A 25 0.84 -13.95 -4.56
N VAL A 26 0.75 -15.13 -3.95
CA VAL A 26 1.54 -15.44 -2.76
C VAL A 26 3.00 -15.68 -3.10
N ASN A 27 3.89 -15.31 -2.19
CA ASN A 27 5.32 -15.48 -2.40
C ASN A 27 5.80 -14.65 -3.58
N GLN A 28 5.24 -13.45 -3.73
CA GLN A 28 5.62 -12.57 -4.82
C GLN A 28 5.94 -11.17 -4.30
N PRO A 29 7.10 -10.63 -4.72
CA PRO A 29 7.54 -9.30 -4.30
C PRO A 29 6.69 -8.18 -4.92
N ALA A 30 5.73 -7.68 -4.15
CA ALA A 30 4.85 -6.62 -4.62
C ALA A 30 5.29 -5.27 -4.06
N SER A 31 5.60 -4.35 -4.96
CA SER A 31 6.04 -3.01 -4.56
C SER A 31 5.34 -1.94 -5.39
N PHE A 32 5.21 -0.75 -4.82
CA PHE A 32 4.56 0.37 -5.50
C PHE A 32 5.14 1.70 -5.04
N ALA A 33 4.64 2.78 -5.63
CA ALA A 33 5.11 4.13 -5.28
C ALA A 33 3.96 5.00 -4.80
N VAL A 34 4.16 5.65 -3.65
CA VAL A 34 3.14 6.52 -3.08
C VAL A 34 3.44 7.98 -3.38
N GLN A 35 2.61 8.61 -4.20
CA GLN A 35 2.79 10.02 -4.56
C GLN A 35 2.24 10.93 -3.47
N LEU A 36 3.02 11.93 -3.10
CA LEU A 36 2.61 12.89 -2.07
C LEU A 36 1.69 13.95 -2.65
N ASN A 37 2.01 14.41 -3.85
CA ASN A 37 1.21 15.44 -4.52
C ASN A 37 1.20 16.72 -3.71
N GLY A 38 2.35 17.08 -3.14
CA GLY A 38 2.45 18.29 -2.35
C GLY A 38 2.74 18.01 -0.88
N ALA A 39 2.29 16.85 -0.42
CA ALA A 39 2.50 16.46 0.98
C ALA A 39 3.99 16.35 1.30
N ARG A 40 4.34 16.59 2.55
CA ARG A 40 5.73 16.52 2.99
C ARG A 40 5.83 15.99 4.41
N GLY A 41 6.33 14.76 4.54
CA GLY A 41 6.47 14.15 5.85
C GLY A 41 7.14 12.80 5.79
N VAL A 42 6.55 11.83 6.48
CA VAL A 42 7.09 10.47 6.51
C VAL A 42 5.99 9.44 6.30
N ILE A 43 6.20 8.54 5.34
CA ILE A 43 5.23 7.50 5.05
C ILE A 43 5.60 6.18 5.72
N ASP A 44 4.69 5.66 6.54
CA ASP A 44 4.93 4.41 7.24
C ASP A 44 4.08 3.28 6.65
N ALA A 45 4.74 2.21 6.23
CA ALA A 45 4.05 1.07 5.65
C ALA A 45 4.19 -0.17 6.53
N ARG A 46 3.06 -0.82 6.79
CA ARG A 46 3.06 -2.02 7.63
C ARG A 46 1.91 -2.94 7.25
N VAL A 47 2.24 -4.19 6.94
CA VAL A 47 1.23 -5.17 6.56
C VAL A 47 0.81 -6.02 7.75
N HIS A 48 -0.46 -6.42 7.78
CA HIS A 48 -0.98 -7.23 8.86
C HIS A 48 -1.39 -8.61 8.35
N THR A 49 -0.81 -9.65 8.94
CA THR A 49 -1.12 -11.02 8.55
C THR A 49 -2.39 -11.52 9.23
N PRO A 50 -3.12 -12.40 8.54
CA PRO A 50 -4.37 -12.97 9.05
C PRO A 50 -4.13 -13.93 10.21
N SER A 51 -2.86 -14.25 10.46
CA SER A 51 -2.49 -15.17 11.53
C SER A 51 -2.62 -14.49 12.89
N GLY A 52 -2.25 -13.21 12.94
CA GLY A 52 -2.34 -12.47 14.18
C GLY A 52 -1.01 -11.84 14.56
N ALA A 53 -0.15 -11.62 13.58
CA ALA A 53 1.15 -11.01 13.81
C ALA A 53 1.37 -9.80 12.91
N VAL A 54 1.69 -8.67 13.52
CA VAL A 54 1.93 -7.43 12.78
C VAL A 54 3.24 -7.51 11.99
N GLU A 55 3.14 -7.40 10.67
CA GLU A 55 4.32 -7.45 9.81
C GLU A 55 4.79 -6.05 9.45
N GLU A 56 6.01 -5.96 8.91
CA GLU A 56 6.58 -4.68 8.53
C GLU A 56 6.83 -4.63 7.02
N CYS A 57 7.06 -3.42 6.51
CA CYS A 57 7.31 -3.23 5.08
C CYS A 57 8.73 -2.74 4.83
N TYR A 58 9.07 -2.49 3.58
CA TYR A 58 10.40 -2.02 3.22
C TYR A 58 10.32 -0.69 2.48
N VAL A 59 10.84 0.36 3.12
CA VAL A 59 10.84 1.69 2.52
C VAL A 59 12.20 2.37 2.68
N SER A 60 13.00 2.32 1.62
CA SER A 60 14.32 2.93 1.64
C SER A 60 14.26 4.34 2.20
N GLU A 61 13.75 5.27 1.41
CA GLU A 61 13.63 6.66 1.84
C GLU A 61 12.87 7.49 0.81
N LEU A 62 12.75 8.78 1.06
CA LEU A 62 12.04 9.68 0.14
C LEU A 62 12.86 9.93 -1.11
N ASP A 63 12.42 9.33 -2.22
CA ASP A 63 13.10 9.48 -3.50
C ASP A 63 12.21 10.19 -4.51
N SER A 64 12.60 11.41 -4.88
CA SER A 64 11.83 12.20 -5.84
C SER A 64 10.42 12.46 -5.32
N ASP A 65 10.32 12.75 -4.03
CA ASP A 65 9.03 13.02 -3.40
C ASP A 65 8.11 11.82 -3.50
N LYS A 66 8.71 10.64 -3.54
CA LYS A 66 7.94 9.40 -3.63
C LYS A 66 8.58 8.29 -2.79
N HIS A 67 7.75 7.54 -2.07
CA HIS A 67 8.23 6.47 -1.21
C HIS A 67 7.92 5.11 -1.84
N THR A 68 8.92 4.23 -1.88
CA THR A 68 8.75 2.90 -2.44
C THR A 68 8.59 1.85 -1.35
N ILE A 69 7.56 1.02 -1.48
CA ILE A 69 7.30 -0.03 -0.50
C ILE A 69 7.52 -1.41 -1.11
N ARG A 70 8.13 -2.31 -0.33
CA ARG A 70 8.40 -3.66 -0.79
C ARG A 70 8.08 -4.68 0.29
N PHE A 71 7.17 -5.60 -0.02
CA PHE A 71 6.78 -6.64 0.94
C PHE A 71 6.15 -7.83 0.22
N ILE A 72 6.39 -9.02 0.76
CA ILE A 72 5.85 -10.25 0.18
C ILE A 72 4.83 -10.90 1.10
N PRO A 73 3.66 -11.24 0.55
CA PRO A 73 2.57 -11.88 1.30
C PRO A 73 2.92 -13.31 1.71
N HIS A 74 3.52 -13.45 2.88
CA HIS A 74 3.90 -14.77 3.39
C HIS A 74 2.74 -15.74 3.29
N GLU A 75 1.54 -15.26 3.60
CA GLU A 75 0.34 -16.08 3.55
C GLU A 75 -0.70 -15.49 2.60
N ASN A 76 -1.80 -16.20 2.41
CA ASN A 76 -2.87 -15.75 1.53
C ASN A 76 -3.88 -14.89 2.29
N GLY A 77 -4.87 -14.37 1.58
CA GLY A 77 -5.88 -13.54 2.21
C GLY A 77 -5.63 -12.06 2.01
N VAL A 78 -6.64 -11.25 2.28
CA VAL A 78 -6.52 -9.80 2.11
C VAL A 78 -5.78 -9.18 3.29
N HIS A 79 -4.58 -8.67 3.03
CA HIS A 79 -3.77 -8.05 4.07
C HIS A 79 -4.16 -6.58 4.26
N SER A 80 -3.77 -6.01 5.39
CA SER A 80 -4.08 -4.62 5.69
C SER A 80 -2.82 -3.77 5.67
N ILE A 81 -2.71 -2.90 4.66
CA ILE A 81 -1.57 -2.03 4.53
C ILE A 81 -1.77 -0.73 5.29
N ASP A 82 -1.00 -0.54 6.35
CA ASP A 82 -1.11 0.67 7.17
C ASP A 82 -0.26 1.80 6.57
N VAL A 83 -0.94 2.83 6.08
CA VAL A 83 -0.26 3.97 5.48
C VAL A 83 -0.47 5.24 6.31
N LYS A 84 0.56 5.64 7.04
CA LYS A 84 0.49 6.84 7.87
C LYS A 84 1.41 7.94 7.33
N PHE A 85 1.03 9.19 7.58
CA PHE A 85 1.81 10.33 7.11
C PHE A 85 1.96 11.37 8.22
N ASN A 86 3.13 11.36 8.87
CA ASN A 86 3.40 12.31 9.94
C ASN A 86 2.24 12.35 10.94
N GLY A 87 1.80 11.16 11.36
CA GLY A 87 0.70 11.08 12.31
C GLY A 87 -0.63 11.48 11.70
N ALA A 88 -0.90 10.95 10.51
CA ALA A 88 -2.15 11.25 9.83
C ALA A 88 -2.51 10.15 8.82
N HIS A 89 -3.55 9.39 9.14
CA HIS A 89 -3.99 8.30 8.27
C HIS A 89 -4.50 8.85 6.95
N ILE A 90 -4.03 8.25 5.85
CA ILE A 90 -4.43 8.68 4.52
C ILE A 90 -5.83 8.16 4.19
N PRO A 91 -6.55 8.91 3.33
CA PRO A 91 -7.90 8.55 2.90
C PRO A 91 -7.92 7.32 2.00
N GLY A 92 -8.34 6.19 2.57
CA GLY A 92 -8.40 4.96 1.80
C GLY A 92 -7.65 3.82 2.47
N SER A 93 -6.84 4.16 3.47
CA SER A 93 -6.05 3.16 4.19
C SER A 93 -6.81 2.65 5.41
N PRO A 94 -6.51 1.41 5.83
CA PRO A 94 -5.51 0.58 5.15
C PRO A 94 -5.98 0.11 3.77
N PHE A 95 -5.03 -0.01 2.84
CA PHE A 95 -5.35 -0.44 1.48
C PHE A 95 -5.50 -1.96 1.42
N LYS A 96 -6.74 -2.42 1.24
CA LYS A 96 -7.02 -3.85 1.17
C LYS A 96 -6.51 -4.44 -0.15
N ILE A 97 -5.45 -5.24 -0.06
CA ILE A 97 -4.87 -5.86 -1.24
C ILE A 97 -5.12 -7.36 -1.25
N ARG A 98 -5.71 -7.85 -2.34
CA ARG A 98 -6.01 -9.27 -2.49
C ARG A 98 -4.75 -10.06 -2.84
N VAL A 99 -4.59 -11.22 -2.21
CA VAL A 99 -3.43 -12.06 -2.47
C VAL A 99 -3.85 -13.49 -2.79
N GLY A 100 -3.47 -13.96 -3.97
CA GLY A 100 -3.82 -15.31 -4.38
C GLY A 100 -3.49 -15.58 -5.83
N GLU A 101 -3.33 -16.85 -6.18
CA GLU A 101 -3.01 -17.24 -7.55
C GLU A 101 -4.20 -16.98 -8.47
N GLN A 102 -3.91 -16.46 -9.67
CA GLN A 102 -4.95 -16.17 -10.64
C GLN A 102 -5.17 -17.35 -11.57
N SER A 103 -6.39 -17.49 -12.08
CA SER A 103 -6.73 -18.58 -12.99
C SER A 103 -6.00 -18.43 -14.31
N GLN A 104 -4.75 -18.90 -14.34
CA GLN A 104 -3.94 -18.83 -15.55
C GLN A 104 -4.03 -17.45 -16.18
N ALA A 105 -4.15 -16.42 -15.35
CA ALA A 105 -4.25 -15.05 -15.83
C ALA A 105 -2.98 -14.26 -15.51
N GLY A 106 -2.59 -13.39 -16.43
CA GLY A 106 -1.39 -12.58 -16.22
C GLY A 106 -0.73 -12.19 -17.53
N SER A 107 -0.12 -11.01 -17.54
CA SER A 107 0.55 -10.51 -18.75
C SER A 107 1.61 -11.50 -19.22
N GLY A 108 1.69 -11.68 -20.54
CA GLY A 108 2.66 -12.60 -21.11
C GLY A 108 3.87 -11.88 -21.68
N PRO A 109 3.81 -11.55 -22.98
CA PRO A 109 4.89 -10.85 -23.67
C PRO A 109 5.05 -9.41 -23.21
N SER A 110 5.72 -9.22 -22.08
CA SER A 110 5.93 -7.89 -21.53
C SER A 110 7.41 -7.49 -21.63
N SER A 111 7.65 -6.20 -21.83
CA SER A 111 9.01 -5.69 -21.95
C SER A 111 9.78 -6.42 -23.05
N GLY A 112 9.11 -6.64 -24.18
CA GLY A 112 9.74 -7.32 -25.30
C GLY A 112 8.73 -7.87 -26.28
N GLY A 1 1.98 28.39 21.95
CA GLY A 1 2.56 29.70 21.70
C GLY A 1 3.19 29.81 20.33
N SER A 2 4.51 29.81 20.28
CA SER A 2 5.24 29.91 19.01
C SER A 2 5.55 28.53 18.45
N SER A 3 4.63 28.00 17.64
CA SER A 3 4.81 26.68 17.05
C SER A 3 6.12 26.61 16.27
N GLY A 4 7.08 25.88 16.82
CA GLY A 4 8.37 25.73 16.17
C GLY A 4 8.30 24.88 14.92
N SER A 5 7.92 23.63 15.08
CA SER A 5 7.82 22.71 13.95
C SER A 5 6.51 22.92 13.19
N SER A 6 6.62 23.15 11.89
CA SER A 6 5.46 23.38 11.05
C SER A 6 4.50 22.20 11.11
N GLY A 7 3.32 22.36 10.53
CA GLY A 7 2.34 21.29 10.53
C GLY A 7 1.39 21.38 9.36
N SER A 8 1.82 20.86 8.21
CA SER A 8 1.00 20.89 7.01
C SER A 8 0.45 19.51 6.69
N ASP A 9 -0.83 19.30 7.00
CA ASP A 9 -1.47 18.01 6.74
C ASP A 9 -1.75 17.83 5.27
N ASP A 10 -0.78 17.26 4.55
CA ASP A 10 -0.93 17.03 3.12
C ASP A 10 -1.04 15.54 2.82
N ALA A 11 -1.71 14.81 3.71
CA ALA A 11 -1.90 13.38 3.54
C ALA A 11 -3.10 13.08 2.66
N ARG A 12 -4.09 13.97 2.69
CA ARG A 12 -5.30 13.81 1.88
C ARG A 12 -4.97 13.85 0.40
N ARG A 13 -3.72 14.19 0.08
CA ARG A 13 -3.29 14.26 -1.31
C ARG A 13 -2.60 12.98 -1.75
N LEU A 14 -2.12 12.22 -0.76
CA LEU A 14 -1.44 10.96 -1.04
C LEU A 14 -2.35 10.01 -1.82
N THR A 15 -1.78 9.37 -2.84
CA THR A 15 -2.54 8.43 -3.67
C THR A 15 -1.65 7.31 -4.20
N VAL A 16 -2.16 6.09 -4.16
CA VAL A 16 -1.41 4.94 -4.63
C VAL A 16 -2.06 4.33 -5.87
N THR A 17 -1.26 4.12 -6.91
CA THR A 17 -1.76 3.54 -8.15
C THR A 17 -1.03 2.25 -8.49
N SER A 18 0.30 2.31 -8.54
CA SER A 18 1.11 1.14 -8.86
C SER A 18 0.55 -0.11 -8.17
N LEU A 19 0.15 0.04 -6.91
CA LEU A 19 -0.40 -1.06 -6.14
C LEU A 19 -1.42 -1.84 -6.96
N GLN A 20 -1.36 -3.17 -6.88
CA GLN A 20 -2.28 -4.02 -7.61
C GLN A 20 -3.40 -4.54 -6.70
N GLU A 21 -4.52 -3.82 -6.70
CA GLU A 21 -5.65 -4.20 -5.87
C GLU A 21 -5.77 -5.72 -5.78
N THR A 22 -5.78 -6.38 -6.93
CA THR A 22 -5.90 -7.83 -6.97
C THR A 22 -4.96 -8.42 -8.01
N GLY A 23 -4.55 -9.67 -7.80
CA GLY A 23 -3.65 -10.33 -8.73
C GLY A 23 -2.40 -10.86 -8.05
N LEU A 24 -1.77 -10.03 -7.23
CA LEU A 24 -0.56 -10.43 -6.52
C LEU A 24 -0.68 -11.86 -6.01
N LYS A 25 0.21 -12.73 -6.48
CA LYS A 25 0.20 -14.13 -6.06
C LYS A 25 0.91 -14.30 -4.72
N VAL A 26 1.01 -15.54 -4.25
CA VAL A 26 1.68 -15.84 -2.99
C VAL A 26 3.19 -15.82 -3.15
N ASN A 27 3.89 -15.36 -2.10
CA ASN A 27 5.34 -15.29 -2.12
C ASN A 27 5.83 -14.52 -3.34
N GLN A 28 5.22 -13.37 -3.59
CA GLN A 28 5.58 -12.53 -4.73
C GLN A 28 5.98 -11.13 -4.26
N PRO A 29 7.14 -10.66 -4.75
CA PRO A 29 7.66 -9.33 -4.39
C PRO A 29 6.84 -8.21 -5.02
N ALA A 30 5.84 -7.74 -4.27
CA ALA A 30 4.98 -6.66 -4.74
C ALA A 30 5.45 -5.30 -4.21
N SER A 31 5.68 -4.37 -5.11
CA SER A 31 6.14 -3.04 -4.73
C SER A 31 5.42 -1.96 -5.55
N PHE A 32 5.25 -0.78 -4.96
CA PHE A 32 4.58 0.32 -5.63
C PHE A 32 5.15 1.66 -5.15
N ALA A 33 4.65 2.75 -5.74
CA ALA A 33 5.10 4.09 -5.37
C ALA A 33 3.94 4.91 -4.82
N VAL A 34 4.23 5.75 -3.83
CA VAL A 34 3.22 6.59 -3.22
C VAL A 34 3.48 8.07 -3.52
N GLN A 35 2.61 8.66 -4.35
CA GLN A 35 2.75 10.06 -4.71
C GLN A 35 2.31 10.97 -3.57
N LEU A 36 3.06 12.05 -3.37
CA LEU A 36 2.76 13.00 -2.30
C LEU A 36 1.80 14.08 -2.80
N ASN A 37 1.94 14.46 -4.06
CA ASN A 37 1.08 15.47 -4.66
C ASN A 37 1.26 16.81 -3.95
N GLY A 38 2.47 17.07 -3.47
CA GLY A 38 2.75 18.31 -2.77
C GLY A 38 2.65 18.16 -1.26
N ALA A 39 2.99 16.98 -0.76
CA ALA A 39 2.95 16.71 0.67
C ALA A 39 4.35 16.59 1.25
N ARG A 40 4.45 16.71 2.57
CA ARG A 40 5.74 16.62 3.24
C ARG A 40 5.60 15.88 4.57
N GLY A 41 6.30 14.75 4.68
CA GLY A 41 6.25 13.96 5.90
C GLY A 41 6.96 12.63 5.76
N VAL A 42 6.50 11.63 6.51
CA VAL A 42 7.09 10.30 6.46
C VAL A 42 6.03 9.24 6.19
N ILE A 43 6.28 8.41 5.19
CA ILE A 43 5.35 7.35 4.83
C ILE A 43 5.64 6.07 5.61
N ASP A 44 4.67 5.65 6.40
CA ASP A 44 4.83 4.43 7.21
C ASP A 44 3.94 3.30 6.66
N ALA A 45 4.59 2.25 6.16
CA ALA A 45 3.86 1.12 5.61
C ALA A 45 4.02 -0.11 6.50
N ARG A 46 2.93 -0.83 6.71
CA ARG A 46 2.95 -2.03 7.55
C ARG A 46 1.82 -2.99 7.14
N VAL A 47 2.18 -4.25 6.94
CA VAL A 47 1.21 -5.27 6.56
C VAL A 47 0.75 -6.09 7.76
N HIS A 48 -0.50 -6.52 7.74
CA HIS A 48 -1.07 -7.30 8.83
C HIS A 48 -1.49 -8.68 8.35
N THR A 49 -0.91 -9.72 8.95
CA THR A 49 -1.22 -11.09 8.57
C THR A 49 -2.56 -11.54 9.17
N PRO A 50 -3.26 -12.41 8.44
CA PRO A 50 -4.57 -12.93 8.88
C PRO A 50 -4.44 -13.87 10.08
N SER A 51 -3.21 -14.15 10.48
CA SER A 51 -2.95 -15.04 11.61
C SER A 51 -2.99 -14.27 12.92
N GLY A 52 -2.00 -13.38 13.10
CA GLY A 52 -1.94 -12.59 14.32
C GLY A 52 -0.55 -12.04 14.59
N ALA A 53 0.17 -11.73 13.51
CA ALA A 53 1.52 -11.20 13.63
C ALA A 53 1.67 -9.91 12.82
N VAL A 54 2.14 -8.85 13.49
CA VAL A 54 2.32 -7.56 12.84
C VAL A 54 3.61 -7.55 12.02
N GLU A 55 3.47 -7.64 10.70
CA GLU A 55 4.62 -7.63 9.81
C GLU A 55 5.05 -6.20 9.49
N GLU A 56 6.20 -6.07 8.83
CA GLU A 56 6.73 -4.76 8.48
C GLU A 56 6.99 -4.67 6.97
N CYS A 57 7.19 -3.45 6.49
CA CYS A 57 7.45 -3.23 5.07
C CYS A 57 8.84 -2.63 4.85
N TYR A 58 9.17 -2.35 3.60
CA TYR A 58 10.47 -1.77 3.26
C TYR A 58 10.30 -0.45 2.52
N VAL A 59 10.61 0.64 3.21
CA VAL A 59 10.49 1.98 2.61
C VAL A 59 11.77 2.77 2.81
N SER A 60 12.61 2.79 1.79
CA SER A 60 13.88 3.52 1.85
C SER A 60 13.65 4.99 2.20
N GLU A 61 14.73 5.72 2.40
CA GLU A 61 14.65 7.14 2.73
C GLU A 61 13.86 7.91 1.67
N LEU A 62 13.60 9.18 1.95
CA LEU A 62 12.84 10.02 1.02
C LEU A 62 13.72 10.43 -0.16
N ASP A 63 13.17 10.32 -1.36
CA ASP A 63 13.90 10.69 -2.58
C ASP A 63 12.94 10.89 -3.75
N SER A 64 13.36 11.71 -4.71
CA SER A 64 12.54 11.99 -5.88
C SER A 64 11.13 12.39 -5.46
N ASP A 65 11.01 12.99 -4.28
CA ASP A 65 9.71 13.43 -3.77
C ASP A 65 8.68 12.30 -3.86
N LYS A 66 9.11 11.10 -3.52
CA LYS A 66 8.23 9.93 -3.56
C LYS A 66 8.73 8.83 -2.62
N HIS A 67 7.93 7.78 -2.47
CA HIS A 67 8.30 6.67 -1.59
C HIS A 67 8.00 5.34 -2.27
N THR A 68 8.78 4.32 -1.94
CA THR A 68 8.61 2.99 -2.51
C THR A 68 8.47 1.94 -1.42
N ILE A 69 7.44 1.11 -1.52
CA ILE A 69 7.20 0.05 -0.55
C ILE A 69 7.45 -1.33 -1.16
N ARG A 70 7.97 -2.24 -0.34
CA ARG A 70 8.26 -3.59 -0.80
C ARG A 70 7.94 -4.61 0.29
N PHE A 71 7.06 -5.55 -0.03
CA PHE A 71 6.66 -6.58 0.92
C PHE A 71 6.05 -7.78 0.20
N ILE A 72 6.25 -8.97 0.77
CA ILE A 72 5.73 -10.19 0.18
C ILE A 72 4.74 -10.87 1.12
N PRO A 73 3.53 -11.17 0.60
CA PRO A 73 2.49 -11.83 1.38
C PRO A 73 2.82 -13.28 1.70
N HIS A 74 3.37 -13.52 2.88
CA HIS A 74 3.74 -14.86 3.30
C HIS A 74 2.55 -15.82 3.16
N GLU A 75 1.37 -15.35 3.53
CA GLU A 75 0.16 -16.17 3.45
C GLU A 75 -0.90 -15.47 2.60
N ASN A 76 -1.89 -16.23 2.16
CA ASN A 76 -2.97 -15.70 1.35
C ASN A 76 -3.95 -14.90 2.20
N GLY A 77 -4.81 -14.12 1.53
CA GLY A 77 -5.78 -13.33 2.25
C GLY A 77 -5.58 -11.84 2.06
N VAL A 78 -6.64 -11.06 2.21
CA VAL A 78 -6.57 -9.62 2.05
C VAL A 78 -5.88 -8.96 3.25
N HIS A 79 -4.60 -8.65 3.09
CA HIS A 79 -3.83 -8.02 4.16
C HIS A 79 -4.24 -6.57 4.33
N SER A 80 -3.93 -6.00 5.50
CA SER A 80 -4.27 -4.62 5.79
C SER A 80 -3.02 -3.74 5.78
N ILE A 81 -2.90 -2.89 4.76
CA ILE A 81 -1.77 -1.99 4.63
C ILE A 81 -2.01 -0.68 5.34
N ASP A 82 -1.36 -0.50 6.48
CA ASP A 82 -1.51 0.72 7.27
C ASP A 82 -0.55 1.80 6.78
N VAL A 83 -1.10 2.81 6.10
CA VAL A 83 -0.30 3.90 5.57
C VAL A 83 -0.54 5.19 6.37
N LYS A 84 0.50 5.66 7.04
CA LYS A 84 0.41 6.87 7.84
C LYS A 84 1.40 7.91 7.35
N PHE A 85 0.99 9.18 7.41
CA PHE A 85 1.85 10.28 6.97
C PHE A 85 1.86 11.41 7.99
N ASN A 86 2.97 11.55 8.70
CA ASN A 86 3.10 12.60 9.71
C ASN A 86 1.99 12.49 10.76
N GLY A 87 1.78 11.27 11.26
CA GLY A 87 0.75 11.06 12.26
C GLY A 87 -0.65 11.34 11.72
N ALA A 88 -0.85 11.04 10.44
CA ALA A 88 -2.15 11.25 9.80
C ALA A 88 -2.48 10.13 8.85
N HIS A 89 -3.54 9.39 9.15
CA HIS A 89 -3.97 8.27 8.30
C HIS A 89 -4.54 8.79 6.98
N ILE A 90 -4.01 8.26 5.88
CA ILE A 90 -4.46 8.67 4.55
C ILE A 90 -5.87 8.17 4.29
N PRO A 91 -6.60 8.91 3.43
CA PRO A 91 -7.98 8.56 3.08
C PRO A 91 -8.05 7.31 2.20
N GLY A 92 -8.46 6.20 2.80
CA GLY A 92 -8.57 4.95 2.05
C GLY A 92 -7.88 3.80 2.76
N SER A 93 -6.99 4.13 3.69
CA SER A 93 -6.25 3.11 4.43
C SER A 93 -7.04 2.63 5.65
N PRO A 94 -6.78 1.39 6.07
CA PRO A 94 -5.79 0.52 5.42
C PRO A 94 -6.24 0.06 4.04
N PHE A 95 -5.27 -0.13 3.15
CA PHE A 95 -5.57 -0.57 1.79
C PHE A 95 -5.74 -2.09 1.73
N LYS A 96 -6.90 -2.53 1.25
CA LYS A 96 -7.20 -3.95 1.15
C LYS A 96 -6.66 -4.52 -0.16
N ILE A 97 -5.58 -5.29 -0.07
CA ILE A 97 -4.98 -5.90 -1.25
C ILE A 97 -5.20 -7.41 -1.27
N ARG A 98 -5.78 -7.89 -2.36
CA ARG A 98 -6.06 -9.32 -2.50
C ARG A 98 -4.81 -10.08 -2.97
N VAL A 99 -4.51 -11.17 -2.30
CA VAL A 99 -3.34 -11.98 -2.66
C VAL A 99 -3.75 -13.41 -3.01
N GLY A 100 -3.47 -13.82 -4.24
CA GLY A 100 -3.81 -15.16 -4.68
C GLY A 100 -4.91 -15.17 -5.72
N GLU A 101 -4.95 -14.11 -6.53
CA GLU A 101 -5.95 -13.99 -7.59
C GLU A 101 -5.31 -14.12 -8.97
N GLN A 102 -6.11 -14.52 -9.95
CA GLN A 102 -5.61 -14.67 -11.32
C GLN A 102 -5.66 -13.35 -12.06
N SER A 103 -4.77 -13.20 -13.06
CA SER A 103 -4.72 -11.97 -13.84
C SER A 103 -3.92 -12.19 -15.12
N GLN A 104 -4.31 -11.48 -16.19
CA GLN A 104 -3.63 -11.60 -17.47
C GLN A 104 -3.19 -13.04 -17.72
N ALA A 105 -3.97 -13.99 -17.22
CA ALA A 105 -3.66 -15.40 -17.39
C ALA A 105 -3.73 -15.80 -18.85
N GLY A 106 -2.58 -16.20 -19.41
CA GLY A 106 -2.53 -16.61 -20.80
C GLY A 106 -3.05 -15.54 -21.73
N SER A 107 -2.74 -15.67 -23.02
CA SER A 107 -3.17 -14.70 -24.01
C SER A 107 -4.32 -15.26 -24.86
N GLY A 108 -4.86 -14.44 -25.75
CA GLY A 108 -5.95 -14.87 -26.60
C GLY A 108 -6.47 -13.76 -27.48
N PRO A 109 -5.69 -13.39 -28.52
CA PRO A 109 -6.07 -12.33 -29.45
C PRO A 109 -7.23 -12.73 -30.34
N SER A 110 -7.84 -11.74 -31.00
CA SER A 110 -8.97 -11.99 -31.88
C SER A 110 -8.80 -11.25 -33.21
N SER A 111 -8.60 -12.03 -34.28
CA SER A 111 -8.41 -11.45 -35.60
C SER A 111 -9.40 -10.32 -35.86
N GLY A 112 -8.91 -9.19 -36.35
CA GLY A 112 -9.77 -8.06 -36.63
C GLY A 112 -10.49 -7.56 -35.39
N GLY A 1 -14.12 35.51 8.98
CA GLY A 1 -14.96 34.43 8.49
C GLY A 1 -14.53 33.07 9.02
N SER A 2 -13.23 32.82 8.98
CA SER A 2 -12.69 31.54 9.45
C SER A 2 -11.99 31.72 10.80
N SER A 3 -12.46 30.97 11.80
CA SER A 3 -11.87 31.05 13.14
C SER A 3 -10.95 29.86 13.39
N GLY A 4 -10.03 30.04 14.34
CA GLY A 4 -9.10 28.97 14.66
C GLY A 4 -8.44 28.37 13.43
N SER A 5 -8.39 27.05 13.38
CA SER A 5 -7.79 26.35 12.25
C SER A 5 -8.85 25.67 11.40
N SER A 6 -8.89 26.01 10.12
CA SER A 6 -9.85 25.44 9.19
C SER A 6 -9.64 23.94 9.04
N GLY A 7 -8.39 23.54 8.82
CA GLY A 7 -8.08 22.14 8.67
C GLY A 7 -6.93 21.90 7.70
N SER A 8 -5.76 21.56 8.25
CA SER A 8 -4.58 21.31 7.43
C SER A 8 -4.43 19.83 7.14
N ASP A 9 -4.92 19.41 5.98
CA ASP A 9 -4.85 18.01 5.57
C ASP A 9 -4.12 17.87 4.23
N ASP A 10 -2.91 17.34 4.28
CA ASP A 10 -2.12 17.15 3.06
C ASP A 10 -2.09 15.69 2.65
N ALA A 11 -2.38 14.80 3.60
CA ALA A 11 -2.39 13.37 3.34
C ALA A 11 -3.29 13.04 2.16
N ARG A 12 -4.29 13.88 1.92
CA ARG A 12 -5.22 13.66 0.82
C ARG A 12 -4.49 13.65 -0.52
N ARG A 13 -3.28 14.22 -0.53
CA ARG A 13 -2.49 14.27 -1.75
C ARG A 13 -1.70 12.98 -1.95
N LEU A 14 -1.80 12.09 -0.97
CA LEU A 14 -1.10 10.81 -1.05
C LEU A 14 -1.92 9.78 -1.81
N THR A 15 -1.37 9.30 -2.92
CA THR A 15 -2.05 8.31 -3.75
C THR A 15 -1.12 7.14 -4.09
N VAL A 16 -1.70 6.05 -4.56
CA VAL A 16 -0.93 4.87 -4.93
C VAL A 16 -1.49 4.22 -6.19
N THR A 17 -0.74 4.32 -7.28
CA THR A 17 -1.16 3.74 -8.55
C THR A 17 -0.50 2.40 -8.78
N SER A 18 0.83 2.39 -8.82
CA SER A 18 1.58 1.16 -9.05
C SER A 18 0.91 -0.03 -8.35
N LEU A 19 0.52 0.17 -7.10
CA LEU A 19 -0.14 -0.87 -6.33
C LEU A 19 -1.19 -1.59 -7.18
N GLN A 20 -1.39 -2.87 -6.90
CA GLN A 20 -2.36 -3.68 -7.63
C GLN A 20 -3.47 -4.16 -6.70
N GLU A 21 -4.52 -3.36 -6.55
CA GLU A 21 -5.64 -3.72 -5.68
C GLU A 21 -5.91 -5.22 -5.75
N THR A 22 -6.17 -5.71 -6.95
CA THR A 22 -6.45 -7.14 -7.15
C THR A 22 -5.61 -7.71 -8.26
N GLY A 23 -4.95 -8.84 -7.99
CA GLY A 23 -4.11 -9.47 -8.99
C GLY A 23 -2.83 -10.04 -8.41
N LEU A 24 -2.47 -9.58 -7.22
CA LEU A 24 -1.26 -10.05 -6.54
C LEU A 24 -1.42 -11.50 -6.09
N LYS A 25 -0.31 -12.21 -6.00
CA LYS A 25 -0.32 -13.60 -5.58
C LYS A 25 0.56 -13.80 -4.34
N VAL A 26 0.56 -15.01 -3.81
CA VAL A 26 1.36 -15.34 -2.63
C VAL A 26 2.83 -15.47 -2.99
N ASN A 27 3.69 -15.45 -1.97
CA ASN A 27 5.13 -15.56 -2.18
C ASN A 27 5.58 -14.71 -3.36
N GLN A 28 4.92 -13.57 -3.55
CA GLN A 28 5.24 -12.67 -4.65
C GLN A 28 5.61 -11.28 -4.12
N PRO A 29 6.74 -10.74 -4.60
CA PRO A 29 7.23 -9.43 -4.19
C PRO A 29 6.35 -8.29 -4.71
N ALA A 30 5.39 -7.86 -3.89
CA ALA A 30 4.50 -6.79 -4.27
C ALA A 30 4.99 -5.44 -3.74
N SER A 31 5.38 -4.56 -4.65
CA SER A 31 5.89 -3.25 -4.28
C SER A 31 5.23 -2.16 -5.12
N PHE A 32 4.90 -1.04 -4.49
CA PHE A 32 4.28 0.09 -5.18
C PHE A 32 4.91 1.40 -4.77
N ALA A 33 4.44 2.50 -5.36
CA ALA A 33 4.95 3.82 -5.06
C ALA A 33 3.84 4.74 -4.55
N VAL A 34 4.14 5.49 -3.49
CA VAL A 34 3.18 6.41 -2.90
C VAL A 34 3.62 7.86 -3.07
N GLN A 35 3.03 8.54 -4.04
CA GLN A 35 3.37 9.93 -4.31
C GLN A 35 2.63 10.86 -3.36
N LEU A 36 3.34 11.88 -2.86
CA LEU A 36 2.74 12.84 -1.94
C LEU A 36 2.00 13.94 -2.70
N ASN A 37 2.40 14.17 -3.94
CA ASN A 37 1.77 15.19 -4.77
C ASN A 37 1.73 16.54 -4.05
N GLY A 38 2.85 16.89 -3.43
CA GLY A 38 2.92 18.16 -2.72
C GLY A 38 3.14 17.97 -1.22
N ALA A 39 2.42 17.00 -0.65
CA ALA A 39 2.54 16.72 0.78
C ALA A 39 4.00 16.60 1.19
N ARG A 40 4.26 16.83 2.49
CA ARG A 40 5.62 16.74 3.02
C ARG A 40 5.62 16.11 4.41
N GLY A 41 6.20 14.92 4.51
CA GLY A 41 6.26 14.23 5.77
C GLY A 41 6.95 12.88 5.67
N VAL A 42 6.41 11.89 6.38
CA VAL A 42 6.98 10.55 6.37
C VAL A 42 5.89 9.49 6.18
N ILE A 43 6.14 8.55 5.28
CA ILE A 43 5.18 7.48 5.01
C ILE A 43 5.62 6.16 5.64
N ASP A 44 4.80 5.64 6.54
CA ASP A 44 5.12 4.39 7.21
C ASP A 44 4.20 3.27 6.73
N ALA A 45 4.79 2.25 6.11
CA ALA A 45 4.03 1.12 5.60
C ALA A 45 4.16 -0.10 6.52
N ARG A 46 3.04 -0.78 6.74
CA ARG A 46 3.04 -1.96 7.60
C ARG A 46 1.90 -2.91 7.22
N VAL A 47 2.26 -4.13 6.86
CA VAL A 47 1.27 -5.13 6.47
C VAL A 47 0.88 -6.00 7.65
N HIS A 48 -0.41 -6.34 7.73
CA HIS A 48 -0.92 -7.17 8.82
C HIS A 48 -1.37 -8.52 8.29
N THR A 49 -0.69 -9.58 8.71
CA THR A 49 -1.02 -10.94 8.28
C THR A 49 -2.35 -11.39 8.87
N PRO A 50 -3.08 -12.22 8.12
CA PRO A 50 -4.38 -12.74 8.54
C PRO A 50 -4.26 -13.73 9.71
N SER A 51 -3.02 -14.03 10.08
CA SER A 51 -2.77 -14.97 11.18
C SER A 51 -2.79 -14.26 12.52
N GLY A 52 -2.25 -13.03 12.55
CA GLY A 52 -2.22 -12.27 13.78
C GLY A 52 -0.83 -11.77 14.12
N ALA A 53 -0.03 -11.51 13.09
CA ALA A 53 1.33 -11.03 13.30
C ALA A 53 1.58 -9.76 12.49
N VAL A 54 2.04 -8.71 13.18
CA VAL A 54 2.32 -7.43 12.54
C VAL A 54 3.62 -7.49 11.75
N GLU A 55 3.51 -7.51 10.43
CA GLU A 55 4.68 -7.57 9.56
C GLU A 55 5.16 -6.16 9.21
N GLU A 56 6.43 -6.05 8.80
CA GLU A 56 7.01 -4.77 8.44
C GLU A 56 7.26 -4.70 6.94
N CYS A 57 7.33 -3.49 6.41
CA CYS A 57 7.56 -3.28 4.98
C CYS A 57 8.92 -2.62 4.75
N TYR A 58 9.34 -2.58 3.49
CA TYR A 58 10.62 -1.99 3.13
C TYR A 58 10.43 -0.67 2.40
N VAL A 59 10.84 0.42 3.02
CA VAL A 59 10.72 1.75 2.43
C VAL A 59 12.01 2.55 2.58
N SER A 60 12.47 3.14 1.47
CA SER A 60 13.70 3.92 1.48
C SER A 60 13.40 5.39 1.77
N GLU A 61 14.45 6.20 1.84
CA GLU A 61 14.30 7.62 2.11
C GLU A 61 13.61 8.33 0.94
N LEU A 62 13.32 9.61 1.12
CA LEU A 62 12.65 10.40 0.09
C LEU A 62 13.67 10.92 -0.93
N ASP A 63 13.28 10.93 -2.19
CA ASP A 63 14.15 11.42 -3.26
C ASP A 63 13.40 12.36 -4.19
N SER A 64 12.27 11.88 -4.72
CA SER A 64 11.47 12.68 -5.64
C SER A 64 10.09 12.96 -5.04
N ASP A 65 10.04 13.08 -3.72
CA ASP A 65 8.78 13.34 -3.02
C ASP A 65 7.87 12.12 -3.08
N LYS A 66 8.47 10.93 -3.09
CA LYS A 66 7.71 9.69 -3.15
C LYS A 66 8.47 8.57 -2.45
N HIS A 67 7.74 7.52 -2.07
CA HIS A 67 8.34 6.38 -1.40
C HIS A 67 7.96 5.07 -2.10
N THR A 68 8.77 4.04 -1.88
CA THR A 68 8.51 2.74 -2.49
C THR A 68 8.44 1.64 -1.44
N ILE A 69 7.30 0.96 -1.37
CA ILE A 69 7.11 -0.11 -0.42
C ILE A 69 7.38 -1.48 -1.05
N ARG A 70 7.81 -2.43 -0.23
CA ARG A 70 8.11 -3.78 -0.71
C ARG A 70 7.86 -4.81 0.38
N PHE A 71 6.97 -5.76 0.10
CA PHE A 71 6.65 -6.80 1.07
C PHE A 71 6.03 -8.02 0.36
N ILE A 72 6.22 -9.19 0.95
CA ILE A 72 5.68 -10.42 0.38
C ILE A 72 4.72 -11.11 1.35
N PRO A 73 3.50 -11.38 0.88
CA PRO A 73 2.47 -12.03 1.70
C PRO A 73 2.79 -13.49 1.98
N HIS A 74 3.57 -13.74 3.03
CA HIS A 74 3.95 -15.09 3.41
C HIS A 74 2.75 -16.03 3.34
N GLU A 75 1.57 -15.51 3.65
CA GLU A 75 0.35 -16.30 3.62
C GLU A 75 -0.72 -15.64 2.75
N ASN A 76 -1.51 -16.45 2.07
CA ASN A 76 -2.57 -15.94 1.21
C ASN A 76 -3.63 -15.21 2.02
N GLY A 77 -4.47 -14.43 1.34
CA GLY A 77 -5.51 -13.69 2.02
C GLY A 77 -5.32 -12.19 1.92
N VAL A 78 -6.40 -11.44 2.13
CA VAL A 78 -6.35 -9.99 2.07
C VAL A 78 -5.60 -9.41 3.27
N HIS A 79 -4.53 -8.68 3.00
CA HIS A 79 -3.74 -8.07 4.06
C HIS A 79 -4.12 -6.61 4.26
N SER A 80 -3.81 -6.07 5.44
CA SER A 80 -4.13 -4.68 5.76
C SER A 80 -2.88 -3.81 5.73
N ILE A 81 -2.83 -2.88 4.77
CA ILE A 81 -1.69 -1.99 4.64
C ILE A 81 -1.90 -0.70 5.42
N ASP A 82 -1.16 -0.54 6.52
CA ASP A 82 -1.28 0.66 7.34
C ASP A 82 -0.32 1.74 6.86
N VAL A 83 -0.88 2.80 6.29
CA VAL A 83 -0.09 3.91 5.78
C VAL A 83 -0.36 5.19 6.56
N LYS A 84 0.63 5.63 7.34
CA LYS A 84 0.50 6.84 8.14
C LYS A 84 1.41 7.94 7.61
N PHE A 85 0.91 9.17 7.61
CA PHE A 85 1.67 10.32 7.14
C PHE A 85 1.67 11.44 8.16
N ASN A 86 2.85 11.74 8.71
CA ASN A 86 2.97 12.80 9.70
C ASN A 86 1.94 12.64 10.81
N GLY A 87 1.88 11.43 11.38
CA GLY A 87 0.93 11.16 12.44
C GLY A 87 -0.50 11.38 12.02
N ALA A 88 -0.93 10.66 10.99
CA ALA A 88 -2.28 10.76 10.47
C ALA A 88 -2.59 9.65 9.48
N HIS A 89 -3.78 9.09 9.57
CA HIS A 89 -4.20 8.01 8.68
C HIS A 89 -4.66 8.57 7.33
N ILE A 90 -4.04 8.09 6.26
CA ILE A 90 -4.38 8.53 4.92
C ILE A 90 -5.78 8.09 4.52
N PRO A 91 -6.44 8.86 3.65
CA PRO A 91 -7.79 8.56 3.18
C PRO A 91 -7.83 7.34 2.26
N GLY A 92 -8.31 6.22 2.79
CA GLY A 92 -8.38 5.00 2.01
C GLY A 92 -7.69 3.84 2.68
N SER A 93 -6.89 4.14 3.71
CA SER A 93 -6.16 3.10 4.43
C SER A 93 -6.98 2.58 5.60
N PRO A 94 -6.72 1.33 5.99
CA PRO A 94 -5.71 0.48 5.34
C PRO A 94 -6.13 0.07 3.93
N PHE A 95 -5.14 -0.09 3.06
CA PHE A 95 -5.42 -0.49 1.68
C PHE A 95 -5.58 -2.00 1.57
N LYS A 96 -6.82 -2.44 1.41
CA LYS A 96 -7.12 -3.86 1.29
C LYS A 96 -6.66 -4.40 -0.06
N ILE A 97 -5.61 -5.21 -0.04
CA ILE A 97 -5.06 -5.80 -1.27
C ILE A 97 -5.31 -7.30 -1.30
N ARG A 98 -5.87 -7.78 -2.41
CA ARG A 98 -6.16 -9.20 -2.58
C ARG A 98 -4.90 -9.96 -2.96
N VAL A 99 -4.69 -11.11 -2.33
CA VAL A 99 -3.52 -11.94 -2.62
C VAL A 99 -3.92 -13.38 -2.91
N GLY A 100 -3.81 -13.76 -4.17
CA GLY A 100 -4.17 -15.12 -4.56
C GLY A 100 -5.06 -15.16 -5.79
N GLU A 101 -4.60 -14.55 -6.88
CA GLU A 101 -5.37 -14.51 -8.12
C GLU A 101 -5.03 -15.69 -9.01
N GLN A 102 -6.06 -16.34 -9.55
CA GLN A 102 -5.86 -17.49 -10.42
C GLN A 102 -5.46 -17.05 -11.82
N SER A 103 -4.32 -17.56 -12.29
CA SER A 103 -3.82 -17.21 -13.61
C SER A 103 -4.97 -17.08 -14.62
N GLN A 104 -5.82 -18.10 -14.67
CA GLN A 104 -6.97 -18.10 -15.57
C GLN A 104 -8.24 -17.67 -14.85
N ALA A 105 -8.74 -16.50 -15.19
CA ALA A 105 -9.95 -15.98 -14.57
C ALA A 105 -11.06 -15.79 -15.60
N GLY A 106 -11.23 -16.78 -16.46
CA GLY A 106 -12.25 -16.71 -17.49
C GLY A 106 -12.37 -18.01 -18.28
N SER A 107 -12.63 -17.88 -19.57
CA SER A 107 -12.78 -19.05 -20.44
C SER A 107 -12.17 -18.78 -21.81
N GLY A 108 -11.62 -19.83 -22.43
CA GLY A 108 -11.01 -19.70 -23.73
C GLY A 108 -12.03 -19.58 -24.84
N PRO A 109 -11.59 -19.84 -26.09
CA PRO A 109 -12.47 -19.77 -27.26
C PRO A 109 -13.49 -20.89 -27.29
N SER A 110 -14.65 -20.65 -26.68
CA SER A 110 -15.71 -21.64 -26.63
C SER A 110 -16.67 -21.48 -27.81
N SER A 111 -17.55 -22.45 -28.00
CA SER A 111 -18.51 -22.42 -29.09
C SER A 111 -19.89 -22.82 -28.60
N GLY A 112 -20.90 -22.02 -28.93
CA GLY A 112 -22.25 -22.31 -28.52
C GLY A 112 -23.28 -21.51 -29.31
N GLY A 1 -11.38 37.93 14.44
CA GLY A 1 -12.14 38.74 13.52
C GLY A 1 -12.47 37.99 12.24
N SER A 2 -11.49 37.90 11.35
CA SER A 2 -11.68 37.22 10.07
C SER A 2 -12.06 35.76 10.29
N SER A 3 -12.60 35.13 9.25
CA SER A 3 -13.01 33.73 9.33
C SER A 3 -12.87 33.05 7.97
N GLY A 4 -12.73 31.73 7.98
CA GLY A 4 -12.59 30.99 6.75
C GLY A 4 -12.63 29.48 6.97
N SER A 5 -12.10 28.73 6.02
CA SER A 5 -12.07 27.28 6.12
C SER A 5 -11.15 26.83 7.24
N SER A 6 -11.18 25.52 7.53
CA SER A 6 -10.36 24.95 8.59
C SER A 6 -10.09 23.47 8.34
N GLY A 7 -8.98 22.99 8.88
CA GLY A 7 -8.63 21.59 8.70
C GLY A 7 -7.59 21.39 7.60
N SER A 8 -6.32 21.36 7.98
CA SER A 8 -5.24 21.19 7.01
C SER A 8 -4.76 19.73 7.00
N ASP A 9 -5.25 18.97 6.03
CA ASP A 9 -4.87 17.57 5.90
C ASP A 9 -4.16 17.31 4.57
N ASP A 10 -2.83 17.23 4.62
CA ASP A 10 -2.04 17.00 3.43
C ASP A 10 -2.03 15.51 3.07
N ALA A 11 -2.42 14.67 4.02
CA ALA A 11 -2.45 13.23 3.80
C ALA A 11 -3.50 12.86 2.77
N ARG A 12 -4.42 13.79 2.51
CA ARG A 12 -5.49 13.55 1.54
C ARG A 12 -4.93 13.58 0.11
N ARG A 13 -3.86 14.35 -0.10
CA ARG A 13 -3.25 14.46 -1.41
C ARG A 13 -2.48 13.19 -1.75
N LEU A 14 -2.25 12.34 -0.75
CA LEU A 14 -1.53 11.09 -0.95
C LEU A 14 -2.38 10.09 -1.73
N THR A 15 -1.72 9.31 -2.57
CA THR A 15 -2.41 8.30 -3.38
C THR A 15 -1.46 7.21 -3.84
N VAL A 16 -2.00 6.12 -4.34
CA VAL A 16 -1.21 5.00 -4.83
C VAL A 16 -1.76 4.44 -6.13
N THR A 17 -0.89 4.26 -7.12
CA THR A 17 -1.31 3.72 -8.40
C THR A 17 -0.63 2.38 -8.69
N SER A 18 0.70 2.40 -8.77
CA SER A 18 1.46 1.19 -9.04
C SER A 18 0.81 -0.02 -8.37
N LEU A 19 0.33 0.17 -7.15
CA LEU A 19 -0.32 -0.90 -6.40
C LEU A 19 -1.42 -1.56 -7.23
N GLN A 20 -1.52 -2.88 -7.13
CA GLN A 20 -2.54 -3.62 -7.87
C GLN A 20 -3.65 -4.12 -6.94
N GLU A 21 -4.74 -3.37 -6.88
CA GLU A 21 -5.87 -3.73 -6.02
C GLU A 21 -6.20 -5.20 -6.17
N THR A 22 -6.22 -5.69 -7.41
CA THR A 22 -6.52 -7.08 -7.68
C THR A 22 -5.59 -7.66 -8.74
N GLY A 23 -4.87 -8.72 -8.38
CA GLY A 23 -3.95 -9.34 -9.31
C GLY A 23 -2.72 -9.90 -8.62
N LEU A 24 -2.41 -9.37 -7.45
CA LEU A 24 -1.25 -9.81 -6.68
C LEU A 24 -1.38 -11.29 -6.31
N LYS A 25 -0.25 -11.99 -6.29
CA LYS A 25 -0.24 -13.41 -5.95
C LYS A 25 0.53 -13.66 -4.65
N VAL A 26 0.33 -14.83 -4.07
CA VAL A 26 1.01 -15.19 -2.83
C VAL A 26 2.48 -15.51 -3.08
N ASN A 27 3.32 -15.19 -2.10
CA ASN A 27 4.75 -15.45 -2.22
C ASN A 27 5.36 -14.67 -3.38
N GLN A 28 4.98 -13.41 -3.50
CA GLN A 28 5.48 -12.56 -4.58
C GLN A 28 5.88 -11.19 -4.05
N PRO A 29 7.05 -10.71 -4.49
CA PRO A 29 7.58 -9.40 -4.06
C PRO A 29 6.79 -8.24 -4.64
N ALA A 30 5.71 -7.86 -3.95
CA ALA A 30 4.87 -6.76 -4.41
C ALA A 30 5.41 -5.41 -3.93
N SER A 31 5.50 -4.47 -4.86
CA SER A 31 6.02 -3.14 -4.52
C SER A 31 5.29 -2.07 -5.33
N PHE A 32 5.08 -0.91 -4.71
CA PHE A 32 4.39 0.20 -5.38
C PHE A 32 4.97 1.54 -4.91
N ALA A 33 4.46 2.62 -5.50
CA ALA A 33 4.92 3.97 -5.15
C ALA A 33 3.77 4.83 -4.67
N VAL A 34 3.96 5.47 -3.51
CA VAL A 34 2.94 6.32 -2.93
C VAL A 34 3.24 7.80 -3.20
N GLN A 35 2.55 8.37 -4.19
CA GLN A 35 2.75 9.77 -4.54
C GLN A 35 2.15 10.69 -3.47
N LEU A 36 2.85 11.78 -3.19
CA LEU A 36 2.40 12.74 -2.19
C LEU A 36 1.47 13.78 -2.81
N ASN A 37 1.82 14.23 -4.01
CA ASN A 37 1.02 15.22 -4.73
C ASN A 37 0.98 16.54 -3.95
N GLY A 38 2.08 16.84 -3.26
CA GLY A 38 2.15 18.08 -2.49
C GLY A 38 2.51 17.83 -1.04
N ALA A 39 1.92 16.79 -0.46
CA ALA A 39 2.18 16.45 0.93
C ALA A 39 3.68 16.39 1.22
N ARG A 40 4.05 16.65 2.47
CA ARG A 40 5.45 16.63 2.86
C ARG A 40 5.62 16.01 4.25
N GLY A 41 6.20 14.82 4.30
CA GLY A 41 6.40 14.14 5.56
C GLY A 41 7.09 12.79 5.40
N VAL A 42 6.70 11.83 6.22
CA VAL A 42 7.28 10.49 6.16
C VAL A 42 6.20 9.43 6.11
N ILE A 43 6.09 8.74 4.98
CA ILE A 43 5.09 7.69 4.80
C ILE A 43 5.59 6.37 5.39
N ASP A 44 4.84 5.84 6.35
CA ASP A 44 5.20 4.58 6.99
C ASP A 44 4.23 3.48 6.60
N ALA A 45 4.75 2.43 5.96
CA ALA A 45 3.93 1.31 5.53
C ALA A 45 4.07 0.13 6.49
N ARG A 46 2.96 -0.58 6.71
CA ARG A 46 2.97 -1.74 7.60
C ARG A 46 1.86 -2.71 7.24
N VAL A 47 2.23 -3.94 6.92
CA VAL A 47 1.27 -4.97 6.54
C VAL A 47 0.87 -5.81 7.75
N HIS A 48 -0.41 -6.14 7.85
CA HIS A 48 -0.92 -6.93 8.95
C HIS A 48 -1.35 -8.32 8.47
N THR A 49 -0.59 -9.34 8.86
CA THR A 49 -0.88 -10.71 8.46
C THR A 49 -2.27 -11.13 8.93
N PRO A 50 -2.90 -12.04 8.18
CA PRO A 50 -4.24 -12.54 8.50
C PRO A 50 -4.24 -13.43 9.74
N SER A 51 -3.06 -13.68 10.28
CA SER A 51 -2.92 -14.52 11.47
C SER A 51 -2.93 -13.66 12.73
N GLY A 52 -2.09 -12.65 12.76
CA GLY A 52 -2.01 -11.78 13.92
C GLY A 52 -0.60 -11.33 14.23
N ALA A 53 0.17 -11.06 13.17
CA ALA A 53 1.55 -10.62 13.33
C ALA A 53 1.81 -9.34 12.55
N VAL A 54 2.36 -8.34 13.22
CA VAL A 54 2.66 -7.06 12.59
C VAL A 54 3.99 -7.11 11.84
N GLU A 55 3.92 -7.12 10.52
CA GLU A 55 5.11 -7.18 9.69
C GLU A 55 5.66 -5.78 9.44
N GLU A 56 6.86 -5.71 8.87
CA GLU A 56 7.50 -4.43 8.58
C GLU A 56 7.73 -4.27 7.09
N CYS A 57 7.38 -3.09 6.57
CA CYS A 57 7.54 -2.80 5.15
C CYS A 57 8.97 -2.37 4.84
N TYR A 58 9.35 -2.44 3.56
CA TYR A 58 10.69 -2.05 3.15
C TYR A 58 10.65 -0.79 2.29
N VAL A 59 10.92 0.36 2.90
CA VAL A 59 10.91 1.62 2.19
C VAL A 59 12.13 2.46 2.56
N SER A 60 12.91 2.83 1.55
CA SER A 60 14.11 3.64 1.77
C SER A 60 13.75 5.00 2.36
N GLU A 61 14.76 5.85 2.51
CA GLU A 61 14.55 7.19 3.06
C GLU A 61 14.16 8.17 1.97
N LEU A 62 13.40 9.20 2.34
CA LEU A 62 12.96 10.20 1.40
C LEU A 62 14.11 10.66 0.50
N ASP A 63 13.95 10.46 -0.80
CA ASP A 63 14.97 10.85 -1.77
C ASP A 63 14.36 11.63 -2.93
N SER A 64 13.61 10.94 -3.78
CA SER A 64 12.97 11.58 -4.92
C SER A 64 11.55 12.03 -4.58
N ASP A 65 11.38 12.52 -3.36
CA ASP A 65 10.07 12.98 -2.91
C ASP A 65 9.02 11.90 -3.09
N LYS A 66 9.38 10.66 -2.74
CA LYS A 66 8.46 9.54 -2.87
C LYS A 66 8.81 8.45 -1.86
N HIS A 67 8.09 7.34 -1.93
CA HIS A 67 8.32 6.21 -1.03
C HIS A 67 7.98 4.88 -1.71
N THR A 68 8.96 4.00 -1.79
CA THR A 68 8.78 2.69 -2.42
C THR A 68 8.66 1.59 -1.37
N ILE A 69 7.50 0.94 -1.34
CA ILE A 69 7.27 -0.14 -0.39
C ILE A 69 7.45 -1.50 -1.04
N ARG A 70 7.95 -2.46 -0.27
CA ARG A 70 8.17 -3.80 -0.78
C ARG A 70 7.91 -4.85 0.31
N PHE A 71 7.05 -5.81 0.00
CA PHE A 71 6.71 -6.87 0.94
C PHE A 71 6.13 -8.08 0.23
N ILE A 72 6.16 -9.22 0.90
CA ILE A 72 5.63 -10.46 0.32
C ILE A 72 4.63 -11.12 1.26
N PRO A 73 3.43 -11.41 0.73
CA PRO A 73 2.36 -12.05 1.50
C PRO A 73 2.67 -13.50 1.84
N HIS A 74 3.45 -13.70 2.91
CA HIS A 74 3.82 -15.03 3.35
C HIS A 74 2.65 -15.99 3.22
N GLU A 75 1.50 -15.60 3.77
CA GLU A 75 0.30 -16.42 3.72
C GLU A 75 -0.75 -15.79 2.82
N ASN A 76 -1.78 -16.57 2.48
CA ASN A 76 -2.86 -16.09 1.64
C ASN A 76 -3.85 -15.25 2.44
N GLY A 77 -4.69 -14.50 1.73
CA GLY A 77 -5.68 -13.67 2.39
C GLY A 77 -5.46 -12.19 2.12
N VAL A 78 -6.51 -11.39 2.33
CA VAL A 78 -6.42 -9.95 2.10
C VAL A 78 -5.69 -9.26 3.24
N HIS A 79 -4.47 -8.84 2.98
CA HIS A 79 -3.66 -8.16 3.99
C HIS A 79 -4.10 -6.70 4.15
N SER A 80 -3.79 -6.11 5.30
CA SER A 80 -4.15 -4.73 5.57
C SER A 80 -2.93 -3.82 5.56
N ILE A 81 -2.83 -2.99 4.54
CA ILE A 81 -1.69 -2.08 4.41
C ILE A 81 -1.95 -0.78 5.17
N ASP A 82 -1.27 -0.62 6.31
CA ASP A 82 -1.42 0.58 7.13
C ASP A 82 -0.48 1.68 6.65
N VAL A 83 -1.04 2.67 5.97
CA VAL A 83 -0.26 3.80 5.46
C VAL A 83 -0.49 5.05 6.29
N LYS A 84 0.53 5.49 6.99
CA LYS A 84 0.44 6.69 7.81
C LYS A 84 1.32 7.81 7.26
N PHE A 85 0.86 9.05 7.41
CA PHE A 85 1.60 10.20 6.92
C PHE A 85 1.91 11.16 8.06
N ASN A 86 3.18 11.17 8.49
CA ASN A 86 3.61 12.04 9.59
C ASN A 86 2.57 12.08 10.70
N GLY A 87 2.05 10.91 11.05
CA GLY A 87 1.05 10.83 12.11
C GLY A 87 -0.33 11.21 11.62
N ALA A 88 -0.68 10.75 10.41
CA ALA A 88 -1.99 11.04 9.84
C ALA A 88 -2.40 9.95 8.85
N HIS A 89 -3.45 9.22 9.21
CA HIS A 89 -3.96 8.14 8.36
C HIS A 89 -4.49 8.70 7.04
N ILE A 90 -4.15 8.03 5.95
CA ILE A 90 -4.59 8.46 4.63
C ILE A 90 -6.00 7.95 4.32
N PRO A 91 -6.74 8.70 3.49
CA PRO A 91 -8.10 8.33 3.11
C PRO A 91 -8.15 7.11 2.19
N GLY A 92 -8.55 5.98 2.76
CA GLY A 92 -8.63 4.75 1.99
C GLY A 92 -7.90 3.60 2.67
N SER A 93 -7.01 3.93 3.59
CA SER A 93 -6.24 2.90 4.30
C SER A 93 -7.01 2.40 5.52
N PRO A 94 -6.72 1.15 5.92
CA PRO A 94 -5.73 0.31 5.24
C PRO A 94 -6.20 -0.14 3.86
N PHE A 95 -5.27 -0.25 2.92
CA PHE A 95 -5.59 -0.66 1.56
C PHE A 95 -5.77 -2.18 1.49
N LYS A 96 -7.02 -2.61 1.36
CA LYS A 96 -7.32 -4.03 1.28
C LYS A 96 -6.87 -4.61 -0.06
N ILE A 97 -5.76 -5.35 -0.03
CA ILE A 97 -5.22 -5.96 -1.24
C ILE A 97 -5.48 -7.47 -1.25
N ARG A 98 -5.93 -7.97 -2.40
CA ARG A 98 -6.22 -9.39 -2.55
C ARG A 98 -5.02 -10.13 -3.13
N VAL A 99 -4.59 -11.18 -2.44
CA VAL A 99 -3.45 -11.98 -2.88
C VAL A 99 -3.88 -13.38 -3.28
N GLY A 100 -3.86 -13.65 -4.58
CA GLY A 100 -4.25 -14.96 -5.08
C GLY A 100 -3.14 -15.98 -4.95
N GLU A 101 -3.07 -16.90 -5.91
CA GLU A 101 -2.05 -17.94 -5.90
C GLU A 101 -1.01 -17.70 -6.99
N GLN A 102 0.19 -18.22 -6.80
CA GLN A 102 1.26 -18.06 -7.77
C GLN A 102 1.00 -18.90 -9.01
N SER A 103 1.55 -18.45 -10.14
CA SER A 103 1.37 -19.15 -11.40
C SER A 103 2.45 -18.75 -12.41
N GLN A 104 2.99 -19.74 -13.13
CA GLN A 104 4.02 -19.49 -14.11
C GLN A 104 3.41 -19.30 -15.51
N ALA A 105 3.75 -18.19 -16.15
CA ALA A 105 3.23 -17.90 -17.48
C ALA A 105 4.37 -17.84 -18.50
N GLY A 106 4.57 -18.96 -19.21
CA GLY A 106 5.61 -19.02 -20.21
C GLY A 106 5.92 -20.43 -20.65
N SER A 107 5.27 -20.86 -21.74
CA SER A 107 5.47 -22.20 -22.26
C SER A 107 6.86 -22.36 -22.86
N GLY A 108 7.70 -23.15 -22.19
CA GLY A 108 9.06 -23.37 -22.66
C GLY A 108 10.08 -23.29 -21.55
N PRO A 109 10.29 -24.41 -20.85
CA PRO A 109 11.25 -24.49 -19.74
C PRO A 109 12.69 -24.40 -20.22
N SER A 110 12.89 -24.56 -21.53
CA SER A 110 14.22 -24.51 -22.11
C SER A 110 14.16 -24.08 -23.57
N SER A 111 14.89 -23.03 -23.91
CA SER A 111 14.93 -22.53 -25.28
C SER A 111 16.12 -23.09 -26.04
N GLY A 112 15.84 -23.97 -27.00
CA GLY A 112 16.91 -24.57 -27.78
C GLY A 112 16.53 -25.94 -28.32
N GLY A 1 0.94 26.11 15.75
CA GLY A 1 1.50 27.18 14.95
C GLY A 1 1.63 28.46 15.74
N SER A 2 1.03 29.54 15.21
CA SER A 2 1.08 30.84 15.86
C SER A 2 -0.28 31.22 16.42
N SER A 3 -1.33 30.96 15.63
CA SER A 3 -2.68 31.29 16.05
C SER A 3 -3.57 30.04 16.02
N GLY A 4 -3.05 28.94 16.57
CA GLY A 4 -3.80 27.70 16.61
C GLY A 4 -4.40 27.36 15.25
N SER A 5 -3.63 27.53 14.20
CA SER A 5 -4.10 27.24 12.84
C SER A 5 -3.94 25.75 12.53
N SER A 6 -4.87 24.94 13.04
CA SER A 6 -4.83 23.51 12.81
C SER A 6 -6.07 23.05 12.04
N GLY A 7 -6.05 21.80 11.58
CA GLY A 7 -7.17 21.26 10.84
C GLY A 7 -6.78 20.83 9.44
N SER A 8 -6.14 21.73 8.70
CA SER A 8 -5.72 21.43 7.34
C SER A 8 -5.12 20.03 7.25
N ASP A 9 -5.59 19.26 6.27
CA ASP A 9 -5.10 17.90 6.06
C ASP A 9 -4.41 17.76 4.72
N ASP A 10 -3.15 17.35 4.74
CA ASP A 10 -2.37 17.18 3.52
C ASP A 10 -2.31 15.70 3.12
N ALA A 11 -2.42 14.82 4.11
CA ALA A 11 -2.38 13.39 3.86
C ALA A 11 -3.43 12.98 2.83
N ARG A 12 -4.47 13.79 2.69
CA ARG A 12 -5.54 13.52 1.74
C ARG A 12 -5.02 13.54 0.30
N ARG A 13 -3.85 14.14 0.12
CA ARG A 13 -3.25 14.23 -1.20
C ARG A 13 -2.51 12.94 -1.55
N LEU A 14 -2.02 12.25 -0.54
CA LEU A 14 -1.29 11.00 -0.73
C LEU A 14 -2.17 9.98 -1.44
N THR A 15 -1.57 9.22 -2.36
CA THR A 15 -2.29 8.20 -3.11
C THR A 15 -1.34 7.14 -3.65
N VAL A 16 -1.91 6.00 -4.06
CA VAL A 16 -1.11 4.91 -4.59
C VAL A 16 -1.71 4.39 -5.90
N THR A 17 -0.84 4.15 -6.88
CA THR A 17 -1.27 3.64 -8.18
C THR A 17 -0.56 2.35 -8.54
N SER A 18 0.76 2.40 -8.58
CA SER A 18 1.57 1.23 -8.92
C SER A 18 1.01 -0.02 -8.25
N LEU A 19 0.65 0.10 -6.98
CA LEU A 19 0.11 -1.02 -6.22
C LEU A 19 -1.06 -1.65 -6.96
N GLN A 20 -1.01 -2.96 -7.14
CA GLN A 20 -2.07 -3.70 -7.83
C GLN A 20 -3.16 -4.13 -6.86
N GLU A 21 -4.23 -3.34 -6.79
CA GLU A 21 -5.35 -3.64 -5.90
C GLU A 21 -5.60 -5.14 -5.83
N THR A 22 -5.79 -5.76 -6.99
CA THR A 22 -6.04 -7.19 -7.06
C THR A 22 -5.23 -7.84 -8.18
N GLY A 23 -4.74 -9.05 -7.92
CA GLY A 23 -3.94 -9.75 -8.91
C GLY A 23 -2.70 -10.38 -8.31
N LEU A 24 -2.13 -9.73 -7.31
CA LEU A 24 -0.92 -10.23 -6.66
C LEU A 24 -1.12 -11.67 -6.18
N LYS A 25 -0.04 -12.43 -6.16
CA LYS A 25 -0.09 -13.82 -5.73
C LYS A 25 0.70 -14.03 -4.43
N VAL A 26 0.55 -15.20 -3.84
CA VAL A 26 1.25 -15.51 -2.59
C VAL A 26 2.74 -15.68 -2.84
N ASN A 27 3.55 -15.16 -1.91
CA ASN A 27 5.00 -15.26 -2.03
C ASN A 27 5.50 -14.50 -3.25
N GLN A 28 4.95 -13.31 -3.48
CA GLN A 28 5.34 -12.49 -4.62
C GLN A 28 5.79 -11.10 -4.16
N PRO A 29 6.94 -10.66 -4.70
CA PRO A 29 7.51 -9.34 -4.37
C PRO A 29 6.68 -8.19 -4.92
N ALA A 30 5.77 -7.67 -4.10
CA ALA A 30 4.91 -6.56 -4.51
C ALA A 30 5.49 -5.22 -4.05
N SER A 31 5.83 -4.37 -5.00
CA SER A 31 6.39 -3.06 -4.71
C SER A 31 5.69 -1.98 -5.50
N PHE A 32 5.51 -0.81 -4.88
CA PHE A 32 4.85 0.32 -5.52
C PHE A 32 5.39 1.64 -5.00
N ALA A 33 4.86 2.74 -5.53
CA ALA A 33 5.29 4.07 -5.10
C ALA A 33 4.12 4.87 -4.55
N VAL A 34 4.36 5.58 -3.45
CA VAL A 34 3.32 6.39 -2.83
C VAL A 34 3.50 7.87 -3.16
N GLN A 35 2.61 8.39 -3.99
CA GLN A 35 2.67 9.80 -4.39
C GLN A 35 2.19 10.71 -3.27
N LEU A 36 2.74 11.91 -3.21
CA LEU A 36 2.36 12.88 -2.18
C LEU A 36 1.40 13.91 -2.73
N ASN A 37 1.57 14.27 -4.00
CA ASN A 37 0.71 15.25 -4.64
C ASN A 37 0.72 16.56 -3.87
N GLY A 38 1.89 16.97 -3.40
CA GLY A 38 2.00 18.21 -2.65
C GLY A 38 2.48 17.99 -1.24
N ALA A 39 1.97 16.94 -0.60
CA ALA A 39 2.36 16.62 0.77
C ALA A 39 3.87 16.39 0.88
N ARG A 40 4.38 16.46 2.10
CA ARG A 40 5.80 16.27 2.34
C ARG A 40 6.08 15.93 3.81
N GLY A 41 6.45 14.69 4.06
CA GLY A 41 6.72 14.25 5.42
C GLY A 41 7.34 12.87 5.47
N VAL A 42 6.78 12.00 6.31
CA VAL A 42 7.28 10.64 6.45
C VAL A 42 6.18 9.61 6.22
N ILE A 43 6.45 8.65 5.34
CA ILE A 43 5.47 7.61 5.03
C ILE A 43 5.84 6.30 5.72
N ASP A 44 4.91 5.78 6.52
CA ASP A 44 5.13 4.52 7.23
C ASP A 44 4.29 3.40 6.63
N ALA A 45 4.96 2.39 6.08
CA ALA A 45 4.27 1.26 5.49
C ALA A 45 4.37 0.01 6.37
N ARG A 46 3.25 -0.65 6.56
CA ARG A 46 3.21 -1.86 7.39
C ARG A 46 2.06 -2.77 6.98
N VAL A 47 2.37 -4.06 6.82
CA VAL A 47 1.36 -5.03 6.42
C VAL A 47 0.92 -5.89 7.61
N HIS A 48 -0.38 -6.14 7.69
CA HIS A 48 -0.93 -6.94 8.78
C HIS A 48 -1.41 -8.30 8.27
N THR A 49 -0.71 -9.36 8.69
CA THR A 49 -1.07 -10.71 8.27
C THR A 49 -2.41 -11.14 8.84
N PRO A 50 -3.17 -11.92 8.07
CA PRO A 50 -4.48 -12.42 8.49
C PRO A 50 -4.39 -13.43 9.61
N SER A 51 -3.18 -13.88 9.90
CA SER A 51 -2.96 -14.87 10.96
C SER A 51 -3.04 -14.22 12.34
N GLY A 52 -2.55 -12.99 12.43
CA GLY A 52 -2.58 -12.27 13.69
C GLY A 52 -1.21 -11.72 14.09
N ALA A 53 -0.36 -11.52 13.09
CA ALA A 53 0.98 -10.99 13.33
C ALA A 53 1.21 -9.69 12.55
N VAL A 54 1.58 -8.63 13.27
CA VAL A 54 1.83 -7.34 12.65
C VAL A 54 3.21 -7.29 12.01
N GLU A 55 3.25 -7.38 10.68
CA GLU A 55 4.50 -7.36 9.95
C GLU A 55 4.87 -5.93 9.56
N GLU A 56 6.09 -5.76 9.05
CA GLU A 56 6.57 -4.44 8.63
C GLU A 56 6.93 -4.44 7.14
N CYS A 57 6.84 -3.26 6.53
CA CYS A 57 7.17 -3.13 5.12
C CYS A 57 8.65 -2.82 4.92
N TYR A 58 9.06 -2.68 3.67
CA TYR A 58 10.45 -2.39 3.35
C TYR A 58 10.58 -1.09 2.57
N VAL A 59 11.01 -0.04 3.26
CA VAL A 59 11.17 1.27 2.64
C VAL A 59 12.53 1.88 2.98
N SER A 60 13.25 2.34 1.95
CA SER A 60 14.56 2.93 2.14
C SER A 60 14.44 4.41 2.51
N GLU A 61 14.08 5.23 1.53
CA GLU A 61 13.94 6.66 1.74
C GLU A 61 13.33 7.34 0.51
N LEU A 62 12.76 8.52 0.70
CA LEU A 62 12.16 9.27 -0.39
C LEU A 62 13.23 9.94 -1.25
N ASP A 63 12.97 10.02 -2.55
CA ASP A 63 13.91 10.65 -3.48
C ASP A 63 13.19 11.64 -4.38
N SER A 64 12.08 11.22 -4.96
CA SER A 64 11.31 12.08 -5.86
C SER A 64 9.87 12.21 -5.37
N ASP A 65 9.69 12.87 -4.23
CA ASP A 65 8.37 13.06 -3.66
C ASP A 65 7.55 11.77 -3.71
N LYS A 66 8.23 10.64 -3.50
CA LYS A 66 7.58 9.34 -3.52
C LYS A 66 8.34 8.34 -2.67
N HIS A 67 7.61 7.43 -2.03
CA HIS A 67 8.22 6.41 -1.18
C HIS A 67 8.02 5.03 -1.77
N THR A 68 9.11 4.26 -1.85
CA THR A 68 9.07 2.92 -2.40
C THR A 68 8.84 1.88 -1.30
N ILE A 69 7.90 0.97 -1.54
CA ILE A 69 7.58 -0.08 -0.57
C ILE A 69 7.79 -1.46 -1.18
N ARG A 70 8.21 -2.41 -0.35
CA ARG A 70 8.44 -3.77 -0.80
C ARG A 70 8.11 -4.78 0.30
N PHE A 71 7.19 -5.69 0.00
CA PHE A 71 6.77 -6.69 0.96
C PHE A 71 6.13 -7.89 0.26
N ILE A 72 6.32 -9.08 0.82
CA ILE A 72 5.76 -10.30 0.25
C ILE A 72 4.77 -10.94 1.20
N PRO A 73 3.55 -11.19 0.71
CA PRO A 73 2.48 -11.82 1.49
C PRO A 73 2.76 -13.28 1.79
N HIS A 74 3.45 -13.54 2.91
CA HIS A 74 3.78 -14.89 3.31
C HIS A 74 2.57 -15.82 3.16
N GLU A 75 1.48 -15.47 3.81
CA GLU A 75 0.26 -16.27 3.75
C GLU A 75 -0.80 -15.58 2.89
N ASN A 76 -1.66 -16.38 2.28
CA ASN A 76 -2.72 -15.85 1.42
C ASN A 76 -3.72 -15.04 2.24
N GLY A 77 -4.66 -14.40 1.54
CA GLY A 77 -5.66 -13.59 2.22
C GLY A 77 -5.44 -12.11 2.00
N VAL A 78 -6.45 -11.32 2.34
CA VAL A 78 -6.37 -9.86 2.19
C VAL A 78 -5.55 -9.24 3.30
N HIS A 79 -4.47 -8.55 2.91
CA HIS A 79 -3.59 -7.90 3.88
C HIS A 79 -3.97 -6.43 4.05
N SER A 80 -3.67 -5.89 5.23
CA SER A 80 -3.99 -4.49 5.52
C SER A 80 -2.72 -3.64 5.48
N ILE A 81 -2.67 -2.70 4.54
CA ILE A 81 -1.52 -1.81 4.40
C ILE A 81 -1.74 -0.50 5.17
N ASP A 82 -1.04 -0.35 6.28
CA ASP A 82 -1.15 0.86 7.09
C ASP A 82 -0.21 1.95 6.58
N VAL A 83 -0.80 2.99 6.01
CA VAL A 83 -0.01 4.10 5.47
C VAL A 83 -0.28 5.38 6.25
N LYS A 84 0.66 5.76 7.11
CA LYS A 84 0.53 6.97 7.92
C LYS A 84 1.40 8.08 7.37
N PHE A 85 1.00 9.33 7.64
CA PHE A 85 1.75 10.49 7.17
C PHE A 85 1.78 11.59 8.23
N ASN A 86 2.96 11.81 8.80
CA ASN A 86 3.13 12.83 9.83
C ASN A 86 2.08 12.68 10.93
N GLY A 87 1.91 11.45 11.40
CA GLY A 87 0.94 11.18 12.44
C GLY A 87 -0.49 11.40 11.98
N ALA A 88 -0.87 10.71 10.91
CA ALA A 88 -2.22 10.83 10.37
C ALA A 88 -2.53 9.68 9.42
N HIS A 89 -3.79 9.23 9.42
CA HIS A 89 -4.22 8.14 8.56
C HIS A 89 -4.75 8.67 7.23
N ILE A 90 -4.21 8.16 6.13
CA ILE A 90 -4.64 8.58 4.81
C ILE A 90 -6.02 8.04 4.48
N PRO A 91 -6.75 8.78 3.63
CA PRO A 91 -8.10 8.39 3.20
C PRO A 91 -8.10 7.18 2.29
N GLY A 92 -8.51 6.03 2.84
CA GLY A 92 -8.54 4.80 2.05
C GLY A 92 -7.82 3.66 2.73
N SER A 93 -6.90 4.00 3.64
CA SER A 93 -6.13 3.00 4.36
C SER A 93 -6.89 2.49 5.58
N PRO A 94 -6.61 1.24 5.99
CA PRO A 94 -5.61 0.40 5.31
C PRO A 94 -6.07 -0.05 3.94
N PHE A 95 -5.14 -0.14 3.00
CA PHE A 95 -5.45 -0.57 1.64
C PHE A 95 -5.59 -2.08 1.56
N LYS A 96 -6.83 -2.55 1.47
CA LYS A 96 -7.10 -3.99 1.38
C LYS A 96 -6.68 -4.54 0.03
N ILE A 97 -5.56 -5.26 0.00
CA ILE A 97 -5.05 -5.84 -1.24
C ILE A 97 -5.28 -7.35 -1.26
N ARG A 98 -5.77 -7.85 -2.38
CA ARG A 98 -6.03 -9.28 -2.54
C ARG A 98 -4.76 -10.02 -2.97
N VAL A 99 -4.51 -11.17 -2.36
CA VAL A 99 -3.34 -11.97 -2.70
C VAL A 99 -3.73 -13.41 -3.02
N GLY A 100 -3.82 -13.72 -4.31
CA GLY A 100 -4.18 -15.06 -4.72
C GLY A 100 -4.92 -15.08 -6.05
N GLU A 101 -4.47 -15.92 -6.97
CA GLU A 101 -5.10 -16.02 -8.28
C GLU A 101 -6.39 -16.84 -8.20
N GLN A 102 -7.43 -16.33 -8.84
CA GLN A 102 -8.72 -17.01 -8.85
C GLN A 102 -8.60 -18.42 -9.42
N SER A 103 -9.53 -19.29 -9.04
CA SER A 103 -9.52 -20.67 -9.51
C SER A 103 -9.04 -20.75 -10.95
N GLN A 104 -8.24 -21.76 -11.26
CA GLN A 104 -7.71 -21.95 -12.61
C GLN A 104 -7.92 -23.38 -13.07
N ALA A 105 -8.41 -23.54 -14.31
CA ALA A 105 -8.66 -24.87 -14.87
C ALA A 105 -8.06 -24.98 -16.27
N GLY A 106 -8.16 -26.17 -16.85
CA GLY A 106 -7.62 -26.38 -18.19
C GLY A 106 -6.16 -26.78 -18.17
N SER A 107 -5.85 -27.94 -18.75
CA SER A 107 -4.48 -28.43 -18.79
C SER A 107 -3.92 -28.34 -20.20
N GLY A 108 -4.63 -28.92 -21.15
CA GLY A 108 -4.20 -28.90 -22.54
C GLY A 108 -5.13 -29.66 -23.46
N PRO A 109 -6.21 -28.98 -23.90
CA PRO A 109 -7.19 -29.59 -24.79
C PRO A 109 -6.65 -29.82 -26.19
N SER A 110 -5.63 -29.05 -26.56
CA SER A 110 -5.01 -29.17 -27.88
C SER A 110 -4.26 -30.49 -28.01
N SER A 111 -3.83 -30.79 -29.23
CA SER A 111 -3.10 -32.03 -29.50
C SER A 111 -1.92 -32.17 -28.55
N GLY A 112 -1.03 -31.18 -28.55
CA GLY A 112 0.14 -31.22 -27.70
C GLY A 112 -0.17 -30.73 -26.29
N GLY A 1 -18.06 24.54 10.14
CA GLY A 1 -18.32 23.67 9.00
C GLY A 1 -17.22 22.65 8.79
N SER A 2 -16.63 22.66 7.59
CA SER A 2 -15.57 21.73 7.26
C SER A 2 -14.23 22.46 7.16
N SER A 3 -14.19 23.51 6.35
CA SER A 3 -12.97 24.28 6.15
C SER A 3 -13.01 25.56 6.98
N GLY A 4 -12.16 25.61 8.02
CA GLY A 4 -12.12 26.78 8.88
C GLY A 4 -10.76 26.97 9.52
N SER A 5 -9.71 26.92 8.70
CA SER A 5 -8.35 27.09 9.21
C SER A 5 -8.11 26.19 10.42
N SER A 6 -8.58 24.96 10.36
CA SER A 6 -8.42 24.01 11.45
C SER A 6 -7.48 22.88 11.05
N GLY A 7 -6.20 23.06 11.35
CA GLY A 7 -5.22 22.04 11.02
C GLY A 7 -5.11 21.79 9.52
N SER A 8 -3.90 21.49 9.05
CA SER A 8 -3.67 21.24 7.64
C SER A 8 -3.94 19.78 7.29
N ASP A 9 -4.38 19.55 6.06
CA ASP A 9 -4.67 18.20 5.60
C ASP A 9 -4.04 17.93 4.23
N ASP A 10 -2.77 17.50 4.25
CA ASP A 10 -2.06 17.21 3.02
C ASP A 10 -2.00 15.71 2.76
N ALA A 11 -2.16 14.92 3.82
CA ALA A 11 -2.13 13.47 3.71
C ALA A 11 -3.20 12.98 2.75
N ARG A 12 -4.28 13.76 2.62
CA ARG A 12 -5.38 13.39 1.73
C ARG A 12 -4.91 13.30 0.28
N ARG A 13 -3.80 13.96 -0.02
CA ARG A 13 -3.25 13.95 -1.37
C ARG A 13 -2.49 12.65 -1.63
N LEU A 14 -2.10 11.97 -0.56
CA LEU A 14 -1.37 10.71 -0.69
C LEU A 14 -2.23 9.65 -1.35
N THR A 15 -1.69 9.04 -2.42
CA THR A 15 -2.41 8.01 -3.14
C THR A 15 -1.45 6.94 -3.65
N VAL A 16 -2.01 5.79 -4.05
CA VAL A 16 -1.20 4.69 -4.56
C VAL A 16 -1.74 4.18 -5.90
N THR A 17 -0.87 4.17 -6.90
CA THR A 17 -1.25 3.71 -8.23
C THR A 17 -0.63 2.37 -8.55
N SER A 18 0.70 2.35 -8.70
CA SER A 18 1.42 1.12 -9.01
C SER A 18 0.76 -0.08 -8.33
N LEU A 19 0.41 0.08 -7.06
CA LEU A 19 -0.23 -0.99 -6.30
C LEU A 19 -1.17 -1.79 -7.17
N GLN A 20 -1.40 -3.05 -6.81
CA GLN A 20 -2.28 -3.93 -7.56
C GLN A 20 -3.33 -4.55 -6.65
N GLU A 21 -4.48 -3.88 -6.52
CA GLU A 21 -5.56 -4.37 -5.68
C GLU A 21 -5.83 -5.85 -5.96
N THR A 22 -5.88 -6.21 -7.24
CA THR A 22 -6.15 -7.58 -7.63
C THR A 22 -5.19 -8.02 -8.73
N GLY A 23 -4.37 -9.02 -8.42
CA GLY A 23 -3.41 -9.52 -9.39
C GLY A 23 -2.17 -10.08 -8.74
N LEU A 24 -1.89 -9.66 -7.51
CA LEU A 24 -0.72 -10.12 -6.78
C LEU A 24 -0.90 -11.57 -6.33
N LYS A 25 0.16 -12.36 -6.46
CA LYS A 25 0.12 -13.76 -6.06
C LYS A 25 0.89 -13.98 -4.76
N VAL A 26 0.82 -15.20 -4.23
CA VAL A 26 1.51 -15.54 -2.99
C VAL A 26 3.02 -15.63 -3.21
N ASN A 27 3.77 -15.21 -2.20
CA ASN A 27 5.23 -15.24 -2.27
C ASN A 27 5.74 -14.43 -3.46
N GLN A 28 5.23 -13.20 -3.58
CA GLN A 28 5.64 -12.32 -4.68
C GLN A 28 6.02 -10.94 -4.15
N PRO A 29 7.20 -10.47 -4.56
CA PRO A 29 7.73 -9.16 -4.15
C PRO A 29 6.93 -8.00 -4.75
N ALA A 30 5.79 -7.69 -4.14
CA ALA A 30 4.95 -6.60 -4.62
C ALA A 30 5.41 -5.26 -4.06
N SER A 31 5.54 -4.27 -4.94
CA SER A 31 5.97 -2.94 -4.54
C SER A 31 5.30 -1.87 -5.38
N PHE A 32 5.09 -0.69 -4.79
CA PHE A 32 4.46 0.41 -5.49
C PHE A 32 5.00 1.75 -4.99
N ALA A 33 4.60 2.83 -5.67
CA ALA A 33 5.05 4.16 -5.30
C ALA A 33 3.86 5.03 -4.83
N VAL A 34 4.07 5.77 -3.76
CA VAL A 34 3.03 6.63 -3.22
C VAL A 34 3.28 8.09 -3.59
N GLN A 35 2.50 8.61 -4.53
CA GLN A 35 2.64 9.98 -4.98
C GLN A 35 2.06 10.95 -3.96
N LEU A 36 2.93 11.69 -3.27
CA LEU A 36 2.50 12.64 -2.27
C LEU A 36 1.48 13.63 -2.85
N ASN A 37 1.57 13.87 -4.15
CA ASN A 37 0.66 14.78 -4.83
C ASN A 37 0.78 16.19 -4.25
N GLY A 38 1.93 16.50 -3.68
CA GLY A 38 2.15 17.81 -3.10
C GLY A 38 2.66 17.73 -1.67
N ALA A 39 2.24 16.71 -0.95
CA ALA A 39 2.67 16.51 0.44
C ALA A 39 4.18 16.37 0.53
N ARG A 40 4.71 16.47 1.75
CA ARG A 40 6.14 16.36 1.98
C ARG A 40 6.43 15.97 3.43
N GLY A 41 6.83 14.72 3.63
CA GLY A 41 7.13 14.24 4.97
C GLY A 41 7.66 12.82 4.98
N VAL A 42 7.30 12.06 6.00
CA VAL A 42 7.74 10.68 6.13
C VAL A 42 6.57 9.72 5.99
N ILE A 43 6.70 8.75 5.07
CA ILE A 43 5.66 7.77 4.85
C ILE A 43 5.96 6.47 5.59
N ASP A 44 4.93 5.89 6.20
CA ASP A 44 5.08 4.65 6.94
C ASP A 44 4.25 3.53 6.30
N ALA A 45 4.79 2.31 6.31
CA ALA A 45 4.11 1.16 5.73
C ALA A 45 4.15 -0.03 6.68
N ARG A 46 3.00 -0.69 6.84
CA ARG A 46 2.91 -1.85 7.71
C ARG A 46 1.78 -2.78 7.27
N VAL A 47 2.12 -4.02 6.96
CA VAL A 47 1.14 -5.01 6.53
C VAL A 47 0.67 -5.86 7.69
N HIS A 48 -0.61 -6.23 7.68
CA HIS A 48 -1.18 -7.05 8.73
C HIS A 48 -1.60 -8.41 8.19
N THR A 49 -0.95 -9.48 8.68
CA THR A 49 -1.25 -10.83 8.24
C THR A 49 -2.59 -11.29 8.80
N PRO A 50 -3.26 -12.18 8.04
CA PRO A 50 -4.56 -12.73 8.44
C PRO A 50 -4.46 -13.67 9.63
N SER A 51 -3.23 -13.90 10.10
CA SER A 51 -2.99 -14.78 11.23
C SER A 51 -3.04 -14.01 12.54
N GLY A 52 -2.58 -12.75 12.51
CA GLY A 52 -2.58 -11.93 13.70
C GLY A 52 -1.19 -11.47 14.09
N ALA A 53 -0.28 -11.47 13.12
CA ALA A 53 1.09 -11.05 13.38
C ALA A 53 1.45 -9.80 12.57
N VAL A 54 1.85 -8.75 13.28
CA VAL A 54 2.22 -7.50 12.63
C VAL A 54 3.57 -7.62 11.93
N GLU A 55 3.54 -7.57 10.59
CA GLU A 55 4.76 -7.67 9.80
C GLU A 55 5.32 -6.28 9.48
N GLU A 56 6.52 -6.26 8.91
CA GLU A 56 7.17 -5.00 8.56
C GLU A 56 7.35 -4.89 7.06
N CYS A 57 7.40 -3.65 6.56
CA CYS A 57 7.57 -3.42 5.13
C CYS A 57 8.96 -2.86 4.84
N TYR A 58 9.27 -2.71 3.55
CA TYR A 58 10.57 -2.20 3.14
C TYR A 58 10.43 -0.86 2.43
N VAL A 59 10.63 0.22 3.18
CA VAL A 59 10.53 1.56 2.62
C VAL A 59 11.78 2.38 2.91
N SER A 60 12.61 2.55 1.88
CA SER A 60 13.85 3.31 2.03
C SER A 60 13.57 4.71 2.56
N GLU A 61 14.63 5.50 2.70
CA GLU A 61 14.51 6.86 3.20
C GLU A 61 13.67 7.72 2.24
N LEU A 62 13.34 8.93 2.67
CA LEU A 62 12.55 9.84 1.86
C LEU A 62 13.14 9.99 0.47
N ASP A 63 12.38 9.61 -0.55
CA ASP A 63 12.83 9.71 -1.93
C ASP A 63 12.30 10.97 -2.59
N SER A 64 12.59 11.13 -3.88
CA SER A 64 12.14 12.30 -4.63
C SER A 64 10.64 12.50 -4.47
N ASP A 65 10.26 13.33 -3.50
CA ASP A 65 8.86 13.61 -3.25
C ASP A 65 8.00 12.36 -3.45
N LYS A 66 8.56 11.22 -3.11
CA LYS A 66 7.86 9.95 -3.26
C LYS A 66 8.46 8.88 -2.33
N HIS A 67 7.82 7.72 -2.28
CA HIS A 67 8.28 6.62 -1.45
C HIS A 67 8.02 5.28 -2.11
N THR A 68 8.88 4.30 -1.82
CA THR A 68 8.74 2.96 -2.40
C THR A 68 8.53 1.92 -1.32
N ILE A 69 7.56 1.04 -1.53
CA ILE A 69 7.26 -0.02 -0.58
C ILE A 69 7.43 -1.40 -1.20
N ARG A 70 7.82 -2.37 -0.38
CA ARG A 70 8.02 -3.73 -0.85
C ARG A 70 7.74 -4.74 0.26
N PHE A 71 6.85 -5.68 -0.01
CA PHE A 71 6.48 -6.70 0.96
C PHE A 71 5.90 -7.93 0.27
N ILE A 72 6.23 -9.11 0.79
CA ILE A 72 5.72 -10.35 0.23
C ILE A 72 4.71 -11.01 1.16
N PRO A 73 3.51 -11.29 0.62
CA PRO A 73 2.43 -11.92 1.39
C PRO A 73 2.72 -13.38 1.72
N HIS A 74 3.51 -13.59 2.77
CA HIS A 74 3.87 -14.94 3.20
C HIS A 74 2.68 -15.89 3.05
N GLU A 75 1.54 -15.48 3.59
CA GLU A 75 0.33 -16.29 3.52
C GLU A 75 -0.76 -15.59 2.71
N ASN A 76 -1.61 -16.38 2.05
CA ASN A 76 -2.69 -15.83 1.24
C ASN A 76 -3.69 -15.09 2.11
N GLY A 77 -4.65 -14.42 1.47
CA GLY A 77 -5.66 -13.67 2.19
C GLY A 77 -5.56 -12.18 1.97
N VAL A 78 -6.49 -11.43 2.54
CA VAL A 78 -6.50 -9.98 2.39
C VAL A 78 -5.70 -9.30 3.50
N HIS A 79 -4.61 -8.65 3.12
CA HIS A 79 -3.76 -7.96 4.08
C HIS A 79 -4.15 -6.49 4.19
N SER A 80 -3.92 -5.92 5.38
CA SER A 80 -4.25 -4.52 5.61
C SER A 80 -2.99 -3.65 5.61
N ILE A 81 -2.88 -2.81 4.59
CA ILE A 81 -1.72 -1.93 4.47
C ILE A 81 -1.93 -0.63 5.24
N ASP A 82 -1.14 -0.44 6.28
CA ASP A 82 -1.24 0.76 7.11
C ASP A 82 -0.32 1.86 6.58
N VAL A 83 -0.92 2.96 6.13
CA VAL A 83 -0.15 4.09 5.60
C VAL A 83 -0.39 5.34 6.43
N LYS A 84 0.66 5.83 7.08
CA LYS A 84 0.57 7.03 7.90
C LYS A 84 1.44 8.14 7.33
N PHE A 85 1.07 9.39 7.62
CA PHE A 85 1.83 10.54 7.14
C PHE A 85 1.95 11.60 8.22
N ASN A 86 3.18 11.89 8.62
CA ASN A 86 3.44 12.90 9.65
C ASN A 86 2.48 12.72 10.82
N GLY A 87 2.13 11.47 11.12
CA GLY A 87 1.21 11.20 12.21
C GLY A 87 -0.24 11.39 11.82
N ALA A 88 -0.63 10.80 10.70
CA ALA A 88 -2.01 10.92 10.21
C ALA A 88 -2.36 9.75 9.29
N HIS A 89 -3.61 9.33 9.32
CA HIS A 89 -4.07 8.22 8.50
C HIS A 89 -4.63 8.74 7.17
N ILE A 90 -4.10 8.24 6.07
CA ILE A 90 -4.54 8.65 4.74
C ILE A 90 -5.94 8.12 4.44
N PRO A 91 -6.68 8.85 3.60
CA PRO A 91 -8.05 8.48 3.21
C PRO A 91 -8.08 7.25 2.32
N GLY A 92 -8.46 6.11 2.89
CA GLY A 92 -8.52 4.88 2.14
C GLY A 92 -7.83 3.73 2.83
N SER A 93 -6.93 4.06 3.76
CA SER A 93 -6.19 3.04 4.50
C SER A 93 -6.98 2.58 5.73
N PRO A 94 -6.73 1.34 6.17
CA PRO A 94 -5.76 0.46 5.52
C PRO A 94 -6.23 -0.01 4.15
N PHE A 95 -5.30 -0.11 3.21
CA PHE A 95 -5.64 -0.55 1.86
C PHE A 95 -5.78 -2.06 1.80
N LYS A 96 -7.03 -2.53 1.74
CA LYS A 96 -7.30 -3.96 1.68
C LYS A 96 -6.90 -4.55 0.33
N ILE A 97 -5.77 -5.24 0.30
CA ILE A 97 -5.27 -5.84 -0.93
C ILE A 97 -5.58 -7.34 -0.98
N ARG A 98 -5.64 -7.89 -2.17
CA ARG A 98 -5.92 -9.31 -2.35
C ARG A 98 -4.69 -10.05 -2.86
N VAL A 99 -4.43 -11.23 -2.30
CA VAL A 99 -3.29 -12.04 -2.71
C VAL A 99 -3.71 -13.44 -3.10
N GLY A 100 -3.51 -13.79 -4.37
CA GLY A 100 -3.89 -15.10 -4.86
C GLY A 100 -5.21 -15.09 -5.58
N GLU A 101 -5.16 -15.00 -6.91
CA GLU A 101 -6.37 -14.98 -7.72
C GLU A 101 -6.42 -16.20 -8.64
N GLN A 102 -7.33 -17.12 -8.35
CA GLN A 102 -7.48 -18.33 -9.14
C GLN A 102 -7.70 -17.98 -10.61
N SER A 103 -7.28 -18.88 -11.50
CA SER A 103 -7.42 -18.68 -12.93
C SER A 103 -8.29 -19.75 -13.56
N GLN A 104 -9.45 -19.34 -14.08
CA GLN A 104 -10.38 -20.27 -14.70
C GLN A 104 -9.75 -20.94 -15.92
N ALA A 105 -9.14 -22.10 -15.71
CA ALA A 105 -8.51 -22.83 -16.79
C ALA A 105 -9.46 -23.02 -17.97
N GLY A 106 -9.29 -22.20 -19.00
CA GLY A 106 -10.14 -22.28 -20.17
C GLY A 106 -9.96 -21.12 -21.12
N SER A 107 -9.66 -21.43 -22.38
CA SER A 107 -9.45 -20.39 -23.38
C SER A 107 -9.78 -20.92 -24.77
N GLY A 108 -10.22 -20.02 -25.65
CA GLY A 108 -10.56 -20.40 -27.01
C GLY A 108 -10.61 -19.23 -27.95
N PRO A 109 -10.24 -19.47 -29.23
CA PRO A 109 -10.23 -18.43 -30.26
C PRO A 109 -11.64 -17.98 -30.64
N SER A 110 -12.10 -16.92 -29.99
CA SER A 110 -13.43 -16.38 -30.27
C SER A 110 -13.55 -15.90 -31.71
N SER A 111 -14.18 -16.71 -32.54
CA SER A 111 -14.36 -16.37 -33.96
C SER A 111 -15.80 -16.59 -34.39
N GLY A 112 -16.18 -15.95 -35.50
CA GLY A 112 -17.53 -16.09 -36.00
C GLY A 112 -17.80 -17.47 -36.55
#